data_2YTU
#
_entry.id   2YTU
#
_cell.length_a   1.000
_cell.length_b   1.000
_cell.length_c   1.000
_cell.angle_alpha   90.00
_cell.angle_beta   90.00
_cell.angle_gamma   90.00
#
_symmetry.space_group_name_H-M   'P 1'
#
_entity_poly.entity_id   1
_entity_poly.type   'polypeptide(L)'
_entity_poly.pdbx_seq_one_letter_code
;GSSGSSGMNYNSYMDEKNGPPPPNMTTNERRVIVPADPTLWTQEHVRQWLEWAIKEYSLMEIDTSFFQNMDGKELCKMNK
EDFLRATTLYNTEVLLSHLSYLRESSLLAYNTTSHTDQSSRLSVKEDP
;
_entity_poly.pdbx_strand_id   A
#
# COMPACT_ATOMS: atom_id res chain seq x y z
N GLY A 1 -75.02 -18.38 0.14
CA GLY A 1 -73.96 -19.29 0.55
C GLY A 1 -73.22 -18.78 1.78
N SER A 2 -71.95 -19.14 1.88
CA SER A 2 -71.13 -18.72 3.02
C SER A 2 -69.64 -18.79 2.66
N SER A 3 -69.09 -17.65 2.26
CA SER A 3 -67.68 -17.59 1.89
C SER A 3 -67.12 -16.18 2.15
N GLY A 4 -65.81 -16.11 2.37
CA GLY A 4 -65.17 -14.83 2.63
C GLY A 4 -63.75 -14.78 2.11
N SER A 5 -62.92 -13.98 2.78
CA SER A 5 -61.52 -13.84 2.38
C SER A 5 -60.64 -13.54 3.60
N SER A 6 -60.08 -14.60 4.18
CA SER A 6 -59.22 -14.46 5.35
C SER A 6 -57.75 -14.56 4.96
N GLY A 7 -57.06 -13.42 4.95
CA GLY A 7 -55.65 -13.41 4.60
C GLY A 7 -55.08 -12.00 4.54
N MET A 8 -54.16 -11.71 5.46
CA MET A 8 -53.54 -10.39 5.51
C MET A 8 -52.22 -10.38 4.74
N ASN A 9 -51.76 -9.19 4.40
CA ASN A 9 -50.51 -9.03 3.65
C ASN A 9 -49.31 -9.11 4.59
N TYR A 10 -49.30 -8.26 5.60
CA TYR A 10 -48.21 -8.23 6.57
C TYR A 10 -46.88 -7.89 5.88
N ASN A 11 -46.58 -6.61 5.80
CA ASN A 11 -45.34 -6.15 5.16
C ASN A 11 -44.85 -4.87 5.81
N SER A 12 -43.60 -4.51 5.52
CA SER A 12 -42.99 -3.30 6.07
C SER A 12 -42.11 -2.61 5.04
N TYR A 13 -41.85 -1.33 5.26
CA TYR A 13 -41.03 -0.55 4.35
C TYR A 13 -40.33 0.59 5.08
N MET A 14 -39.45 1.31 4.38
CA MET A 14 -38.72 2.41 4.95
C MET A 14 -38.78 3.64 4.05
N ASP A 15 -38.64 4.82 4.65
CA ASP A 15 -38.67 6.07 3.89
C ASP A 15 -37.26 6.61 3.66
N GLU A 16 -36.35 6.26 4.55
CA GLU A 16 -34.97 6.71 4.45
C GLU A 16 -34.89 8.23 4.36
N LYS A 17 -35.22 8.90 5.46
CA LYS A 17 -35.19 10.36 5.51
C LYS A 17 -33.97 10.85 6.28
N ASN A 18 -33.27 11.83 5.71
CA ASN A 18 -32.09 12.39 6.34
C ASN A 18 -32.34 13.82 6.79
N GLY A 19 -31.86 14.16 7.98
CA GLY A 19 -32.04 15.49 8.51
C GLY A 19 -30.99 16.47 8.00
N PRO A 20 -31.05 17.72 8.48
CA PRO A 20 -30.10 18.77 8.07
C PRO A 20 -28.71 18.52 8.62
N PRO A 21 -27.73 19.28 8.11
CA PRO A 21 -26.34 19.17 8.53
C PRO A 21 -26.12 19.69 9.95
N PRO A 22 -24.93 19.41 10.51
CA PRO A 22 -23.88 18.65 9.80
C PRO A 22 -24.26 17.19 9.63
N PRO A 23 -23.48 16.48 8.79
CA PRO A 23 -23.71 15.06 8.51
C PRO A 23 -23.38 14.17 9.71
N ASN A 24 -23.43 12.86 9.51
CA ASN A 24 -23.14 11.91 10.57
C ASN A 24 -21.65 11.92 10.91
N MET A 25 -20.82 11.61 9.92
CA MET A 25 -19.38 11.58 10.12
C MET A 25 -18.65 11.38 8.79
N THR A 26 -17.52 12.07 8.63
CA THR A 26 -16.73 11.97 7.41
C THR A 26 -16.31 10.53 7.14
N THR A 27 -15.93 10.26 5.90
CA THR A 27 -15.51 8.92 5.51
C THR A 27 -14.09 8.94 4.93
N ASN A 28 -13.94 9.53 3.75
CA ASN A 28 -12.64 9.62 3.10
C ASN A 28 -12.51 10.91 2.31
N GLU A 29 -11.29 11.28 1.98
CA GLU A 29 -11.02 12.50 1.21
C GLU A 29 -9.69 12.41 0.49
N ARG A 30 -9.65 11.63 -0.59
CA ARG A 30 -8.42 11.45 -1.36
C ARG A 30 -7.27 11.02 -0.48
N ARG A 31 -7.43 9.89 0.20
CA ARG A 31 -6.40 9.37 1.09
C ARG A 31 -6.08 7.91 0.74
N VAL A 32 -4.84 7.68 0.31
CA VAL A 32 -4.41 6.33 -0.05
C VAL A 32 -2.99 6.06 0.46
N ILE A 33 -2.79 4.86 1.00
CA ILE A 33 -1.49 4.48 1.53
C ILE A 33 -0.79 3.49 0.60
N VAL A 34 -1.58 2.69 -0.11
CA VAL A 34 -1.04 1.70 -1.03
C VAL A 34 -2.04 1.39 -2.15
N PRO A 35 -1.53 1.30 -3.39
CA PRO A 35 -2.36 1.01 -4.56
C PRO A 35 -2.88 -0.43 -4.56
N ALA A 36 -1.98 -1.38 -4.31
CA ALA A 36 -2.36 -2.79 -4.28
C ALA A 36 -1.17 -3.66 -3.93
N ASP A 37 -0.28 -3.85 -4.90
CA ASP A 37 0.91 -4.67 -4.71
C ASP A 37 2.18 -3.83 -4.83
N PRO A 38 3.29 -4.34 -4.28
CA PRO A 38 4.59 -3.66 -4.32
C PRO A 38 5.18 -3.61 -5.73
N THR A 39 4.66 -4.46 -6.60
CA THR A 39 5.13 -4.52 -7.99
C THR A 39 4.53 -3.40 -8.83
N LEU A 40 3.33 -2.96 -8.44
CA LEU A 40 2.65 -1.89 -9.16
C LEU A 40 2.68 -0.59 -8.37
N TRP A 41 3.87 -0.20 -7.93
CA TRP A 41 4.05 1.03 -7.17
C TRP A 41 4.54 2.16 -8.06
N THR A 42 4.45 3.38 -7.56
CA THR A 42 4.89 4.56 -8.32
C THR A 42 6.10 5.21 -7.67
N GLN A 43 6.59 6.28 -8.30
CA GLN A 43 7.75 6.99 -7.77
C GLN A 43 7.43 7.67 -6.45
N GLU A 44 6.15 8.00 -6.26
CA GLU A 44 5.71 8.67 -5.04
C GLU A 44 5.52 7.66 -3.91
N HIS A 45 4.87 6.54 -4.23
CA HIS A 45 4.64 5.50 -3.24
C HIS A 45 5.94 5.03 -2.60
N VAL A 46 7.04 5.19 -3.34
CA VAL A 46 8.35 4.79 -2.83
C VAL A 46 8.91 5.83 -1.88
N ARG A 47 8.48 7.07 -2.05
CA ARG A 47 8.96 8.16 -1.19
C ARG A 47 8.05 8.32 0.03
N GLN A 48 6.76 8.50 -0.21
CA GLN A 48 5.79 8.65 0.87
C GLN A 48 5.92 7.52 1.89
N TRP A 49 6.12 6.31 1.39
CA TRP A 49 6.25 5.14 2.26
C TRP A 49 7.40 5.32 3.23
N LEU A 50 8.58 5.63 2.69
CA LEU A 50 9.77 5.83 3.52
C LEU A 50 9.54 6.94 4.55
N GLU A 51 9.13 8.10 4.08
CA GLU A 51 8.87 9.24 4.96
C GLU A 51 7.85 8.86 6.03
N TRP A 52 6.98 7.91 5.71
CA TRP A 52 5.95 7.46 6.64
C TRP A 52 6.54 6.53 7.69
N ALA A 53 7.19 5.47 7.23
CA ALA A 53 7.79 4.49 8.12
C ALA A 53 8.73 5.17 9.13
N ILE A 54 9.62 6.01 8.62
CA ILE A 54 10.56 6.73 9.46
C ILE A 54 9.84 7.52 10.55
N LYS A 55 8.60 7.90 10.28
CA LYS A 55 7.80 8.65 11.22
C LYS A 55 7.10 7.73 12.22
N GLU A 56 6.27 6.83 11.69
CA GLU A 56 5.55 5.88 12.55
C GLU A 56 6.52 5.05 13.38
N TYR A 57 7.34 4.26 12.71
CA TYR A 57 8.31 3.41 13.39
C TYR A 57 9.31 4.24 14.18
N SER A 58 9.51 5.48 13.73
CA SER A 58 10.45 6.39 14.40
C SER A 58 11.87 5.85 14.34
N LEU A 59 12.36 5.63 13.11
CA LEU A 59 13.71 5.11 12.92
C LEU A 59 14.75 6.21 13.10
N MET A 60 16.00 5.90 12.77
CA MET A 60 17.09 6.87 12.89
C MET A 60 18.28 6.46 12.02
N GLU A 61 18.82 7.41 11.28
CA GLU A 61 19.96 7.16 10.41
C GLU A 61 19.59 6.15 9.32
N ILE A 62 18.95 6.64 8.27
CA ILE A 62 18.53 5.79 7.16
C ILE A 62 18.79 6.47 5.82
N ASP A 63 19.21 5.70 4.83
CA ASP A 63 19.47 6.23 3.50
C ASP A 63 18.18 6.65 2.81
N THR A 64 18.18 7.84 2.21
CA THR A 64 17.01 8.36 1.53
C THR A 64 17.27 8.52 0.03
N SER A 65 18.51 8.86 -0.31
CA SER A 65 18.89 9.05 -1.70
C SER A 65 18.63 7.78 -2.51
N PHE A 66 18.70 6.64 -1.84
CA PHE A 66 18.48 5.35 -2.50
C PHE A 66 17.02 5.20 -2.92
N PHE A 67 16.12 5.85 -2.18
CA PHE A 67 14.70 5.79 -2.46
C PHE A 67 14.20 7.11 -3.04
N GLN A 68 15.09 7.83 -3.72
CA GLN A 68 14.74 9.11 -4.31
C GLN A 68 13.95 8.92 -5.60
N ASN A 69 14.26 7.85 -6.33
CA ASN A 69 13.57 7.56 -7.59
C ASN A 69 13.76 6.09 -7.98
N MET A 70 13.57 5.20 -7.01
CA MET A 70 13.72 3.78 -7.26
C MET A 70 12.41 3.16 -7.74
N ASP A 71 12.50 2.26 -8.70
CA ASP A 71 11.32 1.60 -9.26
C ASP A 71 10.66 0.71 -8.21
N GLY A 72 9.33 0.77 -8.15
CA GLY A 72 8.60 -0.04 -7.20
C GLY A 72 8.97 -1.51 -7.27
N LYS A 73 9.30 -1.98 -8.46
CA LYS A 73 9.68 -3.38 -8.67
C LYS A 73 11.03 -3.67 -8.04
N GLU A 74 11.94 -2.71 -8.14
CA GLU A 74 13.28 -2.86 -7.57
C GLU A 74 13.21 -3.09 -6.06
N LEU A 75 12.25 -2.43 -5.41
CA LEU A 75 12.08 -2.56 -3.97
C LEU A 75 11.86 -4.01 -3.57
N CYS A 76 11.32 -4.80 -4.50
CA CYS A 76 11.05 -6.21 -4.25
C CYS A 76 12.34 -7.03 -4.40
N LYS A 77 13.12 -6.72 -5.43
CA LYS A 77 14.36 -7.43 -5.68
C LYS A 77 15.34 -7.23 -4.53
N MET A 78 15.22 -6.11 -3.84
CA MET A 78 16.09 -5.80 -2.71
C MET A 78 15.97 -6.87 -1.62
N ASN A 79 17.10 -7.43 -1.23
CA ASN A 79 17.12 -8.46 -0.19
C ASN A 79 17.78 -7.94 1.08
N LYS A 80 17.93 -8.82 2.07
CA LYS A 80 18.55 -8.45 3.34
C LYS A 80 19.91 -7.81 3.11
N GLU A 81 20.60 -8.22 2.05
CA GLU A 81 21.91 -7.69 1.72
C GLU A 81 21.79 -6.31 1.07
N ASP A 82 21.01 -6.23 0.00
CA ASP A 82 20.80 -4.98 -0.71
C ASP A 82 20.32 -3.89 0.24
N PHE A 83 19.39 -4.26 1.12
CA PHE A 83 18.83 -3.31 2.08
C PHE A 83 19.86 -2.97 3.16
N LEU A 84 20.73 -3.92 3.48
CA LEU A 84 21.75 -3.71 4.49
C LEU A 84 22.71 -2.59 4.07
N ARG A 85 22.92 -2.46 2.77
CA ARG A 85 23.80 -1.42 2.23
C ARG A 85 23.17 -0.04 2.37
N ALA A 86 21.84 0.00 2.40
CA ALA A 86 21.12 1.25 2.53
C ALA A 86 20.90 1.61 3.99
N THR A 87 20.53 0.62 4.79
CA THR A 87 20.30 0.82 6.22
C THR A 87 20.78 -0.37 7.04
N THR A 88 20.74 -0.22 8.36
CA THR A 88 21.17 -1.28 9.25
C THR A 88 20.23 -2.48 9.19
N LEU A 89 20.62 -3.57 9.83
CA LEU A 89 19.80 -4.78 9.85
C LEU A 89 18.48 -4.54 10.57
N TYR A 90 18.55 -3.86 11.71
CA TYR A 90 17.36 -3.56 12.50
C TYR A 90 16.30 -2.86 11.65
N ASN A 91 16.75 -1.97 10.76
CA ASN A 91 15.84 -1.24 9.88
C ASN A 91 15.41 -2.12 8.70
N THR A 92 16.35 -2.90 8.18
CA THR A 92 16.06 -3.77 7.04
C THR A 92 14.92 -4.73 7.37
N GLU A 93 14.84 -5.14 8.63
CA GLU A 93 13.80 -6.07 9.08
C GLU A 93 12.45 -5.36 9.15
N VAL A 94 12.48 -4.05 9.39
CA VAL A 94 11.27 -3.26 9.49
C VAL A 94 10.70 -2.93 8.11
N LEU A 95 11.57 -2.91 7.12
CA LEU A 95 11.17 -2.61 5.75
C LEU A 95 10.76 -3.88 5.01
N LEU A 96 11.68 -4.83 4.93
CA LEU A 96 11.42 -6.10 4.26
C LEU A 96 10.13 -6.73 4.77
N SER A 97 9.95 -6.69 6.09
CA SER A 97 8.76 -7.26 6.71
C SER A 97 7.50 -6.56 6.22
N HIS A 98 7.56 -5.24 6.15
CA HIS A 98 6.42 -4.45 5.70
C HIS A 98 6.10 -4.75 4.24
N LEU A 99 7.13 -4.76 3.39
CA LEU A 99 6.95 -5.04 1.97
C LEU A 99 6.47 -6.47 1.75
N SER A 100 6.78 -7.35 2.69
CA SER A 100 6.38 -8.75 2.59
C SER A 100 5.00 -8.96 3.18
N TYR A 101 4.62 -8.10 4.11
CA TYR A 101 3.32 -8.19 4.76
C TYR A 101 2.19 -7.89 3.77
N LEU A 102 2.39 -6.88 2.94
CA LEU A 102 1.41 -6.49 1.94
C LEU A 102 1.11 -7.65 1.00
N ARG A 103 2.16 -8.37 0.61
CA ARG A 103 2.00 -9.50 -0.30
C ARG A 103 1.20 -10.61 0.36
N GLU A 104 1.43 -10.81 1.66
CA GLU A 104 0.72 -11.85 2.40
C GLU A 104 -0.79 -11.66 2.30
N SER A 105 -1.21 -10.42 2.08
CA SER A 105 -2.63 -10.10 1.98
C SER A 105 -3.18 -10.54 0.63
N SER A 106 -2.37 -10.39 -0.42
CA SER A 106 -2.77 -10.75 -1.76
C SER A 106 -3.16 -12.23 -1.83
N LEU A 107 -2.60 -13.03 -0.93
CA LEU A 107 -2.89 -14.45 -0.88
C LEU A 107 -4.38 -14.71 -0.81
N LEU A 108 -5.11 -13.76 -0.22
CA LEU A 108 -6.56 -13.88 -0.10
C LEU A 108 -7.27 -13.14 -1.24
N ALA A 109 -6.60 -12.14 -1.79
CA ALA A 109 -7.16 -11.36 -2.89
C ALA A 109 -7.47 -12.25 -4.10
N TYR A 110 -6.66 -13.30 -4.26
CA TYR A 110 -6.83 -14.22 -5.38
C TYR A 110 -8.15 -14.99 -5.24
N ASN A 111 -9.19 -14.47 -5.87
CA ASN A 111 -10.51 -15.11 -5.81
C ASN A 111 -11.00 -15.46 -7.22
N THR A 112 -11.83 -16.49 -7.31
CA THR A 112 -12.37 -16.93 -8.59
C THR A 112 -13.28 -15.86 -9.20
N THR A 113 -14.18 -15.32 -8.38
CA THR A 113 -15.10 -14.30 -8.84
C THR A 113 -16.01 -14.83 -9.95
N SER A 114 -17.23 -15.22 -9.57
CA SER A 114 -18.18 -15.75 -10.54
C SER A 114 -19.15 -14.66 -10.99
N HIS A 115 -18.71 -13.85 -11.93
CA HIS A 115 -19.53 -12.76 -12.46
C HIS A 115 -20.05 -11.88 -11.34
N THR A 116 -19.16 -11.49 -10.42
CA THR A 116 -19.53 -10.66 -9.29
C THR A 116 -18.65 -9.41 -9.23
N ASP A 117 -18.35 -8.84 -10.39
CA ASP A 117 -17.53 -7.64 -10.47
C ASP A 117 -18.39 -6.40 -10.62
N GLN A 118 -17.80 -5.24 -10.35
CA GLN A 118 -18.52 -3.97 -10.45
C GLN A 118 -17.60 -2.87 -10.99
N SER A 119 -18.11 -2.09 -11.94
CA SER A 119 -17.34 -1.01 -12.54
C SER A 119 -17.27 0.19 -11.59
N SER A 120 -16.20 0.97 -11.73
CA SER A 120 -16.01 2.15 -10.90
C SER A 120 -16.36 3.42 -11.65
N ARG A 121 -17.39 4.12 -11.18
CA ARG A 121 -17.83 5.35 -11.81
C ARG A 121 -18.31 6.36 -10.78
N LEU A 122 -17.46 6.65 -9.80
CA LEU A 122 -17.79 7.59 -8.74
C LEU A 122 -17.05 8.91 -8.93
N SER A 123 -17.81 9.99 -9.10
CA SER A 123 -17.23 11.31 -9.30
C SER A 123 -17.75 12.30 -8.26
N VAL A 124 -16.86 13.14 -7.75
CA VAL A 124 -17.24 14.14 -6.75
C VAL A 124 -18.31 15.08 -7.28
N LYS A 125 -19.22 15.48 -6.41
CA LYS A 125 -20.30 16.39 -6.79
C LYS A 125 -20.21 17.70 -6.03
N GLU A 126 -20.96 18.70 -6.48
CA GLU A 126 -20.95 20.01 -5.85
C GLU A 126 -22.15 20.85 -6.32
N ASP A 127 -22.29 22.04 -5.73
CA ASP A 127 -23.39 22.93 -6.09
C ASP A 127 -24.73 22.31 -5.75
N PRO A 128 -25.76 23.16 -5.64
CA PRO A 128 -27.12 22.71 -5.31
C PRO A 128 -27.76 21.92 -6.45
N GLY A 1 -0.66 29.74 28.46
CA GLY A 1 0.57 29.12 28.89
C GLY A 1 1.63 29.11 27.80
N SER A 2 1.50 28.19 26.86
CA SER A 2 2.45 28.07 25.76
C SER A 2 3.87 27.87 26.29
N SER A 3 3.99 27.06 27.33
CA SER A 3 5.29 26.78 27.93
C SER A 3 5.91 28.05 28.51
N GLY A 4 6.89 27.88 29.39
CA GLY A 4 7.54 29.02 30.01
C GLY A 4 7.79 28.81 31.48
N SER A 5 9.02 29.07 31.92
CA SER A 5 9.39 28.91 33.32
C SER A 5 9.17 27.47 33.77
N SER A 6 9.53 27.19 35.02
CA SER A 6 9.36 25.85 35.58
C SER A 6 8.01 25.71 36.26
N GLY A 7 7.88 26.32 37.44
CA GLY A 7 6.63 26.25 38.18
C GLY A 7 6.35 24.86 38.72
N MET A 8 5.26 24.72 39.45
CA MET A 8 4.88 23.43 40.02
C MET A 8 3.54 22.96 39.47
N ASN A 9 2.48 23.71 39.78
CA ASN A 9 1.14 23.37 39.31
C ASN A 9 0.70 22.02 39.87
N TYR A 10 -0.58 21.70 39.67
CA TYR A 10 -1.13 20.44 40.15
C TYR A 10 -2.02 19.79 39.09
N ASN A 11 -1.62 19.93 37.83
CA ASN A 11 -2.38 19.36 36.72
C ASN A 11 -1.54 19.30 35.45
N SER A 12 -2.01 18.54 34.47
CA SER A 12 -1.29 18.39 33.20
C SER A 12 -2.26 18.02 32.08
N TYR A 13 -2.96 19.01 31.55
CA TYR A 13 -3.92 18.79 30.48
C TYR A 13 -3.38 19.33 29.15
N MET A 14 -3.16 18.44 28.19
CA MET A 14 -2.65 18.83 26.89
C MET A 14 -3.69 18.58 25.81
N ASP A 15 -3.76 19.49 24.83
CA ASP A 15 -4.71 19.37 23.74
C ASP A 15 -4.04 19.68 22.39
N GLU A 16 -3.84 18.66 21.59
CA GLU A 16 -3.21 18.83 20.28
C GLU A 16 -4.02 18.14 19.19
N LYS A 17 -4.18 18.82 18.06
CA LYS A 17 -4.94 18.27 16.93
C LYS A 17 -4.25 18.59 15.61
N ASN A 18 -3.28 17.75 15.23
CA ASN A 18 -2.55 17.95 13.99
C ASN A 18 -2.94 16.89 12.96
N GLY A 19 -2.86 17.25 11.69
CA GLY A 19 -3.20 16.32 10.62
C GLY A 19 -3.49 17.02 9.31
N PRO A 20 -3.79 16.23 8.27
CA PRO A 20 -4.09 16.75 6.93
C PRO A 20 -5.44 17.47 6.89
N PRO A 21 -5.68 18.20 5.79
CA PRO A 21 -6.92 18.95 5.59
C PRO A 21 -8.13 18.04 5.38
N PRO A 22 -9.34 18.63 5.43
CA PRO A 22 -9.51 20.06 5.69
C PRO A 22 -9.15 20.44 7.12
N PRO A 23 -9.03 21.76 7.37
CA PRO A 23 -8.69 22.29 8.70
C PRO A 23 -9.83 22.10 9.70
N ASN A 24 -9.48 21.60 10.89
CA ASN A 24 -10.47 21.37 11.93
C ASN A 24 -11.55 20.39 11.46
N MET A 25 -11.35 19.11 11.76
CA MET A 25 -12.30 18.08 11.37
C MET A 25 -11.96 16.74 12.00
N THR A 26 -12.68 15.70 11.62
CA THR A 26 -12.45 14.36 12.15
C THR A 26 -12.35 13.33 11.04
N THR A 27 -11.81 12.15 11.36
CA THR A 27 -11.66 11.09 10.39
C THR A 27 -10.85 11.55 9.19
N ASN A 28 -9.54 11.64 9.37
CA ASN A 28 -8.65 12.07 8.31
C ASN A 28 -7.66 10.96 7.93
N GLU A 29 -6.77 11.26 7.00
CA GLU A 29 -5.78 10.29 6.55
C GLU A 29 -6.44 8.98 6.14
N ARG A 30 -7.08 8.99 4.97
CA ARG A 30 -7.77 7.81 4.46
C ARG A 30 -7.88 7.86 2.94
N ARG A 31 -6.77 8.17 2.28
CA ARG A 31 -6.74 8.24 0.82
C ARG A 31 -6.27 6.94 0.21
N VAL A 32 -5.00 6.60 0.45
CA VAL A 32 -4.42 5.37 -0.08
C VAL A 32 -3.02 5.14 0.47
N ILE A 33 -2.72 3.89 0.80
CA ILE A 33 -1.41 3.53 1.34
C ILE A 33 -0.67 2.61 0.39
N VAL A 34 -1.42 1.79 -0.34
CA VAL A 34 -0.82 0.86 -1.29
C VAL A 34 -1.78 0.54 -2.43
N PRO A 35 -1.25 0.51 -3.66
CA PRO A 35 -2.04 0.22 -4.86
C PRO A 35 -2.51 -1.24 -4.91
N ALA A 36 -1.59 -2.16 -4.68
CA ALA A 36 -1.91 -3.58 -4.69
C ALA A 36 -0.69 -4.43 -4.35
N ASP A 37 0.24 -4.53 -5.29
CA ASP A 37 1.46 -5.30 -5.08
C ASP A 37 2.69 -4.39 -5.11
N PRO A 38 3.80 -4.90 -4.54
CA PRO A 38 5.06 -4.15 -4.49
C PRO A 38 5.70 -4.00 -5.86
N THR A 39 5.26 -4.82 -6.81
CA THR A 39 5.80 -4.76 -8.17
C THR A 39 5.12 -3.67 -8.99
N LEU A 40 3.87 -3.37 -8.64
CA LEU A 40 3.13 -2.34 -9.35
C LEU A 40 3.08 -1.04 -8.54
N TRP A 41 4.23 -0.63 -8.04
CA TRP A 41 4.33 0.59 -7.24
C TRP A 41 4.76 1.78 -8.11
N THR A 42 4.58 2.98 -7.60
CA THR A 42 4.95 4.19 -8.32
C THR A 42 6.12 4.90 -7.65
N GLN A 43 6.45 6.09 -8.15
CA GLN A 43 7.54 6.86 -7.60
C GLN A 43 7.15 7.51 -6.28
N GLU A 44 5.85 7.78 -6.13
CA GLU A 44 5.34 8.39 -4.91
C GLU A 44 5.17 7.35 -3.80
N HIS A 45 4.83 6.12 -4.19
CA HIS A 45 4.65 5.04 -3.24
C HIS A 45 5.98 4.63 -2.61
N VAL A 46 7.06 4.84 -3.35
CA VAL A 46 8.39 4.49 -2.86
C VAL A 46 8.92 5.55 -1.90
N ARG A 47 8.46 6.78 -2.07
CA ARG A 47 8.89 7.88 -1.22
C ARG A 47 7.97 8.02 0.00
N GLN A 48 6.67 8.14 -0.26
CA GLN A 48 5.69 8.29 0.81
C GLN A 48 5.85 7.16 1.85
N TRP A 49 5.91 5.93 1.36
CA TRP A 49 6.08 4.77 2.24
C TRP A 49 7.25 4.97 3.19
N LEU A 50 8.37 5.42 2.65
CA LEU A 50 9.57 5.65 3.46
C LEU A 50 9.34 6.75 4.48
N GLU A 51 8.91 7.92 4.00
CA GLU A 51 8.65 9.06 4.87
C GLU A 51 7.66 8.69 5.97
N TRP A 52 6.75 7.77 5.65
CA TRP A 52 5.73 7.33 6.60
C TRP A 52 6.34 6.37 7.63
N ALA A 53 7.06 5.37 7.14
CA ALA A 53 7.70 4.38 8.01
C ALA A 53 8.64 5.06 9.00
N ILE A 54 9.52 5.91 8.50
CA ILE A 54 10.48 6.62 9.33
C ILE A 54 9.76 7.41 10.42
N LYS A 55 8.51 7.78 10.17
CA LYS A 55 7.71 8.54 11.13
C LYS A 55 7.05 7.61 12.13
N GLU A 56 6.18 6.73 11.63
CA GLU A 56 5.47 5.79 12.49
C GLU A 56 6.45 4.96 13.31
N TYR A 57 7.26 4.15 12.63
CA TYR A 57 8.24 3.31 13.30
C TYR A 57 9.26 4.15 14.07
N SER A 58 9.45 5.38 13.62
CA SER A 58 10.39 6.30 14.26
C SER A 58 11.82 5.75 14.17
N LEU A 59 12.27 5.50 12.95
CA LEU A 59 13.62 4.98 12.73
C LEU A 59 14.66 6.07 12.92
N MET A 60 15.93 5.69 12.81
CA MET A 60 17.03 6.64 12.97
C MET A 60 18.18 6.31 12.03
N GLU A 61 18.70 7.32 11.34
CA GLU A 61 19.79 7.13 10.41
C GLU A 61 19.42 6.14 9.32
N ILE A 62 18.93 6.64 8.19
CA ILE A 62 18.53 5.79 7.08
C ILE A 62 18.72 6.51 5.74
N ASP A 63 19.26 5.79 4.77
CA ASP A 63 19.49 6.36 3.45
C ASP A 63 18.16 6.74 2.78
N THR A 64 18.12 7.94 2.21
CA THR A 64 16.92 8.41 1.53
C THR A 64 17.13 8.57 0.04
N SER A 65 18.35 8.95 -0.34
CA SER A 65 18.69 9.15 -1.75
C SER A 65 18.44 7.86 -2.53
N PHE A 66 18.52 6.73 -1.85
CA PHE A 66 18.30 5.44 -2.49
C PHE A 66 16.83 5.24 -2.85
N PHE A 67 15.95 5.90 -2.09
CA PHE A 67 14.52 5.80 -2.32
C PHE A 67 13.96 7.12 -2.83
N GLN A 68 14.80 7.91 -3.48
CA GLN A 68 14.39 9.20 -4.02
C GLN A 68 13.80 9.05 -5.41
N ASN A 69 14.31 8.06 -6.16
CA ASN A 69 13.83 7.81 -7.52
C ASN A 69 14.09 6.37 -7.93
N MET A 70 13.75 5.44 -7.03
CA MET A 70 13.94 4.02 -7.29
C MET A 70 12.63 3.36 -7.71
N ASP A 71 12.69 2.56 -8.77
CA ASP A 71 11.51 1.87 -9.26
C ASP A 71 11.01 0.84 -8.25
N GLY A 72 9.69 0.78 -8.07
CA GLY A 72 9.11 -0.16 -7.13
C GLY A 72 9.58 -1.58 -7.38
N LYS A 73 9.72 -1.94 -8.65
CA LYS A 73 10.17 -3.29 -9.02
C LYS A 73 11.53 -3.59 -8.41
N GLU A 74 12.31 -2.55 -8.15
CA GLU A 74 13.64 -2.71 -7.58
C GLU A 74 13.55 -2.88 -6.06
N LEU A 75 12.57 -2.22 -5.46
CA LEU A 75 12.37 -2.28 -4.01
C LEU A 75 12.19 -3.73 -3.56
N CYS A 76 11.27 -4.44 -4.22
CA CYS A 76 11.00 -5.84 -3.88
C CYS A 76 12.16 -6.73 -4.29
N LYS A 77 12.88 -6.34 -5.33
CA LYS A 77 14.02 -7.10 -5.81
C LYS A 77 15.15 -7.10 -4.79
N MET A 78 15.26 -6.00 -4.04
CA MET A 78 16.30 -5.88 -3.03
C MET A 78 16.16 -6.97 -1.97
N ASN A 79 17.30 -7.46 -1.47
CA ASN A 79 17.30 -8.51 -0.46
C ASN A 79 17.89 -7.99 0.85
N LYS A 80 18.05 -8.89 1.82
CA LYS A 80 18.59 -8.52 3.12
C LYS A 80 19.96 -7.87 2.97
N GLU A 81 20.69 -8.26 1.93
CA GLU A 81 22.01 -7.70 1.67
C GLU A 81 21.91 -6.33 1.03
N ASP A 82 21.16 -6.25 -0.07
CA ASP A 82 20.98 -4.98 -0.79
C ASP A 82 20.48 -3.90 0.16
N PHE A 83 19.55 -4.27 1.03
CA PHE A 83 18.98 -3.32 1.99
C PHE A 83 19.99 -2.97 3.08
N LEU A 84 20.85 -3.93 3.41
CA LEU A 84 21.87 -3.73 4.44
C LEU A 84 22.86 -2.64 4.03
N ARG A 85 23.05 -2.49 2.72
CA ARG A 85 23.96 -1.47 2.20
C ARG A 85 23.37 -0.08 2.34
N ALA A 86 22.05 0.00 2.37
CA ALA A 86 21.36 1.28 2.51
C ALA A 86 21.12 1.62 3.98
N THR A 87 20.70 0.62 4.75
CA THR A 87 20.44 0.81 6.17
C THR A 87 20.94 -0.38 6.99
N THR A 88 20.87 -0.25 8.31
CA THR A 88 21.32 -1.31 9.20
C THR A 88 20.39 -2.51 9.13
N LEU A 89 20.73 -3.56 9.87
CA LEU A 89 19.92 -4.77 9.89
C LEU A 89 18.60 -4.54 10.63
N TYR A 90 18.67 -3.83 11.75
CA TYR A 90 17.49 -3.53 12.54
C TYR A 90 16.43 -2.83 11.70
N ASN A 91 16.88 -2.00 10.76
CA ASN A 91 15.97 -1.26 9.89
C ASN A 91 15.49 -2.15 8.74
N THR A 92 16.41 -2.90 8.16
CA THR A 92 16.08 -3.80 7.05
C THR A 92 14.96 -4.75 7.43
N GLU A 93 14.96 -5.20 8.68
CA GLU A 93 13.94 -6.11 9.17
C GLU A 93 12.57 -5.43 9.24
N VAL A 94 12.59 -4.12 9.42
CA VAL A 94 11.37 -3.34 9.51
C VAL A 94 10.82 -3.00 8.12
N LEU A 95 11.72 -2.95 7.15
CA LEU A 95 11.33 -2.63 5.77
C LEU A 95 10.85 -3.89 5.04
N LEU A 96 11.72 -4.90 4.98
CA LEU A 96 11.38 -6.15 4.32
C LEU A 96 10.09 -6.74 4.87
N SER A 97 9.98 -6.78 6.20
CA SER A 97 8.79 -7.31 6.86
C SER A 97 7.54 -6.60 6.37
N HIS A 98 7.62 -5.28 6.24
CA HIS A 98 6.49 -4.48 5.78
C HIS A 98 6.14 -4.82 4.33
N LEU A 99 7.15 -4.82 3.48
CA LEU A 99 6.95 -5.12 2.06
C LEU A 99 6.35 -6.52 1.88
N SER A 100 6.60 -7.39 2.85
CA SER A 100 6.09 -8.75 2.80
C SER A 100 4.71 -8.84 3.45
N TYR A 101 4.45 -7.92 4.38
CA TYR A 101 3.17 -7.91 5.08
C TYR A 101 2.07 -7.35 4.18
N LEU A 102 2.46 -6.50 3.23
CA LEU A 102 1.51 -5.90 2.31
C LEU A 102 1.07 -6.90 1.25
N ARG A 103 2.04 -7.48 0.54
CA ARG A 103 1.74 -8.46 -0.50
C ARG A 103 0.84 -9.57 0.04
N GLU A 104 0.97 -9.85 1.33
CA GLU A 104 0.17 -10.89 1.96
C GLU A 104 -1.11 -10.31 2.57
N SER A 105 -1.06 -9.02 2.91
CA SER A 105 -2.22 -8.35 3.50
C SER A 105 -3.44 -8.48 2.60
N SER A 106 -3.20 -8.64 1.29
CA SER A 106 -4.28 -8.77 0.33
C SER A 106 -4.71 -10.22 0.18
N LEU A 107 -3.76 -11.14 0.38
CA LEU A 107 -4.05 -12.57 0.28
C LEU A 107 -5.18 -12.97 1.22
N LEU A 108 -5.36 -12.19 2.28
CA LEU A 108 -6.43 -12.47 3.25
C LEU A 108 -7.78 -11.99 2.73
N ALA A 109 -7.74 -11.00 1.85
CA ALA A 109 -8.97 -10.45 1.27
C ALA A 109 -9.28 -11.09 -0.08
N TYR A 110 -8.79 -12.31 -0.26
CA TYR A 110 -9.01 -13.04 -1.52
C TYR A 110 -9.56 -14.43 -1.24
N ASN A 111 -10.17 -15.03 -2.25
CA ASN A 111 -10.74 -16.37 -2.13
C ASN A 111 -11.86 -16.39 -1.10
N THR A 112 -12.50 -15.23 -0.90
CA THR A 112 -13.59 -15.11 0.05
C THR A 112 -14.24 -13.73 -0.02
N THR A 113 -15.48 -13.64 0.42
CA THR A 113 -16.21 -12.38 0.41
C THR A 113 -16.98 -12.17 1.71
N SER A 114 -16.45 -12.72 2.79
CA SER A 114 -17.08 -12.59 4.10
C SER A 114 -18.54 -13.02 4.05
N HIS A 115 -19.27 -12.77 5.12
CA HIS A 115 -20.69 -13.13 5.20
C HIS A 115 -21.53 -11.95 5.67
N THR A 116 -21.35 -11.56 6.92
CA THR A 116 -22.10 -10.45 7.49
C THR A 116 -21.34 -9.13 7.32
N ASP A 117 -22.08 -8.05 7.10
CA ASP A 117 -21.47 -6.73 6.92
C ASP A 117 -22.48 -5.63 7.22
N GLN A 118 -23.33 -5.87 8.22
CA GLN A 118 -24.34 -4.90 8.61
C GLN A 118 -24.10 -4.41 10.04
N SER A 119 -24.40 -5.25 11.01
CA SER A 119 -24.22 -4.90 12.41
C SER A 119 -25.12 -3.73 12.80
N SER A 120 -25.00 -3.29 14.05
CA SER A 120 -25.80 -2.18 14.55
C SER A 120 -25.28 -1.69 15.89
N ARG A 121 -25.31 -0.37 16.09
CA ARG A 121 -24.83 0.23 17.33
C ARG A 121 -25.73 1.40 17.74
N LEU A 122 -26.73 1.10 18.57
CA LEU A 122 -27.65 2.14 19.03
C LEU A 122 -28.34 2.82 17.86
N SER A 123 -29.20 3.80 18.17
CA SER A 123 -29.93 4.53 17.14
C SER A 123 -29.47 5.99 17.09
N VAL A 124 -28.93 6.39 15.94
CA VAL A 124 -28.45 7.75 15.76
C VAL A 124 -29.60 8.70 15.43
N LYS A 125 -29.49 9.94 15.90
CA LYS A 125 -30.52 10.94 15.65
C LYS A 125 -31.86 10.49 16.23
N GLU A 126 -32.87 11.35 16.10
CA GLU A 126 -34.20 11.04 16.60
C GLU A 126 -35.28 11.46 15.61
N ASP A 127 -35.24 12.72 15.19
CA ASP A 127 -36.20 13.25 14.24
C ASP A 127 -35.50 13.83 13.01
N PRO A 128 -34.96 12.94 12.17
CA PRO A 128 -34.25 13.35 10.95
C PRO A 128 -35.19 13.94 9.89
N GLY A 1 -30.37 28.10 27.60
CA GLY A 1 -29.41 27.41 26.76
C GLY A 1 -28.33 26.72 27.56
N SER A 2 -27.25 26.32 26.90
CA SER A 2 -26.15 25.64 27.56
C SER A 2 -24.88 25.71 26.72
N SER A 3 -24.66 26.84 26.07
CA SER A 3 -23.49 27.04 25.22
C SER A 3 -22.25 27.31 26.06
N GLY A 4 -21.08 27.15 25.45
CA GLY A 4 -19.83 27.38 26.16
C GLY A 4 -18.81 26.30 25.90
N SER A 5 -17.86 26.59 25.01
CA SER A 5 -16.83 25.63 24.67
C SER A 5 -15.65 26.33 24.00
N SER A 6 -14.43 25.95 24.41
CA SER A 6 -13.23 26.55 23.85
C SER A 6 -12.04 25.60 24.00
N GLY A 7 -11.29 25.43 22.92
CA GLY A 7 -10.13 24.55 22.95
C GLY A 7 -8.82 25.30 22.86
N MET A 8 -7.71 24.58 22.96
CA MET A 8 -6.40 25.19 22.89
C MET A 8 -5.32 24.14 22.60
N ASN A 9 -4.06 24.56 22.61
CA ASN A 9 -2.94 23.66 22.35
C ASN A 9 -1.61 24.35 22.61
N TYR A 10 -0.52 23.61 22.48
CA TYR A 10 0.81 24.15 22.71
C TYR A 10 1.78 23.65 21.64
N ASN A 11 2.58 24.57 21.12
CA ASN A 11 3.57 24.23 20.09
C ASN A 11 4.92 24.86 20.39
N SER A 12 5.99 24.20 19.98
CA SER A 12 7.34 24.70 20.21
C SER A 12 7.90 25.33 18.95
N TYR A 13 8.80 26.30 19.13
CA TYR A 13 9.42 26.99 17.99
C TYR A 13 10.59 26.18 17.45
N MET A 14 10.52 25.84 16.16
CA MET A 14 11.57 25.07 15.51
C MET A 14 11.80 25.57 14.09
N ASP A 15 13.02 25.37 13.59
CA ASP A 15 13.37 25.81 12.24
C ASP A 15 13.57 24.61 11.32
N GLU A 16 12.87 24.61 10.19
CA GLU A 16 12.97 23.52 9.23
C GLU A 16 12.93 24.06 7.81
N LYS A 17 13.73 23.43 6.93
CA LYS A 17 13.80 23.85 5.54
C LYS A 17 12.74 23.12 4.70
N ASN A 18 11.54 23.69 4.65
CA ASN A 18 10.45 23.10 3.89
C ASN A 18 9.50 24.17 3.38
N GLY A 19 9.04 24.01 2.14
CA GLY A 19 8.13 24.98 1.55
C GLY A 19 6.69 24.50 1.57
N PRO A 20 5.76 25.42 1.27
CA PRO A 20 4.32 25.11 1.25
C PRO A 20 3.95 24.19 0.09
N PRO A 21 2.72 23.66 0.13
CA PRO A 21 2.21 22.76 -0.91
C PRO A 21 1.95 23.48 -2.23
N PRO A 22 1.71 22.70 -3.30
CA PRO A 22 1.70 21.24 -3.22
C PRO A 22 3.09 20.66 -2.99
N PRO A 23 3.14 19.36 -2.66
CA PRO A 23 4.40 18.65 -2.39
C PRO A 23 5.22 18.46 -3.66
N ASN A 24 4.56 18.00 -4.73
CA ASN A 24 5.24 17.77 -6.00
C ASN A 24 4.24 17.46 -7.10
N MET A 25 3.52 16.35 -6.94
CA MET A 25 2.52 15.94 -7.92
C MET A 25 1.23 15.51 -7.24
N THR A 26 0.24 15.12 -8.04
CA THR A 26 -1.05 14.68 -7.51
C THR A 26 -0.96 13.27 -6.95
N THR A 27 -0.80 12.29 -7.84
CA THR A 27 -0.70 10.89 -7.43
C THR A 27 -1.95 10.46 -6.65
N ASN A 28 -2.90 9.87 -7.37
CA ASN A 28 -4.14 9.41 -6.75
C ASN A 28 -4.92 10.57 -6.16
N GLU A 29 -5.98 10.27 -5.41
CA GLU A 29 -6.80 11.29 -4.79
C GLU A 29 -6.65 11.27 -3.28
N ARG A 30 -5.42 11.05 -2.82
CA ARG A 30 -5.13 10.99 -1.39
C ARG A 30 -5.97 9.93 -0.70
N ARG A 31 -5.85 9.85 0.62
CA ARG A 31 -6.59 8.87 1.40
C ARG A 31 -6.21 7.44 1.00
N VAL A 32 -4.98 7.28 0.53
CA VAL A 32 -4.49 5.97 0.11
C VAL A 32 -3.09 5.72 0.63
N ILE A 33 -2.81 4.47 1.00
CA ILE A 33 -1.50 4.10 1.51
C ILE A 33 -0.80 3.12 0.58
N VAL A 34 -1.58 2.29 -0.10
CA VAL A 34 -1.04 1.32 -1.04
C VAL A 34 -2.04 0.99 -2.14
N PRO A 35 -1.55 0.89 -3.38
CA PRO A 35 -2.38 0.58 -4.55
C PRO A 35 -2.88 -0.86 -4.53
N ALA A 36 -1.97 -1.80 -4.29
CA ALA A 36 -2.33 -3.22 -4.24
C ALA A 36 -1.11 -4.07 -3.90
N ASP A 37 -0.11 -4.06 -4.78
CA ASP A 37 1.10 -4.83 -4.56
C ASP A 37 2.33 -3.95 -4.70
N PRO A 38 3.47 -4.42 -4.15
CA PRO A 38 4.74 -3.70 -4.20
C PRO A 38 5.33 -3.66 -5.61
N THR A 39 4.82 -4.53 -6.48
CA THR A 39 5.31 -4.59 -7.86
C THR A 39 4.65 -3.52 -8.71
N LEU A 40 3.43 -3.14 -8.36
CA LEU A 40 2.69 -2.13 -9.10
C LEU A 40 2.69 -0.79 -8.34
N TRP A 41 3.86 -0.41 -7.84
CA TRP A 41 3.99 0.85 -7.09
C TRP A 41 4.43 1.98 -8.01
N THR A 42 4.30 3.21 -7.53
CA THR A 42 4.68 4.38 -8.29
C THR A 42 5.93 5.04 -7.72
N GLN A 43 6.28 6.21 -8.26
CA GLN A 43 7.46 6.94 -7.79
C GLN A 43 7.18 7.63 -6.46
N GLU A 44 5.91 7.93 -6.20
CA GLU A 44 5.51 8.59 -4.97
C GLU A 44 5.36 7.57 -3.84
N HIS A 45 4.75 6.43 -4.15
CA HIS A 45 4.54 5.37 -3.16
C HIS A 45 5.87 4.95 -2.53
N VAL A 46 6.95 5.13 -3.27
CA VAL A 46 8.27 4.78 -2.77
C VAL A 46 8.84 5.86 -1.86
N ARG A 47 8.38 7.10 -2.06
CA ARG A 47 8.83 8.23 -1.26
C ARG A 47 7.99 8.38 -0.01
N GLN A 48 6.68 8.49 -0.20
CA GLN A 48 5.75 8.64 0.93
C GLN A 48 5.95 7.53 1.95
N TRP A 49 5.97 6.29 1.47
CA TRP A 49 6.14 5.14 2.34
C TRP A 49 7.39 5.30 3.21
N LEU A 50 8.48 5.76 2.60
CA LEU A 50 9.73 5.96 3.31
C LEU A 50 9.57 6.99 4.43
N GLU A 51 9.13 8.19 4.06
CA GLU A 51 8.93 9.25 5.04
C GLU A 51 7.92 8.83 6.10
N TRP A 52 7.02 7.93 5.73
CA TRP A 52 6.00 7.44 6.66
C TRP A 52 6.62 6.48 7.68
N ALA A 53 7.36 5.51 7.20
CA ALA A 53 8.00 4.52 8.06
C ALA A 53 8.95 5.20 9.05
N ILE A 54 9.81 6.06 8.54
CA ILE A 54 10.77 6.78 9.38
C ILE A 54 10.06 7.57 10.46
N LYS A 55 8.81 7.94 10.20
CA LYS A 55 8.02 8.69 11.16
C LYS A 55 7.31 7.77 12.14
N GLU A 56 6.43 6.92 11.63
CA GLU A 56 5.69 5.98 12.47
C GLU A 56 6.65 5.16 13.33
N TYR A 57 7.48 4.34 12.67
CA TYR A 57 8.43 3.50 13.37
C TYR A 57 9.44 4.35 14.14
N SER A 58 9.66 5.57 13.67
CA SER A 58 10.61 6.47 14.31
C SER A 58 12.03 5.92 14.26
N LEU A 59 12.50 5.64 13.05
CA LEU A 59 13.84 5.10 12.86
C LEU A 59 14.90 6.18 13.08
N MET A 60 16.16 5.81 12.88
CA MET A 60 17.27 6.74 13.06
C MET A 60 18.41 6.42 12.10
N GLU A 61 18.91 7.44 11.42
CA GLU A 61 20.00 7.26 10.47
C GLU A 61 19.63 6.27 9.38
N ILE A 62 19.09 6.78 8.28
CA ILE A 62 18.68 5.93 7.17
C ILE A 62 18.79 6.67 5.84
N ASP A 63 19.28 5.97 4.81
CA ASP A 63 19.43 6.57 3.49
C ASP A 63 18.07 6.91 2.89
N THR A 64 17.96 8.10 2.32
CA THR A 64 16.72 8.55 1.72
C THR A 64 16.89 8.78 0.22
N SER A 65 18.10 9.12 -0.19
CA SER A 65 18.39 9.36 -1.59
C SER A 65 18.31 8.08 -2.40
N PHE A 66 18.58 6.96 -1.75
CA PHE A 66 18.53 5.65 -2.40
C PHE A 66 17.14 5.38 -2.95
N PHE A 67 16.13 5.96 -2.31
CA PHE A 67 14.75 5.78 -2.73
C PHE A 67 14.20 7.03 -3.41
N GLN A 68 15.11 7.80 -4.03
CA GLN A 68 14.72 9.03 -4.71
C GLN A 68 13.72 8.73 -5.83
N ASN A 69 14.15 7.97 -6.82
CA ASN A 69 13.30 7.61 -7.95
C ASN A 69 13.40 6.13 -8.27
N MET A 70 13.69 5.32 -7.25
CA MET A 70 13.83 3.88 -7.42
C MET A 70 12.48 3.26 -7.79
N ASP A 71 12.50 2.37 -8.78
CA ASP A 71 11.28 1.71 -9.24
C ASP A 71 10.77 0.74 -8.17
N GLY A 72 9.46 0.74 -7.97
CA GLY A 72 8.87 -0.15 -6.98
C GLY A 72 9.27 -1.59 -7.18
N LYS A 73 9.47 -1.98 -8.44
CA LYS A 73 9.85 -3.35 -8.77
C LYS A 73 11.21 -3.69 -8.16
N GLU A 74 12.06 -2.68 -8.01
CA GLU A 74 13.39 -2.87 -7.43
C GLU A 74 13.30 -3.05 -5.92
N LEU A 75 12.36 -2.35 -5.30
CA LEU A 75 12.18 -2.43 -3.84
C LEU A 75 11.97 -3.88 -3.41
N CYS A 76 10.95 -4.53 -3.96
CA CYS A 76 10.66 -5.91 -3.63
C CYS A 76 11.78 -6.84 -4.09
N LYS A 77 12.50 -6.42 -5.12
CA LYS A 77 13.59 -7.21 -5.66
C LYS A 77 14.78 -7.23 -4.70
N MET A 78 14.91 -6.16 -3.91
CA MET A 78 16.00 -6.05 -2.95
C MET A 78 15.85 -7.10 -1.85
N ASN A 79 16.98 -7.52 -1.28
CA ASN A 79 16.97 -8.52 -0.22
C ASN A 79 17.61 -7.96 1.05
N LYS A 80 17.73 -8.81 2.07
CA LYS A 80 18.33 -8.41 3.34
C LYS A 80 19.72 -7.83 3.13
N GLU A 81 20.42 -8.35 2.11
CA GLU A 81 21.77 -7.88 1.81
C GLU A 81 21.73 -6.52 1.13
N ASP A 82 20.92 -6.41 0.09
CA ASP A 82 20.80 -5.15 -0.65
C ASP A 82 20.33 -4.03 0.27
N PHE A 83 19.41 -4.34 1.17
CA PHE A 83 18.88 -3.36 2.11
C PHE A 83 19.91 -3.03 3.18
N LEU A 84 20.72 -4.02 3.55
CA LEU A 84 21.75 -3.84 4.56
C LEU A 84 22.71 -2.73 4.17
N ARG A 85 22.91 -2.55 2.87
CA ARG A 85 23.81 -1.52 2.36
C ARG A 85 23.18 -0.14 2.49
N ALA A 86 21.84 -0.09 2.49
CA ALA A 86 21.13 1.16 2.60
C ALA A 86 20.89 1.53 4.06
N THR A 87 20.65 0.51 4.89
CA THR A 87 20.41 0.73 6.32
C THR A 87 20.87 -0.47 7.14
N THR A 88 20.81 -0.33 8.46
CA THR A 88 21.21 -1.40 9.36
C THR A 88 20.26 -2.58 9.28
N LEU A 89 20.62 -3.68 9.94
CA LEU A 89 19.78 -4.87 9.95
C LEU A 89 18.46 -4.60 10.65
N TYR A 90 18.52 -3.92 11.79
CA TYR A 90 17.32 -3.60 12.55
C TYR A 90 16.30 -2.87 11.69
N ASN A 91 16.79 -2.00 10.81
CA ASN A 91 15.92 -1.24 9.92
C ASN A 91 15.52 -2.07 8.70
N THR A 92 16.46 -2.88 8.21
CA THR A 92 16.21 -3.72 7.06
C THR A 92 15.03 -4.65 7.29
N GLU A 93 14.92 -5.17 8.51
CA GLU A 93 13.84 -6.07 8.87
C GLU A 93 12.51 -5.32 8.94
N VAL A 94 12.57 -4.04 9.30
CA VAL A 94 11.38 -3.22 9.41
C VAL A 94 10.83 -2.87 8.03
N LEU A 95 11.70 -2.89 7.03
CA LEU A 95 11.30 -2.57 5.67
C LEU A 95 10.83 -3.83 4.93
N LEU A 96 11.71 -4.82 4.86
CA LEU A 96 11.41 -6.07 4.18
C LEU A 96 10.09 -6.66 4.72
N SER A 97 9.99 -6.75 6.04
CA SER A 97 8.79 -7.30 6.67
C SER A 97 7.54 -6.58 6.16
N HIS A 98 7.54 -5.26 6.25
CA HIS A 98 6.41 -4.46 5.80
C HIS A 98 6.09 -4.73 4.33
N LEU A 99 7.13 -4.68 3.49
CA LEU A 99 6.97 -4.93 2.06
C LEU A 99 6.44 -6.34 1.80
N SER A 100 6.72 -7.25 2.74
CA SER A 100 6.28 -8.64 2.62
C SER A 100 4.86 -8.81 3.15
N TYR A 101 4.48 -7.94 4.08
CA TYR A 101 3.16 -8.00 4.68
C TYR A 101 2.07 -7.82 3.62
N LEU A 102 2.32 -6.90 2.69
CA LEU A 102 1.37 -6.64 1.60
C LEU A 102 1.17 -7.86 0.73
N ARG A 103 2.26 -8.60 0.52
CA ARG A 103 2.20 -9.81 -0.30
C ARG A 103 1.33 -10.87 0.33
N GLU A 104 1.30 -10.89 1.66
CA GLU A 104 0.50 -11.85 2.40
C GLU A 104 -0.99 -11.68 2.08
N SER A 105 -1.37 -10.46 1.69
CA SER A 105 -2.76 -10.16 1.37
C SER A 105 -3.30 -11.15 0.34
N SER A 106 -2.42 -11.64 -0.51
CA SER A 106 -2.80 -12.59 -1.55
C SER A 106 -2.69 -14.03 -1.04
N LEU A 107 -1.75 -14.25 -0.13
CA LEU A 107 -1.53 -15.57 0.44
C LEU A 107 -2.82 -16.13 1.03
N LEU A 108 -3.71 -15.24 1.45
CA LEU A 108 -4.98 -15.65 2.03
C LEU A 108 -6.07 -15.76 0.96
N ALA A 109 -5.93 -14.95 -0.09
CA ALA A 109 -6.91 -14.96 -1.18
C ALA A 109 -7.03 -16.35 -1.78
N TYR A 110 -5.92 -17.08 -1.85
CA TYR A 110 -5.92 -18.42 -2.40
C TYR A 110 -6.88 -19.33 -1.64
N ASN A 111 -7.52 -20.24 -2.36
CA ASN A 111 -8.47 -21.17 -1.76
C ASN A 111 -7.74 -22.25 -0.97
N THR A 112 -8.51 -23.10 -0.29
CA THR A 112 -7.94 -24.18 0.51
C THR A 112 -8.90 -25.35 0.60
N THR A 113 -8.36 -26.52 0.97
CA THR A 113 -9.17 -27.73 1.09
C THR A 113 -8.97 -28.39 2.46
N SER A 114 -10.07 -28.72 3.11
CA SER A 114 -10.01 -29.36 4.43
C SER A 114 -11.41 -29.77 4.89
N HIS A 115 -11.70 -31.06 4.77
CA HIS A 115 -13.00 -31.59 5.18
C HIS A 115 -12.87 -32.42 6.44
N THR A 116 -13.64 -32.07 7.47
CA THR A 116 -13.61 -32.78 8.74
C THR A 116 -15.01 -32.93 9.31
N ASP A 117 -15.12 -33.70 10.39
CA ASP A 117 -16.40 -33.93 11.04
C ASP A 117 -16.30 -33.70 12.54
N GLN A 118 -16.18 -32.44 12.94
CA GLN A 118 -16.07 -32.09 14.34
C GLN A 118 -17.37 -31.49 14.86
N SER A 119 -17.39 -31.15 16.15
CA SER A 119 -18.58 -30.57 16.76
C SER A 119 -18.26 -29.96 18.12
N SER A 120 -19.17 -29.14 18.64
CA SER A 120 -18.97 -28.50 19.93
C SER A 120 -20.31 -28.16 20.58
N ARG A 121 -21.00 -27.17 20.02
CA ARG A 121 -22.29 -26.75 20.55
C ARG A 121 -22.15 -26.20 21.96
N LEU A 122 -23.22 -25.60 22.47
CA LEU A 122 -23.22 -25.03 23.81
C LEU A 122 -24.63 -24.72 24.27
N SER A 123 -25.24 -25.65 24.99
CA SER A 123 -26.60 -25.47 25.49
C SER A 123 -26.59 -24.98 26.94
N VAL A 124 -27.78 -24.80 27.50
CA VAL A 124 -27.91 -24.33 28.88
C VAL A 124 -27.28 -25.33 29.85
N LYS A 125 -26.93 -24.85 31.04
CA LYS A 125 -26.32 -25.69 32.07
C LYS A 125 -27.34 -26.66 32.65
N GLU A 126 -27.01 -27.94 32.64
CA GLU A 126 -27.89 -28.96 33.17
C GLU A 126 -27.11 -30.23 33.52
N ASP A 127 -27.21 -30.65 34.78
CA ASP A 127 -26.52 -31.85 35.24
C ASP A 127 -27.47 -32.77 36.00
N PRO A 128 -27.08 -34.06 36.12
CA PRO A 128 -27.88 -35.05 36.82
C PRO A 128 -27.92 -34.83 38.32
N GLY A 1 -62.25 18.76 46.65
CA GLY A 1 -63.28 17.93 46.04
C GLY A 1 -63.59 18.35 44.62
N SER A 2 -62.84 17.81 43.65
CA SER A 2 -63.04 18.14 42.25
C SER A 2 -63.74 16.98 41.52
N SER A 3 -65.07 17.06 41.47
CA SER A 3 -65.85 16.02 40.80
C SER A 3 -66.46 16.56 39.50
N GLY A 4 -66.14 15.88 38.40
CA GLY A 4 -66.66 16.29 37.10
C GLY A 4 -65.64 16.11 36.00
N SER A 5 -66.06 16.40 34.76
CA SER A 5 -65.17 16.27 33.62
C SER A 5 -64.36 17.55 33.40
N SER A 6 -63.52 17.54 32.38
CA SER A 6 -62.69 18.69 32.07
C SER A 6 -63.12 19.35 30.75
N GLY A 7 -62.76 20.61 30.59
CA GLY A 7 -63.12 21.33 29.37
C GLY A 7 -62.20 21.01 28.21
N MET A 8 -62.55 21.49 27.03
CA MET A 8 -61.75 21.24 25.83
C MET A 8 -60.93 22.48 25.48
N ASN A 9 -59.63 22.41 25.74
CA ASN A 9 -58.73 23.52 25.45
C ASN A 9 -58.14 23.38 24.04
N TYR A 10 -58.06 24.51 23.33
CA TYR A 10 -57.54 24.51 21.97
C TYR A 10 -56.15 25.17 21.94
N ASN A 11 -55.15 24.40 21.51
CA ASN A 11 -53.79 24.91 21.43
C ASN A 11 -53.28 24.89 19.99
N SER A 12 -52.08 25.42 19.77
CA SER A 12 -51.48 25.46 18.44
C SER A 12 -49.97 25.40 18.53
N TYR A 13 -49.45 24.22 18.84
CA TYR A 13 -48.00 24.03 18.95
C TYR A 13 -47.42 23.49 17.65
N MET A 14 -46.25 24.00 17.28
CA MET A 14 -45.58 23.56 16.05
C MET A 14 -44.70 22.35 16.32
N ASP A 15 -44.08 21.83 15.26
CA ASP A 15 -43.20 20.67 15.38
C ASP A 15 -41.94 20.87 14.56
N GLU A 16 -40.84 20.30 15.04
CA GLU A 16 -39.55 20.41 14.35
C GLU A 16 -39.10 19.05 13.81
N LYS A 17 -37.98 19.05 13.10
CA LYS A 17 -37.43 17.81 12.54
C LYS A 17 -35.91 17.80 12.63
N ASN A 18 -35.33 16.61 12.75
CA ASN A 18 -33.89 16.46 12.84
C ASN A 18 -33.23 16.73 11.50
N GLY A 19 -31.89 16.75 11.49
CA GLY A 19 -31.16 17.00 10.26
C GLY A 19 -30.47 15.75 9.75
N PRO A 20 -29.99 15.82 8.49
CA PRO A 20 -29.30 14.70 7.85
C PRO A 20 -27.92 14.44 8.46
N PRO A 21 -27.33 13.29 8.11
CA PRO A 21 -26.01 12.90 8.62
C PRO A 21 -24.90 13.76 8.05
N PRO A 22 -23.69 13.63 8.63
CA PRO A 22 -23.45 12.72 9.75
C PRO A 22 -24.12 13.18 11.03
N PRO A 23 -24.17 12.30 12.03
CA PRO A 23 -24.79 12.60 13.32
C PRO A 23 -23.98 13.61 14.14
N ASN A 24 -22.71 13.75 13.78
CA ASN A 24 -21.83 14.70 14.47
C ASN A 24 -20.65 15.09 13.59
N MET A 25 -19.89 14.09 13.14
CA MET A 25 -18.74 14.34 12.28
C MET A 25 -18.21 13.03 11.70
N THR A 26 -17.26 13.15 10.77
CA THR A 26 -16.68 11.97 10.12
C THR A 26 -15.20 12.19 9.83
N THR A 27 -14.35 11.34 10.41
CA THR A 27 -12.91 11.44 10.21
C THR A 27 -12.22 10.13 10.55
N ASN A 28 -12.38 9.13 9.69
CA ASN A 28 -11.77 7.82 9.90
C ASN A 28 -11.27 7.24 8.59
N GLU A 29 -12.13 7.23 7.58
CA GLU A 29 -11.78 6.69 6.28
C GLU A 29 -10.63 7.48 5.66
N ARG A 30 -9.65 6.76 5.12
CA ARG A 30 -8.49 7.38 4.50
C ARG A 30 -8.64 7.44 2.98
N ARG A 31 -7.69 8.07 2.32
CA ARG A 31 -7.72 8.21 0.86
C ARG A 31 -7.11 6.98 0.19
N VAL A 32 -5.83 6.75 0.45
CA VAL A 32 -5.13 5.61 -0.13
C VAL A 32 -3.70 5.51 0.41
N ILE A 33 -3.31 4.30 0.81
CA ILE A 33 -1.98 4.07 1.35
C ILE A 33 -1.20 3.10 0.48
N VAL A 34 -1.91 2.20 -0.19
CA VAL A 34 -1.28 1.21 -1.06
C VAL A 34 -2.25 0.75 -2.15
N PRO A 35 -1.73 0.63 -3.38
CA PRO A 35 -2.52 0.21 -4.54
C PRO A 35 -2.93 -1.26 -4.46
N ALA A 36 -1.96 -2.12 -4.15
CA ALA A 36 -2.22 -3.56 -4.05
C ALA A 36 -0.95 -4.31 -3.66
N ASP A 37 0.02 -4.32 -4.56
CA ASP A 37 1.28 -5.01 -4.31
C ASP A 37 2.46 -4.06 -4.44
N PRO A 38 3.60 -4.43 -3.86
CA PRO A 38 4.83 -3.62 -3.91
C PRO A 38 5.44 -3.57 -5.29
N THR A 39 4.94 -4.41 -6.19
CA THR A 39 5.44 -4.46 -7.56
C THR A 39 4.79 -3.38 -8.42
N LEU A 40 3.54 -3.04 -8.11
CA LEU A 40 2.81 -2.03 -8.86
C LEU A 40 2.82 -0.70 -8.10
N TRP A 41 3.97 -0.35 -7.53
CA TRP A 41 4.11 0.90 -6.79
C TRP A 41 4.66 2.01 -7.68
N THR A 42 4.38 3.25 -7.30
CA THR A 42 4.83 4.40 -8.07
C THR A 42 5.82 5.24 -7.26
N GLN A 43 6.49 6.16 -7.94
CA GLN A 43 7.48 7.03 -7.29
C GLN A 43 6.85 7.74 -6.09
N GLU A 44 5.55 8.01 -6.18
CA GLU A 44 4.83 8.69 -5.10
C GLU A 44 4.72 7.79 -3.87
N HIS A 45 4.63 6.48 -4.11
CA HIS A 45 4.51 5.52 -3.03
C HIS A 45 5.88 5.18 -2.46
N VAL A 46 6.86 4.98 -3.34
CA VAL A 46 8.22 4.65 -2.92
C VAL A 46 8.77 5.70 -1.98
N ARG A 47 8.28 6.92 -2.11
CA ARG A 47 8.72 8.03 -1.26
C ARG A 47 7.88 8.12 0.01
N GLN A 48 6.56 8.21 -0.16
CA GLN A 48 5.66 8.31 0.96
C GLN A 48 5.88 7.17 1.95
N TRP A 49 5.95 5.95 1.43
CA TRP A 49 6.17 4.77 2.26
C TRP A 49 7.39 4.96 3.16
N LEU A 50 8.48 5.45 2.58
CA LEU A 50 9.71 5.68 3.32
C LEU A 50 9.51 6.73 4.40
N GLU A 51 9.10 7.93 3.98
CA GLU A 51 8.88 9.03 4.91
C GLU A 51 7.91 8.61 6.02
N TRP A 52 7.01 7.69 5.69
CA TRP A 52 6.03 7.20 6.66
C TRP A 52 6.69 6.26 7.66
N ALA A 53 7.40 5.26 7.14
CA ALA A 53 8.07 4.29 7.99
C ALA A 53 9.02 4.97 8.96
N ILE A 54 9.88 5.83 8.44
CA ILE A 54 10.84 6.55 9.26
C ILE A 54 10.14 7.37 10.33
N LYS A 55 8.90 7.74 10.07
CA LYS A 55 8.12 8.52 11.02
C LYS A 55 7.46 7.62 12.06
N GLU A 56 6.57 6.74 11.61
CA GLU A 56 5.88 5.82 12.49
C GLU A 56 6.87 5.06 13.37
N TYR A 57 7.69 4.24 12.71
CA TYR A 57 8.69 3.43 13.43
C TYR A 57 9.68 4.33 14.17
N SER A 58 9.85 5.55 13.67
CA SER A 58 10.77 6.51 14.28
C SER A 58 12.20 5.99 14.22
N LEU A 59 12.70 5.76 13.00
CA LEU A 59 14.06 5.27 12.81
C LEU A 59 15.08 6.39 12.95
N MET A 60 16.32 6.10 12.60
CA MET A 60 17.38 7.10 12.68
C MET A 60 18.55 6.74 11.76
N GLU A 61 19.04 7.72 11.02
CA GLU A 61 20.15 7.49 10.09
C GLU A 61 19.77 6.47 9.02
N ILE A 62 19.22 6.97 7.91
CA ILE A 62 18.81 6.10 6.82
C ILE A 62 19.03 6.78 5.47
N ASP A 63 19.54 6.02 4.50
CA ASP A 63 19.80 6.55 3.17
C ASP A 63 18.49 6.87 2.45
N THR A 64 18.43 8.04 1.83
CA THR A 64 17.23 8.47 1.12
C THR A 64 17.53 8.66 -0.36
N SER A 65 18.78 9.00 -0.68
CA SER A 65 19.19 9.22 -2.06
C SER A 65 18.85 8.01 -2.93
N PHE A 66 18.91 6.83 -2.32
CA PHE A 66 18.61 5.59 -3.04
C PHE A 66 17.11 5.48 -3.33
N PHE A 67 16.30 6.05 -2.43
CA PHE A 67 14.85 6.00 -2.60
C PHE A 67 14.32 7.32 -3.15
N GLN A 68 15.18 8.03 -3.88
CA GLN A 68 14.80 9.30 -4.47
C GLN A 68 13.97 9.11 -5.74
N ASN A 69 14.28 8.03 -6.46
CA ASN A 69 13.55 7.73 -7.69
C ASN A 69 13.74 6.26 -8.08
N MET A 70 13.62 5.37 -7.10
CA MET A 70 13.78 3.94 -7.33
C MET A 70 12.43 3.30 -7.69
N ASP A 71 12.43 2.48 -8.72
CA ASP A 71 11.21 1.79 -9.15
C ASP A 71 10.74 0.81 -8.10
N GLY A 72 9.43 0.78 -7.86
CA GLY A 72 8.87 -0.13 -6.88
C GLY A 72 9.27 -1.57 -7.11
N LYS A 73 9.53 -1.91 -8.37
CA LYS A 73 9.93 -3.27 -8.72
C LYS A 73 11.28 -3.61 -8.11
N GLU A 74 12.20 -2.65 -8.15
CA GLU A 74 13.54 -2.86 -7.60
C GLU A 74 13.48 -3.07 -6.09
N LEU A 75 12.57 -2.35 -5.43
CA LEU A 75 12.42 -2.45 -3.98
C LEU A 75 12.24 -3.90 -3.56
N CYS A 76 11.58 -4.69 -4.41
CA CYS A 76 11.34 -6.09 -4.12
C CYS A 76 12.61 -6.91 -4.35
N LYS A 77 13.32 -6.61 -5.43
CA LYS A 77 14.56 -7.32 -5.76
C LYS A 77 15.56 -7.19 -4.62
N MET A 78 15.50 -6.10 -3.88
CA MET A 78 16.40 -5.87 -2.77
C MET A 78 16.11 -6.83 -1.62
N ASN A 79 17.16 -7.45 -1.10
CA ASN A 79 17.02 -8.40 0.00
C ASN A 79 17.65 -7.85 1.27
N LYS A 80 17.73 -8.68 2.31
CA LYS A 80 18.31 -8.28 3.58
C LYS A 80 19.70 -7.69 3.38
N GLU A 81 20.39 -8.15 2.34
CA GLU A 81 21.73 -7.67 2.04
C GLU A 81 21.68 -6.32 1.32
N ASP A 82 20.93 -6.27 0.23
CA ASP A 82 20.79 -5.04 -0.55
C ASP A 82 20.28 -3.89 0.32
N PHE A 83 19.44 -4.23 1.29
CA PHE A 83 18.88 -3.23 2.19
C PHE A 83 19.88 -2.87 3.29
N LEU A 84 20.73 -3.82 3.64
CA LEU A 84 21.74 -3.60 4.68
C LEU A 84 22.70 -2.49 4.27
N ARG A 85 22.87 -2.30 2.97
CA ARG A 85 23.76 -1.27 2.45
C ARG A 85 23.14 0.12 2.62
N ALA A 86 21.82 0.17 2.62
CA ALA A 86 21.11 1.43 2.77
C ALA A 86 20.87 1.76 4.24
N THR A 87 20.47 0.75 5.00
CA THR A 87 20.21 0.93 6.43
C THR A 87 20.69 -0.27 7.23
N THR A 88 20.64 -0.15 8.55
CA THR A 88 21.09 -1.22 9.44
C THR A 88 20.11 -2.40 9.40
N LEU A 89 20.54 -3.53 9.94
CA LEU A 89 19.72 -4.73 9.96
C LEU A 89 18.43 -4.49 10.74
N TYR A 90 18.55 -3.77 11.86
CA TYR A 90 17.40 -3.46 12.70
C TYR A 90 16.30 -2.78 11.88
N ASN A 91 16.71 -2.04 10.86
CA ASN A 91 15.76 -1.34 10.00
C ASN A 91 15.38 -2.19 8.79
N THR A 92 16.36 -2.91 8.25
CA THR A 92 16.15 -3.76 7.10
C THR A 92 14.97 -4.70 7.32
N GLU A 93 14.88 -5.27 8.52
CA GLU A 93 13.80 -6.18 8.85
C GLU A 93 12.46 -5.44 8.91
N VAL A 94 12.51 -4.17 9.26
CA VAL A 94 11.30 -3.35 9.34
C VAL A 94 10.78 -2.99 7.96
N LEU A 95 11.67 -2.95 6.98
CA LEU A 95 11.29 -2.64 5.61
C LEU A 95 10.83 -3.89 4.86
N LEU A 96 11.68 -4.90 4.84
CA LEU A 96 11.36 -6.15 4.17
C LEU A 96 10.04 -6.73 4.68
N SER A 97 9.94 -6.87 6.00
CA SER A 97 8.72 -7.40 6.61
C SER A 97 7.50 -6.60 6.18
N HIS A 98 7.68 -5.30 5.99
CA HIS A 98 6.59 -4.43 5.59
C HIS A 98 6.21 -4.67 4.13
N LEU A 99 7.21 -4.91 3.30
CA LEU A 99 6.98 -5.16 1.88
C LEU A 99 6.40 -6.55 1.66
N SER A 100 6.69 -7.47 2.57
CA SER A 100 6.20 -8.83 2.48
C SER A 100 4.84 -8.96 3.17
N TYR A 101 4.60 -8.11 4.16
CA TYR A 101 3.35 -8.12 4.90
C TYR A 101 2.17 -7.76 4.00
N LEU A 102 2.37 -6.76 3.16
CA LEU A 102 1.33 -6.32 2.24
C LEU A 102 1.09 -7.36 1.15
N ARG A 103 2.14 -8.07 0.77
CA ARG A 103 2.05 -9.09 -0.26
C ARG A 103 1.05 -10.18 0.14
N GLU A 104 0.97 -10.44 1.44
CA GLU A 104 0.06 -11.45 1.96
C GLU A 104 -1.34 -10.88 2.16
N SER A 105 -1.39 -9.58 2.48
CA SER A 105 -2.66 -8.91 2.70
C SER A 105 -3.44 -8.74 1.40
N SER A 106 -2.70 -8.67 0.29
CA SER A 106 -3.32 -8.51 -1.03
C SER A 106 -4.35 -9.60 -1.28
N LEU A 107 -4.15 -10.76 -0.65
CA LEU A 107 -5.05 -11.88 -0.82
C LEU A 107 -6.49 -11.48 -0.48
N LEU A 108 -6.63 -10.48 0.39
CA LEU A 108 -7.94 -10.00 0.79
C LEU A 108 -8.54 -9.10 -0.29
N ALA A 109 -7.69 -8.39 -1.01
CA ALA A 109 -8.14 -7.49 -2.07
C ALA A 109 -8.94 -8.26 -3.13
N TYR A 110 -8.53 -9.48 -3.39
CA TYR A 110 -9.22 -10.31 -4.38
C TYR A 110 -10.70 -10.41 -4.07
N ASN A 111 -11.53 -10.05 -5.05
CA ASN A 111 -12.98 -10.09 -4.88
C ASN A 111 -13.55 -11.36 -5.51
N THR A 112 -14.87 -11.51 -5.41
CA THR A 112 -15.55 -12.68 -5.97
C THR A 112 -15.00 -13.97 -5.39
N THR A 113 -15.59 -15.10 -5.79
CA THR A 113 -15.15 -16.40 -5.30
C THR A 113 -15.58 -17.51 -6.26
N SER A 114 -15.07 -18.71 -6.02
CA SER A 114 -15.39 -19.87 -6.87
C SER A 114 -16.83 -20.32 -6.65
N HIS A 115 -17.69 -20.03 -7.62
CA HIS A 115 -19.09 -20.41 -7.53
C HIS A 115 -19.79 -20.22 -8.87
N THR A 116 -19.78 -21.26 -9.70
CA THR A 116 -20.42 -21.20 -11.01
C THR A 116 -21.91 -21.49 -10.91
N ASP A 117 -22.71 -20.53 -11.35
CA ASP A 117 -24.17 -20.68 -11.31
C ASP A 117 -24.74 -20.84 -12.71
N GLN A 118 -25.55 -21.87 -12.90
CA GLN A 118 -26.16 -22.14 -14.21
C GLN A 118 -27.26 -21.13 -14.51
N SER A 119 -27.64 -21.03 -15.78
CA SER A 119 -28.68 -20.11 -16.21
C SER A 119 -29.89 -20.86 -16.75
N SER A 120 -31.06 -20.57 -16.19
CA SER A 120 -32.29 -21.22 -16.62
C SER A 120 -33.47 -20.25 -16.55
N ARG A 121 -34.31 -20.28 -17.58
CA ARG A 121 -35.47 -19.40 -17.64
C ARG A 121 -36.75 -20.21 -17.84
N LEU A 122 -37.79 -19.87 -17.09
CA LEU A 122 -39.06 -20.56 -17.18
C LEU A 122 -39.78 -20.21 -18.49
N SER A 123 -40.47 -21.19 -19.06
CA SER A 123 -41.19 -20.99 -20.31
C SER A 123 -42.46 -20.18 -20.07
N VAL A 124 -42.57 -19.04 -20.74
CA VAL A 124 -43.74 -18.17 -20.61
C VAL A 124 -44.08 -17.52 -21.94
N LYS A 125 -45.37 -17.54 -22.29
CA LYS A 125 -45.83 -16.95 -23.53
C LYS A 125 -45.05 -17.49 -24.72
N GLU A 126 -45.20 -18.78 -24.99
CA GLU A 126 -44.49 -19.42 -26.10
C GLU A 126 -45.16 -19.09 -27.43
N ASP A 127 -44.65 -18.08 -28.12
CA ASP A 127 -45.21 -17.67 -29.41
C ASP A 127 -46.70 -17.38 -29.28
N PRO A 128 -47.04 -16.28 -28.59
CA PRO A 128 -48.42 -15.87 -28.38
C PRO A 128 -49.09 -15.37 -29.66
N GLY A 1 39.89 8.13 31.70
CA GLY A 1 39.79 8.50 30.31
C GLY A 1 38.55 7.94 29.65
N SER A 2 37.68 8.81 29.16
CA SER A 2 36.45 8.40 28.50
C SER A 2 36.03 9.40 27.44
N SER A 3 34.84 9.20 26.87
CA SER A 3 34.33 10.08 25.83
C SER A 3 35.24 10.09 24.61
N GLY A 4 34.88 10.88 23.61
CA GLY A 4 35.68 10.96 22.40
C GLY A 4 35.02 10.27 21.22
N SER A 5 35.00 10.95 20.09
CA SER A 5 34.38 10.41 18.88
C SER A 5 34.83 11.18 17.64
N SER A 6 34.70 10.55 16.48
CA SER A 6 35.10 11.18 15.22
C SER A 6 34.20 10.72 14.08
N GLY A 7 34.50 11.19 12.88
CA GLY A 7 33.71 10.81 11.71
C GLY A 7 33.41 11.98 10.81
N MET A 8 33.35 11.73 9.50
CA MET A 8 33.07 12.79 8.53
C MET A 8 32.64 12.19 7.20
N ASN A 9 31.82 12.92 6.46
CA ASN A 9 31.33 12.47 5.17
C ASN A 9 30.75 13.62 4.36
N TYR A 10 30.99 13.61 3.05
CA TYR A 10 30.50 14.67 2.18
C TYR A 10 29.49 14.11 1.17
N ASN A 11 28.31 14.70 1.13
CA ASN A 11 27.26 14.25 0.21
C ASN A 11 26.23 15.36 -0.01
N SER A 12 26.32 16.02 -1.17
CA SER A 12 25.39 17.10 -1.50
C SER A 12 25.13 17.14 -3.00
N TYR A 13 24.62 16.03 -3.53
CA TYR A 13 24.33 15.93 -4.96
C TYR A 13 22.84 16.14 -5.22
N MET A 14 22.46 16.13 -6.49
CA MET A 14 21.07 16.30 -6.88
C MET A 14 20.78 15.66 -8.23
N ASP A 15 19.61 15.07 -8.36
CA ASP A 15 19.22 14.42 -9.62
C ASP A 15 17.77 13.96 -9.55
N GLU A 16 16.93 14.56 -10.40
CA GLU A 16 15.51 14.20 -10.45
C GLU A 16 15.11 13.74 -11.84
N LYS A 17 14.17 12.80 -11.90
CA LYS A 17 13.69 12.27 -13.17
C LYS A 17 12.52 13.10 -13.70
N ASN A 18 12.81 13.98 -14.65
CA ASN A 18 11.78 14.84 -15.24
C ASN A 18 11.17 14.17 -16.47
N GLY A 19 9.86 13.95 -16.41
CA GLY A 19 9.16 13.32 -17.52
C GLY A 19 8.41 14.32 -18.38
N PRO A 20 7.95 13.86 -19.55
CA PRO A 20 7.21 14.72 -20.49
C PRO A 20 5.83 15.10 -19.97
N PRO A 21 5.19 16.07 -20.64
CA PRO A 21 3.85 16.56 -20.26
C PRO A 21 2.77 15.52 -20.53
N PRO A 22 1.56 15.78 -19.99
CA PRO A 22 1.29 16.97 -19.20
C PRO A 22 1.98 16.94 -17.85
N PRO A 23 2.00 18.10 -17.15
CA PRO A 23 2.63 18.21 -15.84
C PRO A 23 1.86 17.47 -14.75
N ASN A 24 2.60 16.70 -13.94
CA ASN A 24 1.99 15.94 -12.86
C ASN A 24 2.12 16.67 -11.53
N MET A 25 3.34 17.00 -11.16
CA MET A 25 3.60 17.71 -9.91
C MET A 25 3.15 16.88 -8.72
N THR A 26 3.26 17.46 -7.52
CA THR A 26 2.86 16.76 -6.29
C THR A 26 2.32 17.75 -5.27
N THR A 27 1.07 18.17 -5.45
CA THR A 27 0.44 19.12 -4.53
C THR A 27 -0.10 18.40 -3.30
N ASN A 28 -1.20 17.67 -3.47
CA ASN A 28 -1.82 16.94 -2.38
C ASN A 28 -2.41 15.62 -2.87
N GLU A 29 -2.28 14.58 -2.06
CA GLU A 29 -2.80 13.27 -2.41
C GLU A 29 -2.69 12.30 -1.23
N ARG A 30 -3.63 12.39 -0.30
CA ARG A 30 -3.64 11.53 0.88
C ARG A 30 -4.96 10.77 0.99
N ARG A 31 -5.10 9.71 0.21
CA ARG A 31 -6.31 8.90 0.22
C ARG A 31 -6.01 7.46 -0.15
N VAL A 32 -4.78 7.01 0.13
CA VAL A 32 -4.38 5.66 -0.19
C VAL A 32 -2.99 5.36 0.37
N ILE A 33 -2.83 4.18 0.95
CA ILE A 33 -1.54 3.77 1.52
C ILE A 33 -0.79 2.83 0.57
N VAL A 34 -1.54 2.04 -0.18
CA VAL A 34 -0.95 1.10 -1.13
C VAL A 34 -1.92 0.78 -2.26
N PRO A 35 -1.38 0.73 -3.50
CA PRO A 35 -2.18 0.44 -4.69
C PRO A 35 -2.65 -1.01 -4.72
N ALA A 36 -1.72 -1.94 -4.49
CA ALA A 36 -2.04 -3.36 -4.49
C ALA A 36 -0.82 -4.20 -4.14
N ASP A 37 0.12 -4.28 -5.09
CA ASP A 37 1.34 -5.06 -4.88
C ASP A 37 2.56 -4.15 -4.95
N PRO A 38 3.68 -4.65 -4.40
CA PRO A 38 4.95 -3.89 -4.37
C PRO A 38 5.57 -3.78 -5.76
N THR A 39 5.09 -4.60 -6.69
CA THR A 39 5.61 -4.59 -8.06
C THR A 39 4.95 -3.49 -8.88
N LEU A 40 3.73 -3.12 -8.50
CA LEU A 40 2.98 -2.08 -9.20
C LEU A 40 2.94 -0.79 -8.38
N TRP A 41 4.10 -0.38 -7.89
CA TRP A 41 4.20 0.85 -7.09
C TRP A 41 4.64 2.02 -7.95
N THR A 42 4.37 3.24 -7.47
CA THR A 42 4.74 4.44 -8.19
C THR A 42 5.82 5.21 -7.46
N GLN A 43 6.35 6.25 -8.11
CA GLN A 43 7.40 7.07 -7.51
C GLN A 43 6.91 7.74 -6.24
N GLU A 44 5.61 7.97 -6.15
CA GLU A 44 5.01 8.62 -4.99
C GLU A 44 4.86 7.62 -3.84
N HIS A 45 4.68 6.35 -4.19
CA HIS A 45 4.53 5.30 -3.19
C HIS A 45 5.88 4.91 -2.59
N VAL A 46 6.93 5.12 -3.35
CA VAL A 46 8.28 4.79 -2.91
C VAL A 46 8.87 5.92 -2.06
N ARG A 47 8.39 7.14 -2.30
CA ARG A 47 8.87 8.31 -1.56
C ARG A 47 8.03 8.53 -0.32
N GLN A 48 6.75 8.18 -0.39
CA GLN A 48 5.84 8.36 0.74
C GLN A 48 6.06 7.27 1.79
N TRP A 49 6.06 6.02 1.35
CA TRP A 49 6.26 4.89 2.24
C TRP A 49 7.53 5.08 3.08
N LEU A 50 8.57 5.59 2.45
CA LEU A 50 9.84 5.82 3.13
C LEU A 50 9.66 6.80 4.29
N GLU A 51 9.38 8.06 3.97
CA GLU A 51 9.19 9.09 4.98
C GLU A 51 8.17 8.64 6.02
N TRP A 52 7.15 7.92 5.56
CA TRP A 52 6.10 7.43 6.44
C TRP A 52 6.66 6.47 7.49
N ALA A 53 7.32 5.42 7.02
CA ALA A 53 7.92 4.43 7.91
C ALA A 53 8.84 5.10 8.93
N ILE A 54 9.75 5.93 8.44
CA ILE A 54 10.70 6.62 9.30
C ILE A 54 9.96 7.45 10.36
N LYS A 55 8.73 7.84 10.05
CA LYS A 55 7.93 8.63 10.97
C LYS A 55 7.19 7.73 11.97
N GLU A 56 6.33 6.88 11.44
CA GLU A 56 5.56 5.95 12.29
C GLU A 56 6.49 5.13 13.17
N TYR A 57 7.30 4.29 12.54
CA TYR A 57 8.24 3.44 13.28
C TYR A 57 9.23 4.28 14.06
N SER A 58 9.48 5.50 13.59
CA SER A 58 10.42 6.40 14.24
C SER A 58 11.82 5.82 14.23
N LEU A 59 12.33 5.55 13.03
CA LEU A 59 13.67 4.99 12.88
C LEU A 59 14.73 6.07 13.05
N MET A 60 15.98 5.73 12.74
CA MET A 60 17.09 6.67 12.84
C MET A 60 18.26 6.22 11.99
N GLU A 61 18.97 7.19 11.41
CA GLU A 61 20.13 6.89 10.57
C GLU A 61 19.72 6.01 9.38
N ILE A 62 19.19 6.64 8.34
CA ILE A 62 18.77 5.93 7.15
C ILE A 62 18.96 6.77 5.90
N ASP A 63 19.38 6.13 4.81
CA ASP A 63 19.59 6.82 3.55
C ASP A 63 18.28 7.07 2.83
N THR A 64 18.09 8.30 2.34
CA THR A 64 16.88 8.67 1.64
C THR A 64 17.11 8.76 0.13
N SER A 65 18.33 9.14 -0.24
CA SER A 65 18.70 9.28 -1.65
C SER A 65 18.63 7.92 -2.36
N PHE A 66 18.91 6.86 -1.60
CA PHE A 66 18.89 5.51 -2.15
C PHE A 66 17.53 5.19 -2.76
N PHE A 67 16.49 5.83 -2.24
CA PHE A 67 15.13 5.61 -2.73
C PHE A 67 14.64 6.82 -3.53
N GLN A 68 15.59 7.56 -4.11
CA GLN A 68 15.25 8.74 -4.89
C GLN A 68 14.33 8.39 -6.05
N ASN A 69 14.89 7.73 -7.06
CA ASN A 69 14.11 7.33 -8.23
C ASN A 69 14.08 5.81 -8.37
N MET A 70 14.24 5.11 -7.25
CA MET A 70 14.23 3.66 -7.24
C MET A 70 12.88 3.13 -7.74
N ASP A 71 12.94 2.20 -8.69
CA ASP A 71 11.72 1.61 -9.25
C ASP A 71 11.00 0.78 -8.20
N GLY A 72 9.67 0.91 -8.17
CA GLY A 72 8.88 0.17 -7.21
C GLY A 72 9.13 -1.32 -7.28
N LYS A 73 9.50 -1.80 -8.45
CA LYS A 73 9.77 -3.22 -8.66
C LYS A 73 11.10 -3.61 -8.03
N GLU A 74 12.02 -2.65 -7.93
CA GLU A 74 13.32 -2.89 -7.34
C GLU A 74 13.23 -3.03 -5.83
N LEU A 75 12.22 -2.39 -5.24
CA LEU A 75 12.02 -2.43 -3.79
C LEU A 75 11.90 -3.88 -3.32
N CYS A 76 10.94 -4.60 -3.87
CA CYS A 76 10.72 -6.00 -3.50
C CYS A 76 11.92 -6.86 -3.90
N LYS A 77 12.63 -6.42 -4.93
CA LYS A 77 13.79 -7.15 -5.42
C LYS A 77 14.94 -7.09 -4.42
N MET A 78 15.09 -5.94 -3.76
CA MET A 78 16.14 -5.75 -2.77
C MET A 78 16.04 -6.79 -1.66
N ASN A 79 17.18 -7.39 -1.31
CA ASN A 79 17.22 -8.41 -0.26
C ASN A 79 17.83 -7.85 1.01
N LYS A 80 18.01 -8.71 2.01
CA LYS A 80 18.59 -8.30 3.28
C LYS A 80 19.94 -7.63 3.08
N GLU A 81 20.63 -8.01 2.01
CA GLU A 81 21.94 -7.44 1.70
C GLU A 81 21.80 -6.06 1.06
N ASP A 82 21.05 -6.01 -0.04
CA ASP A 82 20.83 -4.75 -0.75
C ASP A 82 20.32 -3.68 0.19
N PHE A 83 19.49 -4.08 1.15
CA PHE A 83 18.91 -3.15 2.11
C PHE A 83 19.93 -2.80 3.19
N LEU A 84 20.76 -3.77 3.56
CA LEU A 84 21.78 -3.55 4.58
C LEU A 84 22.69 -2.39 4.21
N ARG A 85 22.89 -2.20 2.91
CA ARG A 85 23.74 -1.12 2.42
C ARG A 85 23.06 0.22 2.60
N ALA A 86 21.73 0.22 2.62
CA ALA A 86 20.97 1.45 2.78
C ALA A 86 20.74 1.76 4.26
N THR A 87 20.46 0.72 5.04
CA THR A 87 20.21 0.89 6.47
C THR A 87 20.73 -0.32 7.25
N THR A 88 20.70 -0.21 8.57
CA THR A 88 21.16 -1.29 9.44
C THR A 88 20.20 -2.47 9.41
N LEU A 89 20.69 -3.64 9.79
CA LEU A 89 19.87 -4.85 9.80
C LEU A 89 18.60 -4.63 10.62
N TYR A 90 18.74 -3.94 11.74
CA TYR A 90 17.60 -3.66 12.61
C TYR A 90 16.47 -2.99 11.84
N ASN A 91 16.84 -2.23 10.82
CA ASN A 91 15.86 -1.52 10.00
C ASN A 91 15.45 -2.38 8.80
N THR A 92 16.41 -3.09 8.23
CA THR A 92 16.15 -3.95 7.08
C THR A 92 15.04 -4.94 7.37
N GLU A 93 14.94 -5.37 8.63
CA GLU A 93 13.91 -6.32 9.04
C GLU A 93 12.56 -5.63 9.13
N VAL A 94 12.56 -4.34 9.39
CA VAL A 94 11.33 -3.57 9.52
C VAL A 94 10.79 -3.19 8.15
N LEU A 95 11.68 -3.06 7.17
CA LEU A 95 11.28 -2.71 5.81
C LEU A 95 10.80 -3.93 5.04
N LEU A 96 11.68 -4.93 4.91
CA LEU A 96 11.34 -6.16 4.20
C LEU A 96 10.05 -6.77 4.74
N SER A 97 9.97 -6.88 6.07
CA SER A 97 8.80 -7.44 6.71
C SER A 97 7.53 -6.72 6.26
N HIS A 98 7.56 -5.39 6.29
CA HIS A 98 6.42 -4.58 5.90
C HIS A 98 6.08 -4.82 4.43
N LEU A 99 7.10 -4.83 3.58
CA LEU A 99 6.91 -5.05 2.15
C LEU A 99 6.34 -6.44 1.88
N SER A 100 6.61 -7.37 2.79
CA SER A 100 6.14 -8.74 2.65
C SER A 100 4.74 -8.89 3.26
N TYR A 101 4.43 -8.04 4.23
CA TYR A 101 3.13 -8.08 4.89
C TYR A 101 2.02 -7.74 3.91
N LEU A 102 2.33 -6.90 2.94
CA LEU A 102 1.35 -6.49 1.93
C LEU A 102 1.01 -7.66 1.00
N ARG A 103 2.04 -8.39 0.60
CA ARG A 103 1.85 -9.53 -0.30
C ARG A 103 0.87 -10.54 0.29
N GLU A 104 0.84 -10.61 1.62
CA GLU A 104 -0.05 -11.54 2.31
C GLU A 104 -1.50 -11.03 2.28
N SER A 105 -1.64 -9.71 2.19
CA SER A 105 -2.97 -9.09 2.15
C SER A 105 -3.69 -9.44 0.85
N SER A 106 -2.92 -9.71 -0.20
CA SER A 106 -3.49 -10.06 -1.50
C SER A 106 -4.45 -11.24 -1.37
N LEU A 107 -4.21 -12.08 -0.37
CA LEU A 107 -5.06 -13.25 -0.14
C LEU A 107 -6.52 -12.85 -0.01
N LEU A 108 -6.75 -11.62 0.44
CA LEU A 108 -8.11 -11.11 0.61
C LEU A 108 -8.71 -10.71 -0.74
N ALA A 109 -7.86 -10.29 -1.66
CA ALA A 109 -8.31 -9.88 -2.98
C ALA A 109 -9.12 -10.98 -3.66
N TYR A 110 -8.75 -12.23 -3.39
CA TYR A 110 -9.44 -13.37 -3.96
C TYR A 110 -10.93 -13.35 -3.61
N ASN A 111 -11.75 -12.92 -4.56
CA ASN A 111 -13.19 -12.85 -4.34
C ASN A 111 -13.94 -13.16 -5.63
N THR A 112 -13.61 -14.28 -6.26
CA THR A 112 -14.26 -14.68 -7.50
C THR A 112 -15.75 -14.92 -7.29
N THR A 113 -16.58 -14.20 -8.04
CA THR A 113 -18.03 -14.33 -7.94
C THR A 113 -18.72 -13.72 -9.15
N SER A 114 -18.33 -12.50 -9.50
CA SER A 114 -18.91 -11.80 -10.63
C SER A 114 -17.94 -10.78 -11.21
N HIS A 115 -18.00 -10.58 -12.52
CA HIS A 115 -17.12 -9.63 -13.20
C HIS A 115 -17.94 -8.61 -13.99
N THR A 116 -17.91 -7.36 -13.54
CA THR A 116 -18.64 -6.28 -14.20
C THR A 116 -17.69 -5.22 -14.73
N ASP A 117 -18.05 -4.62 -15.87
CA ASP A 117 -17.24 -3.58 -16.47
C ASP A 117 -17.98 -2.26 -16.53
N GLN A 118 -18.12 -1.61 -15.37
CA GLN A 118 -18.81 -0.33 -15.29
C GLN A 118 -17.85 0.80 -14.93
N SER A 119 -16.94 1.11 -15.84
CA SER A 119 -15.96 2.17 -15.61
C SER A 119 -16.15 3.31 -16.60
N SER A 120 -17.41 3.70 -16.82
CA SER A 120 -17.73 4.78 -17.74
C SER A 120 -18.10 6.05 -16.98
N ARG A 121 -17.11 6.89 -16.73
CA ARG A 121 -17.33 8.14 -16.01
C ARG A 121 -16.92 9.34 -16.86
N LEU A 122 -17.62 10.46 -16.68
CA LEU A 122 -17.32 11.67 -17.44
C LEU A 122 -16.65 12.71 -16.55
N SER A 123 -15.34 12.86 -16.72
CA SER A 123 -14.58 13.83 -15.93
C SER A 123 -14.79 15.24 -16.45
N VAL A 124 -14.34 16.23 -15.69
CA VAL A 124 -14.47 17.63 -16.07
C VAL A 124 -13.11 18.32 -16.06
N LYS A 125 -13.08 19.53 -16.62
CA LYS A 125 -11.85 20.31 -16.69
C LYS A 125 -12.14 21.77 -17.02
N GLU A 126 -11.44 22.67 -16.35
CA GLU A 126 -11.63 24.10 -16.57
C GLU A 126 -10.41 24.70 -17.27
N ASP A 127 -10.60 25.89 -17.85
CA ASP A 127 -9.52 26.57 -18.55
C ASP A 127 -9.98 27.93 -19.08
N PRO A 128 -9.03 28.82 -19.37
CA PRO A 128 -9.32 30.15 -19.89
C PRO A 128 -9.85 30.12 -21.32
N GLY A 1 0.67 -28.10 57.28
CA GLY A 1 0.20 -29.39 57.75
C GLY A 1 -1.14 -29.77 57.16
N SER A 2 -2.17 -29.00 57.49
CA SER A 2 -3.52 -29.27 56.98
C SER A 2 -3.57 -29.12 55.47
N SER A 3 -3.23 -27.93 54.98
CA SER A 3 -3.24 -27.66 53.56
C SER A 3 -2.11 -26.71 53.17
N GLY A 4 -1.95 -26.47 51.87
CA GLY A 4 -0.90 -25.60 51.40
C GLY A 4 -1.21 -24.13 51.66
N SER A 5 -0.18 -23.36 51.96
CA SER A 5 -0.35 -21.93 52.24
C SER A 5 0.79 -21.12 51.62
N SER A 6 0.77 -21.01 50.29
CA SER A 6 1.80 -20.26 49.57
C SER A 6 1.18 -19.15 48.75
N GLY A 7 1.89 -18.02 48.67
CA GLY A 7 1.39 -16.89 47.90
C GLY A 7 1.59 -17.06 46.41
N MET A 8 1.03 -16.15 45.63
CA MET A 8 1.15 -16.20 44.18
C MET A 8 0.82 -14.85 43.55
N ASN A 9 1.79 -14.30 42.82
CA ASN A 9 1.61 -13.00 42.16
C ASN A 9 0.88 -13.17 40.83
N TYR A 10 0.48 -12.04 40.24
CA TYR A 10 -0.22 -12.06 38.97
C TYR A 10 -0.30 -10.66 38.37
N ASN A 11 -0.23 -10.58 37.04
CA ASN A 11 -0.30 -9.30 36.35
C ASN A 11 -1.34 -9.33 35.24
N SER A 12 -1.71 -8.16 34.75
CA SER A 12 -2.71 -8.05 33.69
C SER A 12 -2.04 -7.72 32.35
N TYR A 13 -2.83 -7.78 31.28
CA TYR A 13 -2.34 -7.49 29.94
C TYR A 13 -2.94 -6.21 29.40
N MET A 14 -2.19 -5.52 28.54
CA MET A 14 -2.66 -4.27 27.94
C MET A 14 -2.42 -4.28 26.43
N ASP A 15 -3.30 -3.61 25.70
CA ASP A 15 -3.18 -3.53 24.25
C ASP A 15 -3.03 -2.08 23.79
N GLU A 16 -2.34 -1.89 22.67
CA GLU A 16 -2.11 -0.56 22.13
C GLU A 16 -2.55 -0.48 20.66
N LYS A 17 -3.19 0.61 20.30
CA LYS A 17 -3.66 0.81 18.94
C LYS A 17 -3.82 2.30 18.62
N ASN A 18 -4.34 2.59 17.43
CA ASN A 18 -4.54 3.97 17.02
C ASN A 18 -5.93 4.47 17.44
N GLY A 19 -5.94 5.51 18.28
CA GLY A 19 -7.20 6.06 18.75
C GLY A 19 -8.12 6.44 17.61
N PRO A 20 -9.32 6.92 17.96
CA PRO A 20 -10.33 7.34 16.98
C PRO A 20 -9.93 8.61 16.24
N PRO A 21 -10.65 8.93 15.17
CA PRO A 21 -10.39 10.12 14.36
C PRO A 21 -10.76 11.41 15.10
N PRO A 22 -10.34 12.56 14.53
CA PRO A 22 -9.57 12.59 13.28
C PRO A 22 -8.16 12.04 13.47
N PRO A 23 -7.47 11.80 12.34
CA PRO A 23 -6.11 11.27 12.34
C PRO A 23 -5.09 12.29 12.85
N ASN A 24 -3.82 11.93 12.80
CA ASN A 24 -2.74 12.82 13.26
C ASN A 24 -2.79 14.16 12.51
N MET A 25 -2.72 14.09 11.19
CA MET A 25 -2.75 15.29 10.36
C MET A 25 -2.99 14.94 8.91
N THR A 26 -2.00 14.31 8.28
CA THR A 26 -2.11 13.92 6.88
C THR A 26 -1.45 12.57 6.64
N THR A 27 -1.61 11.66 7.60
CA THR A 27 -1.03 10.32 7.49
C THR A 27 -1.87 9.43 6.58
N ASN A 28 -3.17 9.71 6.52
CA ASN A 28 -4.09 8.93 5.70
C ASN A 28 -5.31 9.76 5.32
N GLU A 29 -6.07 10.17 6.32
CA GLU A 29 -7.27 10.97 6.08
C GLU A 29 -8.22 10.26 5.12
N ARG A 30 -8.14 8.94 5.09
CA ARG A 30 -8.99 8.14 4.22
C ARG A 30 -8.82 8.57 2.77
N ARG A 31 -7.79 8.04 2.11
CA ARG A 31 -7.53 8.38 0.71
C ARG A 31 -6.89 7.20 -0.01
N VAL A 32 -5.63 6.93 0.29
CA VAL A 32 -4.90 5.84 -0.33
C VAL A 32 -3.53 5.65 0.30
N ILE A 33 -3.24 4.43 0.75
CA ILE A 33 -1.96 4.12 1.37
C ILE A 33 -1.14 3.18 0.50
N VAL A 34 -1.83 2.30 -0.22
CA VAL A 34 -1.17 1.34 -1.09
C VAL A 34 -2.07 0.93 -2.25
N PRO A 35 -1.48 0.84 -3.46
CA PRO A 35 -2.22 0.47 -4.67
C PRO A 35 -2.64 -1.00 -4.65
N ALA A 36 -1.69 -1.88 -4.34
CA ALA A 36 -1.96 -3.31 -4.28
C ALA A 36 -0.72 -4.09 -3.86
N ASP A 37 0.23 -4.22 -4.77
CA ASP A 37 1.47 -4.95 -4.49
C ASP A 37 2.67 -4.02 -4.56
N PRO A 38 3.78 -4.44 -3.94
CA PRO A 38 5.02 -3.65 -3.92
C PRO A 38 5.70 -3.58 -5.28
N THR A 39 5.29 -4.49 -6.17
CA THR A 39 5.86 -4.53 -7.52
C THR A 39 5.25 -3.45 -8.40
N LEU A 40 3.99 -3.13 -8.15
CA LEU A 40 3.29 -2.12 -8.92
C LEU A 40 3.23 -0.80 -8.16
N TRP A 41 4.37 -0.36 -7.65
CA TRP A 41 4.45 0.89 -6.90
C TRP A 41 4.98 2.02 -7.77
N THR A 42 4.73 3.26 -7.35
CA THR A 42 5.18 4.42 -8.10
C THR A 42 6.14 5.27 -7.27
N GLN A 43 6.79 6.22 -7.91
CA GLN A 43 7.74 7.11 -7.23
C GLN A 43 7.08 7.82 -6.06
N GLU A 44 5.76 7.98 -6.14
CA GLU A 44 5.00 8.64 -5.08
C GLU A 44 4.83 7.72 -3.88
N HIS A 45 4.82 6.41 -4.14
CA HIS A 45 4.66 5.42 -3.08
C HIS A 45 6.00 5.06 -2.47
N VAL A 46 7.06 5.16 -3.27
CA VAL A 46 8.40 4.83 -2.81
C VAL A 46 8.92 5.90 -1.84
N ARG A 47 8.47 7.13 -2.04
CA ARG A 47 8.89 8.24 -1.19
C ARG A 47 7.95 8.40 0.01
N GLN A 48 6.65 8.37 -0.26
CA GLN A 48 5.66 8.51 0.81
C GLN A 48 5.82 7.41 1.85
N TRP A 49 5.92 6.17 1.38
CA TRP A 49 6.09 5.03 2.28
C TRP A 49 7.25 5.25 3.24
N LEU A 50 8.42 5.52 2.69
CA LEU A 50 9.62 5.75 3.51
C LEU A 50 9.37 6.88 4.51
N GLU A 51 9.00 8.05 4.00
CA GLU A 51 8.73 9.20 4.86
C GLU A 51 7.75 8.84 5.96
N TRP A 52 6.84 7.92 5.67
CA TRP A 52 5.84 7.49 6.64
C TRP A 52 6.46 6.55 7.67
N ALA A 53 7.25 5.59 7.20
CA ALA A 53 7.90 4.63 8.07
C ALA A 53 8.86 5.33 9.03
N ILE A 54 9.76 6.14 8.47
CA ILE A 54 10.73 6.87 9.28
C ILE A 54 10.06 7.64 10.40
N LYS A 55 8.82 8.06 10.16
CA LYS A 55 8.05 8.80 11.15
C LYS A 55 7.36 7.87 12.14
N GLU A 56 6.45 7.04 11.61
CA GLU A 56 5.72 6.10 12.45
C GLU A 56 6.68 5.26 13.27
N TYR A 57 7.47 4.43 12.59
CA TYR A 57 8.42 3.56 13.27
C TYR A 57 9.45 4.38 14.04
N SER A 58 9.68 5.61 13.60
CA SER A 58 10.64 6.50 14.24
C SER A 58 12.05 5.91 14.17
N LEU A 59 12.48 5.57 12.96
CA LEU A 59 13.81 5.00 12.74
C LEU A 59 14.89 6.05 12.99
N MET A 60 16.13 5.70 12.66
CA MET A 60 17.25 6.62 12.84
C MET A 60 18.37 6.30 11.86
N GLU A 61 18.76 7.31 11.09
CA GLU A 61 19.83 7.14 10.10
C GLU A 61 19.43 6.10 9.05
N ILE A 62 18.88 6.58 7.94
CA ILE A 62 18.46 5.70 6.86
C ILE A 62 18.65 6.36 5.50
N ASP A 63 19.16 5.60 4.54
CA ASP A 63 19.39 6.11 3.19
C ASP A 63 18.09 6.53 2.54
N THR A 64 18.09 7.71 1.93
CA THR A 64 16.90 8.23 1.27
C THR A 64 17.13 8.41 -0.23
N SER A 65 18.35 8.79 -0.59
CA SER A 65 18.70 8.98 -1.99
C SER A 65 18.42 7.73 -2.82
N PHE A 66 18.47 6.58 -2.15
CA PHE A 66 18.22 5.31 -2.82
C PHE A 66 16.73 5.12 -3.09
N PHE A 67 15.90 5.75 -2.26
CA PHE A 67 14.45 5.66 -2.41
C PHE A 67 13.87 6.99 -2.87
N GLN A 68 14.68 7.78 -3.56
CA GLN A 68 14.23 9.07 -4.07
C GLN A 68 13.60 8.93 -5.45
N ASN A 69 14.10 7.97 -6.22
CA ASN A 69 13.58 7.75 -7.57
C ASN A 69 13.87 6.32 -8.02
N MET A 70 13.42 5.35 -7.22
CA MET A 70 13.63 3.95 -7.54
C MET A 70 12.31 3.28 -7.92
N ASP A 71 12.36 2.42 -8.94
CA ASP A 71 11.17 1.71 -9.40
C ASP A 71 10.67 0.75 -8.33
N GLY A 72 9.35 0.71 -8.15
CA GLY A 72 8.76 -0.17 -7.16
C GLY A 72 9.21 -1.61 -7.34
N LYS A 73 9.55 -1.98 -8.57
CA LYS A 73 9.99 -3.33 -8.86
C LYS A 73 11.36 -3.61 -8.24
N GLU A 74 12.18 -2.57 -8.14
CA GLU A 74 13.52 -2.70 -7.57
C GLU A 74 13.43 -2.94 -6.06
N LEU A 75 12.49 -2.25 -5.41
CA LEU A 75 12.31 -2.37 -3.97
C LEU A 75 12.16 -3.84 -3.56
N CYS A 76 11.59 -4.64 -4.46
CA CYS A 76 11.39 -6.07 -4.20
C CYS A 76 12.70 -6.83 -4.33
N LYS A 77 13.47 -6.50 -5.36
CA LYS A 77 14.75 -7.16 -5.60
C LYS A 77 15.68 -6.98 -4.41
N MET A 78 15.54 -5.86 -3.71
CA MET A 78 16.38 -5.57 -2.55
C MET A 78 16.16 -6.61 -1.46
N ASN A 79 17.19 -7.41 -1.20
CA ASN A 79 17.11 -8.45 -0.18
C ASN A 79 17.77 -7.98 1.12
N LYS A 80 17.90 -8.90 2.07
CA LYS A 80 18.51 -8.59 3.36
C LYS A 80 19.88 -7.94 3.17
N GLU A 81 20.57 -8.32 2.10
CA GLU A 81 21.89 -7.78 1.80
C GLU A 81 21.78 -6.41 1.15
N ASP A 82 21.01 -6.35 0.06
CA ASP A 82 20.83 -5.10 -0.67
C ASP A 82 20.37 -3.99 0.26
N PHE A 83 19.41 -4.30 1.13
CA PHE A 83 18.89 -3.32 2.09
C PHE A 83 19.92 -3.01 3.16
N LEU A 84 20.72 -4.01 3.53
CA LEU A 84 21.75 -3.84 4.54
C LEU A 84 22.72 -2.73 4.15
N ARG A 85 22.86 -2.50 2.85
CA ARG A 85 23.75 -1.46 2.35
C ARG A 85 23.15 -0.07 2.58
N ALA A 86 21.84 0.01 2.51
CA ALA A 86 21.15 1.28 2.71
C ALA A 86 20.96 1.58 4.19
N THR A 87 20.58 0.56 4.96
CA THR A 87 20.36 0.72 6.39
C THR A 87 20.84 -0.52 7.15
N THR A 88 20.82 -0.43 8.48
CA THR A 88 21.26 -1.53 9.32
C THR A 88 20.27 -2.69 9.27
N LEU A 89 20.65 -3.82 9.87
CA LEU A 89 19.79 -4.99 9.89
C LEU A 89 18.51 -4.72 10.67
N TYR A 90 18.64 -4.02 11.80
CA TYR A 90 17.49 -3.70 12.64
C TYR A 90 16.44 -2.94 11.84
N ASN A 91 16.88 -2.17 10.85
CA ASN A 91 15.97 -1.40 10.02
C ASN A 91 15.52 -2.21 8.80
N THR A 92 16.43 -3.01 8.26
CA THR A 92 16.13 -3.83 7.10
C THR A 92 14.97 -4.78 7.40
N GLU A 93 14.88 -5.23 8.64
CA GLU A 93 13.82 -6.14 9.04
C GLU A 93 12.48 -5.42 9.13
N VAL A 94 12.53 -4.11 9.42
CA VAL A 94 11.32 -3.30 9.53
C VAL A 94 10.79 -2.93 8.15
N LEU A 95 11.67 -2.91 7.16
CA LEU A 95 11.29 -2.56 5.79
C LEU A 95 10.80 -3.79 5.04
N LEU A 96 11.67 -4.79 4.94
CA LEU A 96 11.33 -6.04 4.25
C LEU A 96 10.03 -6.62 4.78
N SER A 97 9.95 -6.79 6.10
CA SER A 97 8.75 -7.33 6.73
C SER A 97 7.51 -6.53 6.33
N HIS A 98 7.68 -5.24 6.17
CA HIS A 98 6.59 -4.36 5.79
C HIS A 98 6.17 -4.60 4.34
N LEU A 99 7.15 -4.60 3.44
CA LEU A 99 6.89 -4.82 2.03
C LEU A 99 6.34 -6.22 1.78
N SER A 100 6.69 -7.15 2.67
CA SER A 100 6.24 -8.53 2.55
C SER A 100 4.86 -8.70 3.19
N TYR A 101 4.58 -7.88 4.19
CA TYR A 101 3.29 -7.95 4.89
C TYR A 101 2.14 -7.77 3.92
N LEU A 102 2.32 -6.88 2.95
CA LEU A 102 1.28 -6.62 1.95
C LEU A 102 1.20 -7.74 0.94
N ARG A 103 2.34 -8.37 0.66
CA ARG A 103 2.39 -9.47 -0.29
C ARG A 103 1.50 -10.62 0.14
N GLU A 104 1.35 -10.78 1.46
CA GLU A 104 0.52 -11.84 2.00
C GLU A 104 -0.88 -11.80 1.42
N SER A 105 -1.33 -10.60 1.04
CA SER A 105 -2.66 -10.42 0.47
C SER A 105 -2.80 -11.22 -0.82
N SER A 106 -1.69 -11.40 -1.53
CA SER A 106 -1.68 -12.16 -2.78
C SER A 106 -1.36 -13.63 -2.53
N LEU A 107 -0.56 -13.88 -1.50
CA LEU A 107 -0.18 -15.25 -1.16
C LEU A 107 -1.41 -16.13 -0.96
N LEU A 108 -2.52 -15.52 -0.59
CA LEU A 108 -3.76 -16.24 -0.37
C LEU A 108 -4.47 -16.53 -1.69
N ALA A 109 -4.28 -15.64 -2.67
CA ALA A 109 -4.89 -15.81 -3.98
C ALA A 109 -4.39 -17.07 -4.66
N TYR A 110 -3.18 -17.50 -4.31
CA TYR A 110 -2.59 -18.69 -4.89
C TYR A 110 -3.45 -19.92 -4.61
N ASN A 111 -3.08 -21.05 -5.20
CA ASN A 111 -3.81 -22.29 -5.00
C ASN A 111 -3.29 -23.05 -3.79
N THR A 112 -3.98 -24.14 -3.43
CA THR A 112 -3.59 -24.94 -2.29
C THR A 112 -3.71 -24.16 -0.98
N THR A 113 -3.58 -24.85 0.14
CA THR A 113 -3.68 -24.22 1.44
C THR A 113 -5.07 -23.61 1.66
N SER A 114 -6.08 -24.29 1.15
CA SER A 114 -7.45 -23.83 1.29
C SER A 114 -8.41 -25.00 1.49
N HIS A 115 -9.68 -24.69 1.72
CA HIS A 115 -10.70 -25.71 1.93
C HIS A 115 -10.87 -26.57 0.68
N THR A 116 -11.86 -27.47 0.71
CA THR A 116 -12.12 -28.34 -0.42
C THR A 116 -13.61 -28.36 -0.77
N ASP A 117 -13.90 -28.63 -2.03
CA ASP A 117 -15.29 -28.67 -2.50
C ASP A 117 -15.61 -30.02 -3.13
N GLN A 118 -16.86 -30.19 -3.55
CA GLN A 118 -17.30 -31.44 -4.18
C GLN A 118 -16.38 -31.82 -5.34
N SER A 119 -16.28 -33.11 -5.61
CA SER A 119 -15.44 -33.60 -6.70
C SER A 119 -16.28 -34.26 -7.78
N SER A 120 -15.62 -34.85 -8.77
CA SER A 120 -16.30 -35.51 -9.87
C SER A 120 -16.45 -37.01 -9.59
N ARG A 121 -17.01 -37.72 -10.56
CA ARG A 121 -17.21 -39.16 -10.43
C ARG A 121 -16.87 -39.88 -11.73
N LEU A 122 -16.95 -41.21 -11.71
CA LEU A 122 -16.66 -42.01 -12.89
C LEU A 122 -17.77 -43.03 -13.14
N SER A 123 -17.64 -43.78 -14.24
CA SER A 123 -18.63 -44.79 -14.59
C SER A 123 -18.34 -46.12 -13.89
N VAL A 124 -19.31 -47.01 -13.91
CA VAL A 124 -19.16 -48.32 -13.28
C VAL A 124 -18.35 -49.26 -14.16
N LYS A 125 -17.34 -49.89 -13.58
CA LYS A 125 -16.49 -50.83 -14.31
C LYS A 125 -15.78 -51.77 -13.35
N GLU A 126 -15.80 -53.07 -13.67
CA GLU A 126 -15.14 -54.07 -12.84
C GLU A 126 -13.83 -54.53 -13.46
N ASP A 127 -13.80 -54.57 -14.79
CA ASP A 127 -12.60 -54.99 -15.51
C ASP A 127 -11.66 -53.80 -15.73
N PRO A 128 -10.38 -54.11 -16.01
CA PRO A 128 -9.35 -53.09 -16.24
C PRO A 128 -9.57 -52.35 -17.56
N GLY A 1 -18.44 -34.92 0.83
CA GLY A 1 -18.24 -35.00 -0.61
C GLY A 1 -19.23 -35.91 -1.29
N SER A 2 -18.81 -37.14 -1.60
CA SER A 2 -19.68 -38.11 -2.25
C SER A 2 -20.21 -37.56 -3.56
N SER A 3 -19.44 -37.75 -4.63
CA SER A 3 -19.83 -37.26 -5.96
C SER A 3 -20.81 -38.23 -6.62
N GLY A 4 -21.10 -37.98 -7.88
CA GLY A 4 -22.03 -38.82 -8.61
C GLY A 4 -21.65 -38.99 -10.07
N SER A 5 -22.57 -39.50 -10.87
CA SER A 5 -22.32 -39.70 -12.30
C SER A 5 -23.63 -39.72 -13.08
N SER A 6 -24.08 -38.56 -13.52
CA SER A 6 -25.31 -38.44 -14.28
C SER A 6 -25.03 -38.04 -15.72
N GLY A 7 -26.09 -37.73 -16.46
CA GLY A 7 -25.94 -37.33 -17.85
C GLY A 7 -27.06 -36.41 -18.32
N MET A 8 -27.16 -35.24 -17.70
CA MET A 8 -28.19 -34.28 -18.06
C MET A 8 -27.61 -32.86 -18.09
N ASN A 9 -27.99 -32.10 -19.12
CA ASN A 9 -27.51 -30.74 -19.27
C ASN A 9 -28.55 -29.88 -20.01
N TYR A 10 -28.24 -28.59 -20.15
CA TYR A 10 -29.14 -27.67 -20.83
C TYR A 10 -28.39 -26.83 -21.85
N ASN A 11 -29.13 -26.11 -22.68
CA ASN A 11 -28.52 -25.26 -23.70
C ASN A 11 -29.03 -23.81 -23.57
N SER A 12 -28.39 -23.06 -22.67
CA SER A 12 -28.77 -21.66 -22.45
C SER A 12 -27.62 -20.74 -22.78
N TYR A 13 -27.83 -19.44 -22.55
CA TYR A 13 -26.80 -18.44 -22.83
C TYR A 13 -26.55 -17.57 -21.60
N MET A 14 -25.36 -17.73 -21.01
CA MET A 14 -25.00 -16.96 -19.83
C MET A 14 -24.31 -15.65 -20.23
N ASP A 15 -24.79 -14.54 -19.67
CA ASP A 15 -24.23 -13.23 -19.97
C ASP A 15 -24.03 -12.43 -18.70
N GLU A 16 -22.81 -12.44 -18.17
CA GLU A 16 -22.49 -11.71 -16.95
C GLU A 16 -21.93 -10.32 -17.27
N LYS A 17 -21.85 -9.48 -16.26
CA LYS A 17 -21.33 -8.13 -16.42
C LYS A 17 -20.91 -7.53 -15.09
N ASN A 18 -19.78 -6.82 -15.09
CA ASN A 18 -19.26 -6.20 -13.88
C ASN A 18 -20.05 -4.94 -13.54
N GLY A 19 -19.99 -4.53 -12.27
CA GLY A 19 -20.69 -3.35 -11.83
C GLY A 19 -19.93 -2.07 -12.14
N PRO A 20 -20.60 -0.93 -11.96
CA PRO A 20 -20.00 0.39 -12.23
C PRO A 20 -18.92 0.74 -11.20
N PRO A 21 -18.16 1.80 -11.51
CA PRO A 21 -17.08 2.27 -10.62
C PRO A 21 -17.62 2.90 -9.34
N PRO A 22 -16.71 3.15 -8.38
CA PRO A 22 -15.30 2.82 -8.52
C PRO A 22 -15.04 1.32 -8.53
N PRO A 23 -13.81 0.93 -8.91
CA PRO A 23 -13.41 -0.47 -8.96
C PRO A 23 -13.29 -1.10 -7.57
N ASN A 24 -12.87 -0.28 -6.59
CA ASN A 24 -12.72 -0.76 -5.23
C ASN A 24 -13.14 0.32 -4.23
N MET A 25 -13.54 -0.11 -3.04
CA MET A 25 -13.98 0.81 -2.00
C MET A 25 -12.80 1.23 -1.12
N THR A 26 -13.05 2.18 -0.22
CA THR A 26 -12.01 2.67 0.68
C THR A 26 -12.62 3.19 1.97
N THR A 27 -11.83 3.14 3.04
CA THR A 27 -12.28 3.60 4.35
C THR A 27 -12.73 5.06 4.29
N ASN A 28 -13.19 5.58 5.42
CA ASN A 28 -13.66 6.96 5.50
C ASN A 28 -12.49 7.93 5.43
N GLU A 29 -11.56 7.78 6.36
CA GLU A 29 -10.38 8.65 6.41
C GLU A 29 -9.13 7.90 5.94
N ARG A 30 -9.05 7.67 4.63
CA ARG A 30 -7.91 6.97 4.06
C ARG A 30 -7.96 7.03 2.53
N ARG A 31 -7.25 8.00 1.97
CA ARG A 31 -7.21 8.16 0.51
C ARG A 31 -6.64 6.93 -0.16
N VAL A 32 -5.36 6.66 0.09
CA VAL A 32 -4.69 5.49 -0.49
C VAL A 32 -3.34 5.26 0.16
N ILE A 33 -3.11 4.02 0.59
CA ILE A 33 -1.85 3.65 1.23
C ILE A 33 -1.03 2.72 0.36
N VAL A 34 -1.73 1.90 -0.43
CA VAL A 34 -1.07 0.95 -1.33
C VAL A 34 -1.97 0.58 -2.50
N PRO A 35 -1.38 0.52 -3.70
CA PRO A 35 -2.11 0.18 -4.93
C PRO A 35 -2.55 -1.28 -4.95
N ALA A 36 -1.61 -2.18 -4.65
CA ALA A 36 -1.91 -3.61 -4.64
C ALA A 36 -0.68 -4.41 -4.22
N ASP A 37 0.29 -4.51 -5.12
CA ASP A 37 1.52 -5.25 -4.85
C ASP A 37 2.73 -4.34 -4.89
N PRO A 38 3.83 -4.79 -4.27
CA PRO A 38 5.08 -4.03 -4.23
C PRO A 38 5.76 -3.94 -5.60
N THR A 39 5.33 -4.80 -6.52
CA THR A 39 5.90 -4.83 -7.87
C THR A 39 5.32 -3.71 -8.72
N LEU A 40 4.07 -3.36 -8.46
CA LEU A 40 3.40 -2.29 -9.22
C LEU A 40 3.34 -1.01 -8.40
N TRP A 41 4.49 -0.57 -7.89
CA TRP A 41 4.57 0.64 -7.10
C TRP A 41 5.12 1.80 -7.92
N THR A 42 4.95 3.01 -7.42
CA THR A 42 5.42 4.21 -8.11
C THR A 42 6.36 5.02 -7.23
N GLN A 43 7.04 5.99 -7.82
CA GLN A 43 7.97 6.85 -7.09
C GLN A 43 7.26 7.52 -5.91
N GLU A 44 5.95 7.69 -6.04
CA GLU A 44 5.16 8.33 -4.98
C GLU A 44 4.93 7.37 -3.82
N HIS A 45 4.95 6.07 -4.13
CA HIS A 45 4.73 5.05 -3.11
C HIS A 45 6.05 4.65 -2.45
N VAL A 46 7.14 4.78 -3.20
CA VAL A 46 8.46 4.43 -2.69
C VAL A 46 8.98 5.51 -1.74
N ARG A 47 8.54 6.74 -1.95
CA ARG A 47 8.96 7.85 -1.11
C ARG A 47 8.03 8.02 0.08
N GLN A 48 6.72 8.04 -0.18
CA GLN A 48 5.73 8.20 0.88
C GLN A 48 5.85 7.08 1.90
N TRP A 49 5.92 5.85 1.43
CA TRP A 49 6.04 4.70 2.32
C TRP A 49 7.21 4.86 3.28
N LEU A 50 8.38 5.19 2.73
CA LEU A 50 9.58 5.38 3.53
C LEU A 50 9.36 6.48 4.58
N GLU A 51 8.98 7.66 4.11
CA GLU A 51 8.74 8.80 5.00
C GLU A 51 7.77 8.42 6.11
N TRP A 52 6.66 7.79 5.74
CA TRP A 52 5.66 7.37 6.70
C TRP A 52 6.25 6.39 7.71
N ALA A 53 6.99 5.40 7.21
CA ALA A 53 7.60 4.40 8.07
C ALA A 53 8.57 5.04 9.07
N ILE A 54 9.50 5.83 8.56
CA ILE A 54 10.47 6.51 9.41
C ILE A 54 9.78 7.38 10.45
N LYS A 55 8.57 7.83 10.14
CA LYS A 55 7.79 8.65 11.04
C LYS A 55 7.13 7.81 12.14
N GLU A 56 6.27 6.89 11.72
CA GLU A 56 5.58 6.02 12.66
C GLU A 56 6.57 5.21 13.49
N TYR A 57 7.37 4.40 12.81
CA TYR A 57 8.37 3.56 13.48
C TYR A 57 9.39 4.43 14.23
N SER A 58 9.57 5.65 13.74
CA SER A 58 10.53 6.57 14.35
C SER A 58 11.95 6.03 14.25
N LEU A 59 12.40 5.80 13.03
CA LEU A 59 13.75 5.28 12.80
C LEU A 59 14.77 6.41 12.76
N MET A 60 16.02 6.06 12.47
CA MET A 60 17.10 7.05 12.39
C MET A 60 18.28 6.50 11.60
N GLU A 61 19.10 7.40 11.07
CA GLU A 61 20.27 7.01 10.29
C GLU A 61 19.87 6.06 9.16
N ILE A 62 19.09 6.58 8.22
CA ILE A 62 18.65 5.79 7.08
C ILE A 62 18.87 6.53 5.76
N ASP A 63 19.10 5.77 4.70
CA ASP A 63 19.33 6.36 3.38
C ASP A 63 18.02 6.73 2.71
N THR A 64 17.97 7.93 2.15
CA THR A 64 16.77 8.41 1.47
C THR A 64 16.99 8.54 -0.02
N SER A 65 18.21 8.91 -0.41
CA SER A 65 18.55 9.07 -1.82
C SER A 65 18.36 7.76 -2.57
N PHE A 66 18.55 6.65 -1.88
CA PHE A 66 18.39 5.34 -2.50
C PHE A 66 16.94 5.08 -2.88
N PHE A 67 16.02 5.71 -2.16
CA PHE A 67 14.60 5.55 -2.43
C PHE A 67 14.01 6.83 -3.03
N GLN A 68 14.84 7.55 -3.77
CA GLN A 68 14.40 8.79 -4.41
C GLN A 68 13.44 8.51 -5.56
N ASN A 69 13.99 8.03 -6.67
CA ASN A 69 13.18 7.71 -7.85
C ASN A 69 13.38 6.25 -8.26
N MET A 70 13.59 5.39 -7.29
CA MET A 70 13.79 3.97 -7.55
C MET A 70 12.48 3.29 -7.91
N ASP A 71 12.49 2.50 -8.97
CA ASP A 71 11.30 1.79 -9.42
C ASP A 71 10.85 0.76 -8.38
N GLY A 72 9.54 0.69 -8.15
CA GLY A 72 9.01 -0.25 -7.18
C GLY A 72 9.48 -1.67 -7.43
N LYS A 73 9.66 -2.03 -8.70
CA LYS A 73 10.11 -3.35 -9.07
C LYS A 73 11.47 -3.67 -8.44
N GLU A 74 12.26 -2.61 -8.21
CA GLU A 74 13.58 -2.77 -7.62
C GLU A 74 13.47 -3.08 -6.12
N LEU A 75 12.49 -2.47 -5.47
CA LEU A 75 12.28 -2.68 -4.03
C LEU A 75 12.11 -4.17 -3.72
N CYS A 76 11.65 -4.93 -4.71
CA CYS A 76 11.45 -6.36 -4.55
C CYS A 76 12.74 -7.12 -4.77
N LYS A 77 13.43 -6.80 -5.87
CA LYS A 77 14.68 -7.46 -6.20
C LYS A 77 15.70 -7.30 -5.08
N MET A 78 15.57 -6.21 -4.33
CA MET A 78 16.48 -5.94 -3.21
C MET A 78 16.33 -6.99 -2.12
N ASN A 79 17.45 -7.58 -1.70
CA ASN A 79 17.44 -8.60 -0.67
C ASN A 79 17.91 -8.03 0.67
N LYS A 80 18.07 -8.89 1.65
CA LYS A 80 18.51 -8.47 2.98
C LYS A 80 19.91 -7.86 2.91
N GLU A 81 20.73 -8.38 2.00
CA GLU A 81 22.10 -7.88 1.83
C GLU A 81 22.09 -6.50 1.18
N ASP A 82 21.24 -6.33 0.19
CA ASP A 82 21.14 -5.05 -0.53
C ASP A 82 20.65 -3.95 0.41
N PHE A 83 19.55 -4.20 1.10
CA PHE A 83 18.99 -3.23 2.02
C PHE A 83 19.99 -2.88 3.13
N LEU A 84 20.80 -3.87 3.50
CA LEU A 84 21.81 -3.67 4.54
C LEU A 84 22.78 -2.56 4.16
N ARG A 85 22.95 -2.34 2.86
CA ARG A 85 23.84 -1.30 2.36
C ARG A 85 23.21 0.08 2.50
N ALA A 86 21.89 0.13 2.40
CA ALA A 86 21.16 1.38 2.50
C ALA A 86 20.91 1.75 3.97
N THR A 87 20.82 0.72 4.82
CA THR A 87 20.58 0.94 6.24
C THR A 87 20.97 -0.29 7.05
N THR A 88 20.95 -0.15 8.37
CA THR A 88 21.31 -1.24 9.26
C THR A 88 20.28 -2.36 9.22
N LEU A 89 20.68 -3.55 9.64
CA LEU A 89 19.78 -4.71 9.64
C LEU A 89 18.51 -4.39 10.42
N TYR A 90 18.65 -3.69 11.54
CA TYR A 90 17.50 -3.33 12.37
C TYR A 90 16.43 -2.64 11.54
N ASN A 91 16.86 -1.87 10.55
CA ASN A 91 15.93 -1.16 9.68
C ASN A 91 15.50 -2.03 8.50
N THR A 92 16.42 -2.85 8.01
CA THR A 92 16.15 -3.73 6.89
C THR A 92 15.03 -4.73 7.24
N GLU A 93 15.10 -5.28 8.44
CA GLU A 93 14.10 -6.24 8.89
C GLU A 93 12.72 -5.59 9.00
N VAL A 94 12.71 -4.30 9.32
CA VAL A 94 11.46 -3.56 9.45
C VAL A 94 10.90 -3.18 8.08
N LEU A 95 11.78 -2.74 7.19
CA LEU A 95 11.37 -2.34 5.85
C LEU A 95 10.86 -3.54 5.06
N LEU A 96 11.72 -4.54 4.89
CA LEU A 96 11.35 -5.75 4.16
C LEU A 96 10.07 -6.35 4.72
N SER A 97 9.98 -6.42 6.04
CA SER A 97 8.80 -6.99 6.70
C SER A 97 7.52 -6.32 6.19
N HIS A 98 7.43 -5.01 6.41
CA HIS A 98 6.26 -4.26 5.98
C HIS A 98 6.02 -4.43 4.48
N LEU A 99 7.10 -4.69 3.75
CA LEU A 99 7.01 -4.88 2.30
C LEU A 99 6.33 -6.21 1.97
N SER A 100 6.47 -7.17 2.87
CA SER A 100 5.88 -8.50 2.66
C SER A 100 4.47 -8.56 3.26
N TYR A 101 4.27 -7.85 4.35
CA TYR A 101 2.97 -7.81 5.03
C TYR A 101 1.88 -7.35 4.06
N LEU A 102 2.24 -6.47 3.15
CA LEU A 102 1.29 -5.95 2.17
C LEU A 102 0.92 -7.02 1.15
N ARG A 103 1.90 -7.48 0.40
CA ARG A 103 1.68 -8.51 -0.61
C ARG A 103 1.02 -9.74 0.00
N GLU A 104 1.30 -9.98 1.28
CA GLU A 104 0.73 -11.13 1.98
C GLU A 104 -0.80 -11.10 1.94
N SER A 105 -1.35 -9.89 1.81
CA SER A 105 -2.80 -9.71 1.76
C SER A 105 -3.35 -10.14 0.41
N SER A 106 -2.59 -9.86 -0.65
CA SER A 106 -3.01 -10.21 -2.00
C SER A 106 -3.24 -11.71 -2.13
N LEU A 107 -2.56 -12.49 -1.30
CA LEU A 107 -2.70 -13.94 -1.31
C LEU A 107 -4.16 -14.35 -1.20
N LEU A 108 -4.95 -13.51 -0.53
CA LEU A 108 -6.37 -13.80 -0.35
C LEU A 108 -7.17 -13.35 -1.57
N ALA A 109 -6.68 -12.33 -2.26
CA ALA A 109 -7.35 -11.82 -3.45
C ALA A 109 -6.74 -12.40 -4.72
N TYR A 110 -6.29 -13.65 -4.63
CA TYR A 110 -5.68 -14.33 -5.77
C TYR A 110 -6.72 -15.14 -6.53
N ASN A 111 -6.34 -15.60 -7.72
CA ASN A 111 -7.24 -16.39 -8.56
C ASN A 111 -7.50 -17.76 -7.93
N THR A 112 -8.68 -17.92 -7.33
CA THR A 112 -9.04 -19.18 -6.71
C THR A 112 -10.53 -19.46 -6.86
N THR A 113 -10.95 -20.67 -6.51
CA THR A 113 -12.34 -21.06 -6.62
C THR A 113 -12.81 -21.06 -8.07
N SER A 114 -14.04 -21.52 -8.30
CA SER A 114 -14.60 -21.58 -9.64
C SER A 114 -14.95 -20.18 -10.14
N HIS A 115 -13.99 -19.53 -10.79
CA HIS A 115 -14.20 -18.19 -11.32
C HIS A 115 -15.02 -18.24 -12.61
N THR A 116 -15.34 -17.06 -13.14
CA THR A 116 -16.11 -16.97 -14.37
C THR A 116 -15.78 -15.70 -15.14
N ASP A 117 -14.50 -15.32 -15.13
CA ASP A 117 -14.04 -14.13 -15.83
C ASP A 117 -13.89 -14.40 -17.32
N GLN A 118 -13.93 -13.34 -18.11
CA GLN A 118 -13.80 -13.46 -19.56
C GLN A 118 -12.66 -12.59 -20.08
N SER A 119 -11.58 -12.52 -19.32
CA SER A 119 -10.43 -11.70 -19.70
C SER A 119 -9.37 -12.56 -20.41
N SER A 120 -8.71 -11.97 -21.40
CA SER A 120 -7.69 -12.67 -22.16
C SER A 120 -6.33 -12.50 -21.51
N ARG A 121 -5.38 -13.37 -21.89
CA ARG A 121 -4.03 -13.32 -21.34
C ARG A 121 -3.33 -12.03 -21.75
N LEU A 122 -2.14 -11.81 -21.20
CA LEU A 122 -1.36 -10.61 -21.50
C LEU A 122 -0.40 -10.86 -22.67
N SER A 123 -0.18 -9.83 -23.47
CA SER A 123 0.72 -9.93 -24.61
C SER A 123 1.37 -8.59 -24.93
N VAL A 124 2.60 -8.42 -24.46
CA VAL A 124 3.34 -7.18 -24.69
C VAL A 124 4.83 -7.45 -24.87
N LYS A 125 5.42 -6.83 -25.89
CA LYS A 125 6.83 -7.00 -26.17
C LYS A 125 7.52 -5.65 -26.37
N GLU A 126 8.71 -5.52 -25.82
CA GLU A 126 9.48 -4.28 -25.94
C GLU A 126 10.18 -4.19 -27.29
N ASP A 127 9.61 -3.40 -28.19
CA ASP A 127 10.18 -3.23 -29.53
C ASP A 127 10.63 -1.79 -29.75
N PRO A 128 11.51 -1.58 -30.74
CA PRO A 128 12.02 -0.24 -31.07
C PRO A 128 10.96 0.64 -31.70
N GLY A 1 29.52 9.90 9.99
CA GLY A 1 29.56 11.33 10.29
C GLY A 1 28.59 11.71 11.39
N SER A 2 29.11 12.20 12.51
CA SER A 2 28.28 12.60 13.64
C SER A 2 28.18 14.12 13.72
N SER A 3 27.12 14.59 14.38
CA SER A 3 26.91 16.03 14.53
C SER A 3 27.45 16.51 15.87
N GLY A 4 28.49 17.35 15.81
CA GLY A 4 29.08 17.88 17.02
C GLY A 4 30.10 16.93 17.63
N SER A 5 31.28 16.88 17.02
CA SER A 5 32.35 16.00 17.49
C SER A 5 33.71 16.45 16.94
N SER A 6 34.77 15.88 17.49
CA SER A 6 36.12 16.23 17.06
C SER A 6 36.42 15.64 15.68
N GLY A 7 36.33 16.48 14.66
CA GLY A 7 36.58 16.03 13.30
C GLY A 7 38.05 15.80 13.04
N MET A 8 38.37 14.65 12.45
CA MET A 8 39.76 14.31 12.15
C MET A 8 40.20 14.98 10.86
N ASN A 9 39.73 14.47 9.73
CA ASN A 9 40.10 15.01 8.42
C ASN A 9 39.32 14.31 7.31
N TYR A 10 38.01 14.23 7.47
CA TYR A 10 37.16 13.58 6.49
C TYR A 10 36.96 14.48 5.27
N ASN A 11 37.89 14.41 4.33
CA ASN A 11 37.81 15.21 3.12
C ASN A 11 36.98 14.52 2.05
N SER A 12 36.95 13.19 2.10
CA SER A 12 36.19 12.41 1.13
C SER A 12 34.69 12.55 1.37
N TYR A 13 33.91 12.45 0.30
CA TYR A 13 32.46 12.57 0.39
C TYR A 13 31.80 12.17 -0.92
N MET A 14 30.50 11.90 -0.86
CA MET A 14 29.75 11.50 -2.05
C MET A 14 28.63 12.51 -2.35
N ASP A 15 28.67 13.09 -3.54
CA ASP A 15 27.67 14.06 -3.94
C ASP A 15 26.58 13.40 -4.78
N GLU A 16 25.35 13.91 -4.66
CA GLU A 16 24.23 13.36 -5.40
C GLU A 16 23.53 14.45 -6.21
N LYS A 17 23.32 14.20 -7.49
CA LYS A 17 22.66 15.15 -8.38
C LYS A 17 21.90 14.43 -9.49
N ASN A 18 20.63 14.81 -9.66
CA ASN A 18 19.78 14.20 -10.68
C ASN A 18 19.89 14.96 -11.99
N GLY A 19 19.27 14.42 -13.03
CA GLY A 19 19.31 15.07 -14.33
C GLY A 19 18.45 16.31 -14.40
N PRO A 20 18.34 16.90 -15.60
CA PRO A 20 17.55 18.11 -15.82
C PRO A 20 16.05 17.86 -15.69
N PRO A 21 15.27 18.95 -15.62
CA PRO A 21 13.81 18.87 -15.50
C PRO A 21 13.15 18.36 -16.78
N PRO A 22 11.86 18.03 -16.68
CA PRO A 22 11.09 18.15 -15.44
C PRO A 22 11.53 17.12 -14.39
N PRO A 23 11.08 17.31 -13.14
CA PRO A 23 11.41 16.40 -12.03
C PRO A 23 10.74 15.04 -12.17
N ASN A 24 9.52 15.04 -12.71
CA ASN A 24 8.77 13.80 -12.89
C ASN A 24 7.78 13.93 -14.05
N MET A 25 7.17 12.82 -14.42
CA MET A 25 6.20 12.82 -15.51
C MET A 25 4.77 12.73 -14.97
N THR A 26 4.61 12.06 -13.83
CA THR A 26 3.30 11.90 -13.21
C THR A 26 3.40 12.06 -11.70
N THR A 27 2.39 12.69 -11.10
CA THR A 27 2.35 12.90 -9.67
C THR A 27 0.94 12.73 -9.11
N ASN A 28 0.84 12.28 -7.87
CA ASN A 28 -0.46 12.07 -7.23
C ASN A 28 -0.91 13.34 -6.51
N GLU A 29 -2.04 13.24 -5.81
CA GLU A 29 -2.58 14.38 -5.08
C GLU A 29 -2.78 14.03 -3.60
N ARG A 30 -1.98 13.07 -3.12
CA ARG A 30 -2.07 12.65 -1.72
C ARG A 30 -3.51 12.27 -1.36
N ARG A 31 -3.91 11.06 -1.73
CA ARG A 31 -5.25 10.58 -1.45
C ARG A 31 -5.27 9.06 -1.32
N VAL A 32 -4.14 8.48 -0.93
CA VAL A 32 -4.02 7.04 -0.78
C VAL A 32 -2.66 6.66 -0.22
N ILE A 33 -2.65 5.68 0.67
CA ILE A 33 -1.41 5.21 1.27
C ILE A 33 -0.75 4.13 0.43
N VAL A 34 -1.57 3.32 -0.23
CA VAL A 34 -1.08 2.25 -1.10
C VAL A 34 -2.08 1.91 -2.19
N PRO A 35 -1.57 1.70 -3.41
CA PRO A 35 -2.41 1.37 -4.56
C PRO A 35 -2.99 -0.04 -4.47
N ALA A 36 -2.15 -1.01 -4.15
CA ALA A 36 -2.58 -2.39 -4.02
C ALA A 36 -1.42 -3.30 -3.61
N ASP A 37 -0.49 -3.51 -4.54
CA ASP A 37 0.66 -4.36 -4.27
C ASP A 37 1.96 -3.58 -4.45
N PRO A 38 3.05 -4.10 -3.86
CA PRO A 38 4.37 -3.46 -3.94
C PRO A 38 4.97 -3.54 -5.34
N THR A 39 4.40 -4.40 -6.18
CA THR A 39 4.87 -4.58 -7.54
C THR A 39 4.39 -3.44 -8.44
N LEU A 40 3.20 -2.94 -8.16
CA LEU A 40 2.61 -1.85 -8.94
C LEU A 40 2.72 -0.53 -8.19
N TRP A 41 3.94 -0.18 -7.77
CA TRP A 41 4.17 1.06 -7.04
C TRP A 41 4.78 2.11 -7.96
N THR A 42 4.64 3.38 -7.57
CA THR A 42 5.18 4.49 -8.35
C THR A 42 6.25 5.24 -7.57
N GLN A 43 6.96 6.12 -8.27
CA GLN A 43 8.01 6.91 -7.64
C GLN A 43 7.47 7.70 -6.45
N GLU A 44 6.19 8.08 -6.55
CA GLU A 44 5.54 8.85 -5.48
C GLU A 44 5.28 7.97 -4.27
N HIS A 45 5.13 6.67 -4.50
CA HIS A 45 4.87 5.73 -3.42
C HIS A 45 6.17 5.25 -2.79
N VAL A 46 7.25 5.29 -3.57
CA VAL A 46 8.56 4.86 -3.09
C VAL A 46 9.18 5.92 -2.18
N ARG A 47 8.77 7.17 -2.37
CA ARG A 47 9.29 8.27 -1.58
C ARG A 47 8.45 8.48 -0.32
N GLN A 48 7.15 8.70 -0.52
CA GLN A 48 6.24 8.90 0.60
C GLN A 48 6.36 7.79 1.63
N TRP A 49 6.37 6.54 1.15
CA TRP A 49 6.48 5.39 2.02
C TRP A 49 7.69 5.52 2.95
N LEU A 50 8.83 5.89 2.38
CA LEU A 50 10.05 6.06 3.17
C LEU A 50 9.81 6.97 4.36
N GLU A 51 9.20 8.13 4.10
CA GLU A 51 8.92 9.09 5.16
C GLU A 51 7.88 8.54 6.14
N TRP A 52 7.04 7.64 5.64
CA TRP A 52 6.00 7.03 6.47
C TRP A 52 6.60 6.06 7.47
N ALA A 53 7.27 5.03 6.97
CA ALA A 53 7.90 4.03 7.82
C ALA A 53 8.79 4.69 8.88
N ILE A 54 9.68 5.56 8.43
CA ILE A 54 10.58 6.25 9.33
C ILE A 54 9.82 7.04 10.39
N LYS A 55 8.58 7.41 10.06
CA LYS A 55 7.74 8.15 10.98
C LYS A 55 7.03 7.22 11.96
N GLU A 56 6.16 6.37 11.43
CA GLU A 56 5.42 5.42 12.25
C GLU A 56 6.36 4.61 13.13
N TYR A 57 7.23 3.82 12.50
CA TYR A 57 8.18 3.00 13.23
C TYR A 57 9.14 3.86 14.05
N SER A 58 9.34 5.10 13.60
CA SER A 58 10.23 6.03 14.29
C SER A 58 11.67 5.50 14.29
N LEU A 59 12.24 5.37 13.10
CA LEU A 59 13.61 4.88 12.96
C LEU A 59 14.62 6.02 13.08
N MET A 60 15.88 5.73 12.78
CA MET A 60 16.93 6.74 12.85
C MET A 60 18.08 6.38 11.92
N GLU A 61 18.65 7.39 11.27
CA GLU A 61 19.76 7.18 10.35
C GLU A 61 19.37 6.22 9.24
N ILE A 62 18.95 6.78 8.10
CA ILE A 62 18.56 5.98 6.95
C ILE A 62 18.73 6.75 5.66
N ASP A 63 19.14 6.05 4.60
CA ASP A 63 19.35 6.66 3.30
C ASP A 63 18.01 7.07 2.68
N THR A 64 18.01 8.21 1.99
CA THR A 64 16.79 8.71 1.35
C THR A 64 16.98 8.81 -0.16
N SER A 65 18.22 9.03 -0.59
CA SER A 65 18.53 9.16 -2.01
C SER A 65 18.39 7.81 -2.71
N PHE A 66 18.57 6.73 -1.95
CA PHE A 66 18.47 5.39 -2.50
C PHE A 66 17.06 5.12 -3.03
N PHE A 67 16.08 5.80 -2.45
CA PHE A 67 14.69 5.64 -2.86
C PHE A 67 14.21 6.85 -3.65
N GLN A 68 15.14 7.52 -4.31
CA GLN A 68 14.82 8.71 -5.11
C GLN A 68 13.82 8.35 -6.21
N ASN A 69 14.30 7.66 -7.23
CA ASN A 69 13.46 7.26 -8.35
C ASN A 69 13.52 5.75 -8.57
N MET A 70 13.56 5.00 -7.48
CA MET A 70 13.62 3.54 -7.55
C MET A 70 12.27 2.97 -7.98
N ASP A 71 12.31 2.00 -8.89
CA ASP A 71 11.09 1.38 -9.39
C ASP A 71 10.41 0.58 -8.28
N GLY A 72 9.09 0.69 -8.21
CA GLY A 72 8.34 -0.03 -7.20
C GLY A 72 8.64 -1.51 -7.19
N LYS A 73 8.72 -2.11 -8.38
CA LYS A 73 9.00 -3.53 -8.51
C LYS A 73 10.38 -3.85 -7.96
N GLU A 74 11.28 -2.87 -7.99
CA GLU A 74 12.64 -3.06 -7.50
C GLU A 74 12.65 -3.24 -5.98
N LEU A 75 11.78 -2.49 -5.30
CA LEU A 75 11.68 -2.57 -3.85
C LEU A 75 11.52 -4.02 -3.39
N CYS A 76 10.81 -4.81 -4.19
CA CYS A 76 10.57 -6.22 -3.87
C CYS A 76 11.82 -7.04 -4.11
N LYS A 77 12.40 -6.91 -5.31
CA LYS A 77 13.60 -7.65 -5.66
C LYS A 77 14.72 -7.37 -4.68
N MET A 78 14.67 -6.20 -4.04
CA MET A 78 15.69 -5.82 -3.07
C MET A 78 15.86 -6.88 -1.99
N ASN A 79 17.08 -7.36 -1.83
CA ASN A 79 17.37 -8.38 -0.83
C ASN A 79 17.84 -7.76 0.48
N LYS A 80 18.32 -8.59 1.40
CA LYS A 80 18.80 -8.12 2.69
C LYS A 80 19.98 -7.16 2.52
N GLU A 81 21.05 -7.67 1.90
CA GLU A 81 22.25 -6.86 1.68
C GLU A 81 21.89 -5.55 0.99
N ASP A 82 20.93 -5.61 0.06
CA ASP A 82 20.50 -4.43 -0.67
C ASP A 82 20.04 -3.34 0.29
N PHE A 83 19.47 -3.75 1.42
CA PHE A 83 18.98 -2.81 2.42
C PHE A 83 20.04 -2.54 3.48
N LEU A 84 20.82 -3.57 3.80
CA LEU A 84 21.87 -3.45 4.80
C LEU A 84 22.84 -2.31 4.45
N ARG A 85 22.92 -2.01 3.16
CA ARG A 85 23.81 -0.94 2.69
C ARG A 85 23.21 0.43 3.00
N ALA A 86 21.89 0.49 3.10
CA ALA A 86 21.20 1.74 3.38
C ALA A 86 20.99 1.92 4.88
N THR A 87 20.52 0.86 5.55
CA THR A 87 20.28 0.91 6.98
C THR A 87 20.79 -0.36 7.66
N THR A 88 20.72 -0.38 8.99
CA THR A 88 21.18 -1.53 9.76
C THR A 88 20.20 -2.69 9.64
N LEU A 89 20.52 -3.79 10.31
CA LEU A 89 19.65 -4.98 10.28
C LEU A 89 18.34 -4.71 11.01
N TYR A 90 18.42 -4.07 12.17
CA TYR A 90 17.24 -3.76 12.95
C TYR A 90 16.19 -3.05 12.09
N ASN A 91 16.65 -2.29 11.11
CA ASN A 91 15.76 -1.57 10.21
C ASN A 91 15.44 -2.39 8.97
N THR A 92 16.44 -3.11 8.48
CA THR A 92 16.26 -3.93 7.28
C THR A 92 15.06 -4.86 7.43
N GLU A 93 14.97 -5.53 8.58
CA GLU A 93 13.87 -6.45 8.84
C GLU A 93 12.53 -5.69 8.91
N VAL A 94 12.61 -4.42 9.28
CA VAL A 94 11.41 -3.58 9.38
C VAL A 94 10.89 -3.20 8.02
N LEU A 95 11.79 -3.13 7.04
CA LEU A 95 11.42 -2.77 5.67
C LEU A 95 11.05 -4.00 4.87
N LEU A 96 11.99 -4.94 4.77
CA LEU A 96 11.75 -6.17 4.02
C LEU A 96 10.46 -6.86 4.47
N SER A 97 10.41 -7.23 5.74
CA SER A 97 9.22 -7.89 6.29
C SER A 97 7.96 -7.08 5.99
N HIS A 98 7.98 -5.80 6.33
CA HIS A 98 6.84 -4.92 6.10
C HIS A 98 6.41 -4.98 4.63
N LEU A 99 7.38 -4.98 3.74
CA LEU A 99 7.10 -5.03 2.30
C LEU A 99 6.47 -6.37 1.92
N SER A 100 6.75 -7.39 2.70
CA SER A 100 6.22 -8.72 2.45
C SER A 100 4.85 -8.89 3.09
N TYR A 101 4.60 -8.14 4.15
CA TYR A 101 3.32 -8.19 4.86
C TYR A 101 2.18 -7.76 3.94
N LEU A 102 2.44 -6.76 3.11
CA LEU A 102 1.44 -6.25 2.18
C LEU A 102 0.90 -7.37 1.29
N ARG A 103 1.79 -8.28 0.90
CA ARG A 103 1.42 -9.40 0.04
C ARG A 103 0.35 -10.27 0.72
N GLU A 104 0.44 -10.37 2.05
CA GLU A 104 -0.51 -11.18 2.82
C GLU A 104 -1.93 -10.69 2.60
N SER A 105 -2.07 -9.39 2.31
CA SER A 105 -3.38 -8.79 2.09
C SER A 105 -4.16 -9.54 1.01
N SER A 106 -3.42 -10.12 0.07
CA SER A 106 -4.02 -10.87 -1.02
C SER A 106 -4.16 -12.34 -0.67
N LEU A 107 -3.28 -12.82 0.20
CA LEU A 107 -3.29 -14.21 0.63
C LEU A 107 -4.65 -14.59 1.20
N LEU A 108 -5.36 -13.60 1.74
CA LEU A 108 -6.69 -13.82 2.31
C LEU A 108 -7.77 -13.73 1.25
N ALA A 109 -7.50 -12.96 0.19
CA ALA A 109 -8.45 -12.79 -0.90
C ALA A 109 -8.59 -14.08 -1.71
N TYR A 110 -7.48 -14.78 -1.89
CA TYR A 110 -7.48 -16.03 -2.64
C TYR A 110 -8.20 -17.13 -1.88
N ASN A 111 -9.40 -17.46 -2.34
CA ASN A 111 -10.20 -18.50 -1.70
C ASN A 111 -10.91 -19.36 -2.74
N THR A 112 -11.80 -20.23 -2.28
CA THR A 112 -12.55 -21.10 -3.17
C THR A 112 -13.44 -20.31 -4.12
N THR A 113 -12.92 -20.02 -5.31
CA THR A 113 -13.68 -19.26 -6.30
C THR A 113 -13.66 -19.95 -7.65
N SER A 114 -14.46 -19.45 -8.58
CA SER A 114 -14.54 -20.03 -9.92
C SER A 114 -14.61 -18.94 -10.98
N HIS A 115 -13.94 -17.81 -10.72
CA HIS A 115 -13.93 -16.69 -11.65
C HIS A 115 -12.92 -15.63 -11.21
N THR A 116 -12.37 -14.92 -12.17
CA THR A 116 -11.39 -13.87 -11.89
C THR A 116 -11.60 -12.66 -12.78
N ASP A 117 -12.86 -12.39 -13.12
CA ASP A 117 -13.20 -11.25 -13.97
C ASP A 117 -12.52 -11.36 -15.33
N GLN A 118 -12.81 -10.41 -16.21
CA GLN A 118 -12.22 -10.41 -17.55
C GLN A 118 -11.84 -8.99 -17.96
N SER A 119 -10.54 -8.77 -18.11
CA SER A 119 -10.03 -7.45 -18.50
C SER A 119 -8.93 -7.59 -19.56
N SER A 120 -9.00 -6.74 -20.58
CA SER A 120 -8.02 -6.76 -21.65
C SER A 120 -7.29 -5.42 -21.75
N ARG A 121 -6.02 -5.48 -22.15
CA ARG A 121 -5.22 -4.27 -22.28
C ARG A 121 -5.52 -3.56 -23.60
N LEU A 122 -5.16 -2.28 -23.68
CA LEU A 122 -5.39 -1.49 -24.88
C LEU A 122 -4.20 -0.57 -25.15
N SER A 123 -3.10 -1.15 -25.63
CA SER A 123 -1.90 -0.37 -25.93
C SER A 123 -1.62 -0.38 -27.42
N VAL A 124 -2.38 0.42 -28.17
CA VAL A 124 -2.21 0.51 -29.62
C VAL A 124 -1.22 1.62 -29.98
N LYS A 125 0.01 1.22 -30.28
CA LYS A 125 1.06 2.17 -30.65
C LYS A 125 1.17 3.29 -29.61
N GLU A 126 1.51 2.90 -28.38
CA GLU A 126 1.65 3.87 -27.30
C GLU A 126 3.04 3.78 -26.67
N ASP A 127 3.94 4.64 -27.11
CA ASP A 127 5.31 4.65 -26.59
C ASP A 127 5.33 5.10 -25.13
N PRO A 128 6.42 4.77 -24.43
CA PRO A 128 6.58 5.12 -23.01
C PRO A 128 6.78 6.62 -22.81
N GLY A 1 28.46 61.62 -24.61
CA GLY A 1 28.41 62.11 -23.24
C GLY A 1 29.55 61.59 -22.40
N SER A 2 29.82 62.27 -21.29
CA SER A 2 30.90 61.87 -20.40
C SER A 2 30.60 60.53 -19.74
N SER A 3 29.38 60.38 -19.24
CA SER A 3 28.97 59.15 -18.58
C SER A 3 29.83 58.86 -17.36
N GLY A 4 29.44 57.85 -16.59
CA GLY A 4 30.20 57.49 -15.40
C GLY A 4 29.54 56.37 -14.62
N SER A 5 29.86 55.13 -14.99
CA SER A 5 29.29 53.96 -14.32
C SER A 5 29.96 52.69 -14.80
N SER A 6 30.71 52.04 -13.91
CA SER A 6 31.40 50.81 -14.23
C SER A 6 31.24 49.77 -13.12
N GLY A 7 31.32 48.50 -13.48
CA GLY A 7 31.18 47.44 -12.50
C GLY A 7 30.36 46.27 -13.03
N MET A 8 30.36 45.17 -12.28
CA MET A 8 29.61 43.99 -12.66
C MET A 8 28.55 43.65 -11.62
N ASN A 9 27.66 42.72 -11.97
CA ASN A 9 26.60 42.30 -11.07
C ASN A 9 26.00 40.97 -11.51
N TYR A 10 26.36 39.90 -10.81
CA TYR A 10 25.86 38.56 -11.13
C TYR A 10 25.76 37.71 -9.87
N ASN A 11 24.86 38.10 -8.98
CA ASN A 11 24.66 37.36 -7.73
C ASN A 11 23.18 37.01 -7.54
N SER A 12 22.91 35.74 -7.29
CA SER A 12 21.54 35.27 -7.07
C SER A 12 21.40 34.61 -5.71
N TYR A 13 20.19 34.69 -5.15
CA TYR A 13 19.91 34.08 -3.85
C TYR A 13 18.78 33.08 -3.95
N MET A 14 18.80 32.09 -3.06
CA MET A 14 17.77 31.06 -3.03
C MET A 14 16.38 31.68 -2.89
N ASP A 15 15.41 31.13 -3.60
CA ASP A 15 14.03 31.63 -3.55
C ASP A 15 13.03 30.48 -3.65
N GLU A 16 11.84 30.70 -3.12
CA GLU A 16 10.79 29.68 -3.16
C GLU A 16 9.46 30.29 -3.58
N LYS A 17 9.14 30.15 -4.87
CA LYS A 17 7.90 30.68 -5.40
C LYS A 17 6.68 29.95 -4.82
N ASN A 18 5.57 30.65 -4.70
CA ASN A 18 4.35 30.06 -4.16
C ASN A 18 3.12 30.61 -4.89
N GLY A 19 2.10 29.77 -5.00
CA GLY A 19 0.88 30.17 -5.68
C GLY A 19 0.02 31.10 -4.83
N PRO A 20 -1.00 31.69 -5.44
CA PRO A 20 -1.91 32.62 -4.76
C PRO A 20 -2.81 31.91 -3.75
N PRO A 21 -3.49 32.69 -2.91
CA PRO A 21 -4.39 32.16 -1.88
C PRO A 21 -5.66 31.54 -2.49
N PRO A 22 -6.42 30.83 -1.66
CA PRO A 22 -6.09 30.62 -0.25
C PRO A 22 -4.87 29.71 -0.07
N PRO A 23 -4.34 29.67 1.16
CA PRO A 23 -3.17 28.85 1.49
C PRO A 23 -3.49 27.36 1.47
N ASN A 24 -4.77 27.03 1.62
CA ASN A 24 -5.21 25.64 1.62
C ASN A 24 -6.68 25.53 1.23
N MET A 25 -7.08 24.36 0.75
CA MET A 25 -8.46 24.12 0.34
C MET A 25 -8.83 22.65 0.49
N THR A 26 -10.02 22.29 0.00
CA THR A 26 -10.49 20.91 0.09
C THR A 26 -11.29 20.54 -1.15
N THR A 27 -10.61 20.11 -2.20
CA THR A 27 -11.26 19.72 -3.44
C THR A 27 -11.11 18.22 -3.70
N ASN A 28 -12.23 17.55 -3.94
CA ASN A 28 -12.21 16.11 -4.20
C ASN A 28 -11.59 15.36 -3.04
N GLU A 29 -11.36 14.06 -3.24
CA GLU A 29 -10.76 13.23 -2.21
C GLU A 29 -10.19 11.94 -2.81
N ARG A 30 -8.88 11.78 -2.74
CA ARG A 30 -8.22 10.60 -3.28
C ARG A 30 -7.07 10.17 -2.37
N ARG A 31 -7.31 10.18 -1.06
CA ARG A 31 -6.28 9.79 -0.10
C ARG A 31 -6.11 8.27 -0.09
N VAL A 32 -4.93 7.82 -0.51
CA VAL A 32 -4.63 6.39 -0.54
C VAL A 32 -3.25 6.11 0.02
N ILE A 33 -3.15 5.07 0.84
CA ILE A 33 -1.88 4.69 1.44
C ILE A 33 -1.13 3.69 0.58
N VAL A 34 -1.88 2.85 -0.14
CA VAL A 34 -1.28 1.84 -1.01
C VAL A 34 -2.23 1.48 -2.15
N PRO A 35 -1.67 1.36 -3.36
CA PRO A 35 -2.45 1.01 -4.56
C PRO A 35 -2.95 -0.43 -4.53
N ALA A 36 -2.04 -1.36 -4.22
CA ALA A 36 -2.39 -2.77 -4.15
C ALA A 36 -1.19 -3.61 -3.74
N ASP A 37 -0.27 -3.82 -4.67
CA ASP A 37 0.94 -4.60 -4.40
C ASP A 37 2.19 -3.74 -4.52
N PRO A 38 3.29 -4.22 -3.93
CA PRO A 38 4.57 -3.50 -3.97
C PRO A 38 5.20 -3.52 -5.35
N THR A 39 4.69 -4.38 -6.22
CA THR A 39 5.21 -4.49 -7.58
C THR A 39 4.67 -3.36 -8.47
N LEU A 40 3.45 -2.92 -8.17
CA LEU A 40 2.81 -1.86 -8.93
C LEU A 40 2.84 -0.55 -8.15
N TRP A 41 4.01 -0.14 -7.70
CA TRP A 41 4.17 1.10 -6.95
C TRP A 41 4.73 2.21 -7.83
N THR A 42 4.65 3.44 -7.36
CA THR A 42 5.15 4.58 -8.10
C THR A 42 6.14 5.38 -7.27
N GLN A 43 6.85 6.32 -7.92
CA GLN A 43 7.84 7.15 -7.24
C GLN A 43 7.20 7.88 -6.06
N GLU A 44 5.89 8.12 -6.15
CA GLU A 44 5.17 8.81 -5.08
C GLU A 44 4.95 7.89 -3.89
N HIS A 45 4.89 6.59 -4.15
CA HIS A 45 4.68 5.61 -3.10
C HIS A 45 6.01 5.16 -2.49
N VAL A 46 7.07 5.24 -3.29
CA VAL A 46 8.39 4.84 -2.82
C VAL A 46 8.98 5.89 -1.88
N ARG A 47 8.57 7.13 -2.07
CA ARG A 47 9.06 8.24 -1.23
C ARG A 47 8.17 8.43 -0.01
N GLN A 48 6.86 8.51 -0.25
CA GLN A 48 5.90 8.70 0.82
C GLN A 48 6.02 7.58 1.86
N TRP A 49 6.06 6.35 1.40
CA TRP A 49 6.17 5.19 2.28
C TRP A 49 7.36 5.34 3.22
N LEU A 50 8.50 5.74 2.66
CA LEU A 50 9.71 5.93 3.44
C LEU A 50 9.51 6.99 4.52
N GLU A 51 9.03 8.16 4.10
CA GLU A 51 8.78 9.26 5.03
C GLU A 51 7.79 8.84 6.11
N TRP A 52 6.92 7.90 5.79
CA TRP A 52 5.92 7.41 6.73
C TRP A 52 6.53 6.41 7.71
N ALA A 53 7.37 5.52 7.19
CA ALA A 53 8.02 4.52 8.02
C ALA A 53 9.01 5.17 8.99
N ILE A 54 9.90 6.00 8.46
CA ILE A 54 10.90 6.67 9.28
C ILE A 54 10.24 7.47 10.40
N LYS A 55 8.99 7.87 10.18
CA LYS A 55 8.25 8.64 11.18
C LYS A 55 7.52 7.71 12.14
N GLU A 56 6.58 6.92 11.62
CA GLU A 56 5.82 5.99 12.44
C GLU A 56 6.76 5.11 13.27
N TYR A 57 7.54 4.29 12.59
CA TYR A 57 8.48 3.40 13.27
C TYR A 57 9.54 4.19 14.04
N SER A 58 9.80 5.40 13.57
CA SER A 58 10.79 6.27 14.21
C SER A 58 12.18 5.65 14.13
N LEU A 59 12.64 5.40 12.91
CA LEU A 59 13.96 4.81 12.71
C LEU A 59 15.06 5.85 12.86
N MET A 60 16.28 5.48 12.50
CA MET A 60 17.42 6.38 12.59
C MET A 60 18.52 5.98 11.62
N GLU A 61 19.12 6.96 10.96
CA GLU A 61 20.19 6.71 10.01
C GLU A 61 19.69 5.83 8.86
N ILE A 62 19.27 6.47 7.78
CA ILE A 62 18.77 5.75 6.61
C ILE A 62 18.91 6.60 5.34
N ASP A 63 19.33 5.95 4.26
CA ASP A 63 19.49 6.65 2.98
C ASP A 63 18.13 6.92 2.34
N THR A 64 17.99 8.13 1.79
CA THR A 64 16.74 8.52 1.15
C THR A 64 16.90 8.60 -0.37
N SER A 65 18.09 8.99 -0.81
CA SER A 65 18.37 9.11 -2.23
C SER A 65 18.13 7.78 -2.95
N PHE A 66 18.24 6.69 -2.21
CA PHE A 66 18.02 5.36 -2.78
C PHE A 66 16.53 5.13 -3.06
N PHE A 67 15.69 5.81 -2.30
CA PHE A 67 14.24 5.67 -2.46
C PHE A 67 13.63 6.97 -2.97
N GLN A 68 14.43 7.76 -3.68
CA GLN A 68 13.97 9.04 -4.22
C GLN A 68 13.27 8.84 -5.55
N ASN A 69 13.71 7.84 -6.32
CA ASN A 69 13.12 7.54 -7.61
C ASN A 69 13.36 6.08 -8.00
N MET A 70 13.32 5.20 -7.00
CA MET A 70 13.53 3.78 -7.23
C MET A 70 12.22 3.09 -7.60
N ASP A 71 12.24 2.31 -8.67
CA ASP A 71 11.06 1.59 -9.14
C ASP A 71 10.63 0.54 -8.11
N GLY A 72 9.32 0.45 -7.88
CA GLY A 72 8.80 -0.51 -6.93
C GLY A 72 9.29 -1.92 -7.21
N LYS A 73 9.53 -2.22 -8.48
CA LYS A 73 10.01 -3.54 -8.87
C LYS A 73 11.34 -3.87 -8.19
N GLU A 74 12.16 -2.85 -7.99
CA GLU A 74 13.45 -3.04 -7.34
C GLU A 74 13.29 -3.21 -5.83
N LEU A 75 12.31 -2.53 -5.26
CA LEU A 75 12.04 -2.61 -3.83
C LEU A 75 11.81 -4.05 -3.40
N CYS A 76 11.32 -4.87 -4.34
CA CYS A 76 11.05 -6.28 -4.06
C CYS A 76 12.31 -7.11 -4.19
N LYS A 77 13.01 -6.93 -5.30
CA LYS A 77 14.25 -7.68 -5.56
C LYS A 77 15.27 -7.43 -4.44
N MET A 78 15.16 -6.28 -3.79
CA MET A 78 16.07 -5.93 -2.70
C MET A 78 15.96 -6.94 -1.56
N ASN A 79 17.11 -7.50 -1.17
CA ASN A 79 17.14 -8.48 -0.09
C ASN A 79 17.80 -7.88 1.16
N LYS A 80 17.95 -8.72 2.18
CA LYS A 80 18.57 -8.28 3.43
C LYS A 80 19.95 -7.67 3.18
N GLU A 81 20.67 -8.23 2.20
CA GLU A 81 22.00 -7.74 1.86
C GLU A 81 21.91 -6.36 1.20
N ASP A 82 21.07 -6.26 0.19
CA ASP A 82 20.90 -5.00 -0.53
C ASP A 82 20.41 -3.90 0.41
N PHE A 83 19.43 -4.22 1.24
CA PHE A 83 18.87 -3.26 2.18
C PHE A 83 19.88 -2.94 3.29
N LEU A 84 20.76 -3.90 3.57
CA LEU A 84 21.78 -3.73 4.60
C LEU A 84 22.73 -2.58 4.23
N ARG A 85 22.89 -2.34 2.94
CA ARG A 85 23.76 -1.29 2.46
C ARG A 85 23.10 0.08 2.61
N ALA A 86 21.77 0.10 2.59
CA ALA A 86 21.02 1.34 2.73
C ALA A 86 20.75 1.66 4.20
N THR A 87 20.58 0.60 5.00
CA THR A 87 20.31 0.76 6.42
C THR A 87 20.78 -0.45 7.21
N THR A 88 20.72 -0.35 8.54
CA THR A 88 21.14 -1.44 9.40
C THR A 88 20.20 -2.63 9.30
N LEU A 89 20.57 -3.74 9.91
CA LEU A 89 19.75 -4.95 9.89
C LEU A 89 18.44 -4.73 10.63
N TYR A 90 18.50 -4.03 11.75
CA TYR A 90 17.31 -3.75 12.55
C TYR A 90 16.26 -3.03 11.72
N ASN A 91 16.70 -2.15 10.84
CA ASN A 91 15.80 -1.39 9.98
C ASN A 91 15.41 -2.21 8.75
N THR A 92 16.35 -2.99 8.23
CA THR A 92 16.11 -3.82 7.06
C THR A 92 14.94 -4.78 7.30
N GLU A 93 14.87 -5.31 8.51
CA GLU A 93 13.80 -6.25 8.86
C GLU A 93 12.46 -5.51 8.98
N VAL A 94 12.53 -4.23 9.35
CA VAL A 94 11.32 -3.43 9.50
C VAL A 94 10.77 -3.00 8.14
N LEU A 95 11.66 -2.91 7.16
CA LEU A 95 11.27 -2.51 5.81
C LEU A 95 10.81 -3.72 5.00
N LEU A 96 11.67 -4.72 4.90
CA LEU A 96 11.36 -5.93 4.15
C LEU A 96 10.05 -6.54 4.64
N SER A 97 9.96 -6.78 5.95
CA SER A 97 8.76 -7.36 6.53
C SER A 97 7.52 -6.58 6.13
N HIS A 98 7.63 -5.26 6.10
CA HIS A 98 6.51 -4.40 5.74
C HIS A 98 6.13 -4.61 4.27
N LEU A 99 7.13 -4.67 3.40
CA LEU A 99 6.90 -4.87 1.98
C LEU A 99 6.36 -6.27 1.70
N SER A 100 6.70 -7.21 2.59
CA SER A 100 6.25 -8.58 2.44
C SER A 100 4.85 -8.78 3.04
N TYR A 101 4.52 -7.94 4.02
CA TYR A 101 3.22 -8.02 4.68
C TYR A 101 2.09 -7.78 3.68
N LEU A 102 2.28 -6.82 2.80
CA LEU A 102 1.27 -6.50 1.79
C LEU A 102 1.09 -7.66 0.82
N ARG A 103 2.18 -8.36 0.51
CA ARG A 103 2.14 -9.49 -0.40
C ARG A 103 1.32 -10.63 0.20
N GLU A 104 1.43 -10.82 1.51
CA GLU A 104 0.71 -11.88 2.20
C GLU A 104 -0.79 -11.72 2.01
N SER A 105 -1.24 -10.48 1.83
CA SER A 105 -2.65 -10.19 1.64
C SER A 105 -3.14 -10.73 0.30
N SER A 106 -2.23 -10.83 -0.66
CA SER A 106 -2.57 -11.33 -1.99
C SER A 106 -2.48 -12.86 -2.03
N LEU A 107 -1.64 -13.42 -1.18
CA LEU A 107 -1.46 -14.86 -1.11
C LEU A 107 -2.79 -15.57 -0.87
N LEU A 108 -3.72 -14.87 -0.23
CA LEU A 108 -5.03 -15.41 0.07
C LEU A 108 -5.94 -15.34 -1.15
N ALA A 109 -5.72 -14.34 -1.99
CA ALA A 109 -6.52 -14.15 -3.19
C ALA A 109 -6.37 -15.34 -4.14
N TYR A 110 -5.16 -15.90 -4.18
CA TYR A 110 -4.89 -17.04 -5.05
C TYR A 110 -5.77 -18.23 -4.69
N ASN A 111 -6.86 -18.41 -5.43
CA ASN A 111 -7.79 -19.50 -5.18
C ASN A 111 -8.00 -20.33 -6.45
N THR A 112 -8.66 -19.74 -7.44
CA THR A 112 -8.93 -20.42 -8.70
C THR A 112 -8.27 -19.70 -9.86
N THR A 113 -7.79 -20.47 -10.84
CA THR A 113 -7.14 -19.91 -12.01
C THR A 113 -7.23 -20.84 -13.20
N SER A 114 -7.39 -20.28 -14.39
CA SER A 114 -7.50 -21.06 -15.62
C SER A 114 -7.61 -20.15 -16.84
N HIS A 115 -7.68 -20.77 -18.02
CA HIS A 115 -7.80 -20.02 -19.26
C HIS A 115 -8.81 -20.67 -20.19
N THR A 116 -9.47 -19.84 -21.01
CA THR A 116 -10.47 -20.33 -21.95
C THR A 116 -10.06 -20.04 -23.39
N ASP A 117 -10.53 -20.88 -24.31
CA ASP A 117 -10.21 -20.71 -25.73
C ASP A 117 -11.26 -21.39 -26.60
N GLN A 118 -11.10 -21.25 -27.91
CA GLN A 118 -12.04 -21.86 -28.86
C GLN A 118 -11.32 -22.86 -29.76
N SER A 119 -12.10 -23.64 -30.51
CA SER A 119 -11.54 -24.63 -31.41
C SER A 119 -12.41 -24.78 -32.66
N SER A 120 -11.80 -25.24 -33.76
CA SER A 120 -12.50 -25.42 -35.01
C SER A 120 -12.30 -26.83 -35.55
N ARG A 121 -12.93 -27.12 -36.69
CA ARG A 121 -12.81 -28.43 -37.31
C ARG A 121 -13.50 -28.45 -38.66
N LEU A 122 -13.23 -29.49 -39.45
CA LEU A 122 -13.84 -29.63 -40.78
C LEU A 122 -14.63 -30.93 -40.88
N SER A 123 -15.92 -30.80 -41.16
CA SER A 123 -16.79 -31.96 -41.30
C SER A 123 -18.08 -31.60 -42.03
N VAL A 124 -17.94 -31.08 -43.24
CA VAL A 124 -19.08 -30.69 -44.04
C VAL A 124 -19.67 -31.89 -44.79
N LYS A 125 -20.99 -31.90 -44.95
CA LYS A 125 -21.67 -32.98 -45.65
C LYS A 125 -22.07 -32.56 -47.05
N GLU A 126 -21.74 -33.39 -48.03
CA GLU A 126 -22.06 -33.11 -49.43
C GLU A 126 -23.48 -33.58 -49.76
N ASP A 127 -24.02 -33.08 -50.87
CA ASP A 127 -25.35 -33.44 -51.30
C ASP A 127 -25.30 -34.30 -52.56
N PRO A 128 -26.39 -35.03 -52.83
CA PRO A 128 -26.49 -35.90 -54.01
C PRO A 128 -26.58 -35.12 -55.31
N GLY A 1 -42.45 -25.61 20.26
CA GLY A 1 -41.24 -26.11 20.90
C GLY A 1 -40.36 -25.00 21.44
N SER A 2 -39.26 -25.38 22.07
CA SER A 2 -38.32 -24.41 22.64
C SER A 2 -37.09 -25.10 23.22
N SER A 3 -35.92 -24.69 22.75
CA SER A 3 -34.66 -25.27 23.23
C SER A 3 -33.47 -24.54 22.62
N GLY A 4 -32.29 -24.80 23.18
CA GLY A 4 -31.08 -24.16 22.68
C GLY A 4 -30.09 -23.86 23.79
N SER A 5 -28.85 -24.29 23.60
CA SER A 5 -27.80 -24.07 24.59
C SER A 5 -26.44 -23.93 23.91
N SER A 6 -26.16 -22.73 23.41
CA SER A 6 -24.89 -22.47 22.74
C SER A 6 -23.78 -22.19 23.75
N GLY A 7 -22.54 -22.22 23.29
CA GLY A 7 -21.41 -21.98 24.17
C GLY A 7 -20.16 -21.57 23.41
N MET A 8 -19.97 -20.27 23.24
CA MET A 8 -18.80 -19.76 22.53
C MET A 8 -18.31 -18.45 23.15
N ASN A 9 -17.18 -17.95 22.66
CA ASN A 9 -16.62 -16.71 23.17
C ASN A 9 -16.50 -15.66 22.07
N TYR A 10 -15.71 -15.97 21.05
CA TYR A 10 -15.52 -15.05 19.93
C TYR A 10 -15.02 -13.70 20.43
N ASN A 11 -13.70 -13.58 20.56
CA ASN A 11 -13.09 -12.34 21.03
C ASN A 11 -12.44 -11.59 19.87
N SER A 12 -11.80 -10.47 20.17
CA SER A 12 -11.14 -9.66 19.16
C SER A 12 -9.97 -8.88 19.77
N TYR A 13 -9.07 -8.41 18.90
CA TYR A 13 -7.91 -7.66 19.35
C TYR A 13 -7.90 -6.27 18.73
N MET A 14 -8.17 -5.26 19.56
CA MET A 14 -8.19 -3.87 19.09
C MET A 14 -7.75 -2.92 20.21
N ASP A 15 -6.82 -2.03 19.88
CA ASP A 15 -6.33 -1.06 20.85
C ASP A 15 -5.70 0.14 20.16
N GLU A 16 -5.95 1.33 20.69
CA GLU A 16 -5.41 2.56 20.12
C GLU A 16 -5.83 3.77 20.93
N LYS A 17 -4.85 4.44 21.53
CA LYS A 17 -5.12 5.62 22.35
C LYS A 17 -4.72 6.89 21.59
N ASN A 18 -4.92 8.05 22.25
CA ASN A 18 -4.58 9.32 21.65
C ASN A 18 -3.07 9.55 21.66
N GLY A 19 -2.46 9.48 20.47
CA GLY A 19 -1.03 9.67 20.37
C GLY A 19 -0.59 11.04 20.84
N PRO A 20 0.72 11.23 20.99
CA PRO A 20 1.30 12.49 21.45
C PRO A 20 1.17 13.60 20.40
N PRO A 21 1.43 14.85 20.82
CA PRO A 21 1.35 16.01 19.93
C PRO A 21 2.46 16.02 18.89
N PRO A 22 2.33 16.91 17.89
CA PRO A 22 1.20 17.83 17.79
C PRO A 22 -0.11 17.10 17.46
N PRO A 23 -1.23 17.82 17.59
CA PRO A 23 -2.56 17.26 17.30
C PRO A 23 -2.78 17.04 15.81
N ASN A 24 -2.27 17.95 14.99
CA ASN A 24 -2.41 17.85 13.54
C ASN A 24 -1.10 18.20 12.85
N MET A 25 -0.89 17.62 11.67
CA MET A 25 0.32 17.86 10.90
C MET A 25 0.14 17.46 9.44
N THR A 26 -0.86 18.04 8.79
CA THR A 26 -1.15 17.74 7.39
C THR A 26 -1.41 19.02 6.60
N THR A 27 -1.23 18.95 5.28
CA THR A 27 -1.45 20.09 4.41
C THR A 27 -2.19 19.68 3.14
N ASN A 28 -1.49 19.00 2.25
CA ASN A 28 -2.08 18.54 1.00
C ASN A 28 -1.61 17.13 0.64
N GLU A 29 -2.57 16.22 0.50
CA GLU A 29 -2.24 14.83 0.18
C GLU A 29 -3.50 14.08 -0.28
N ARG A 30 -3.33 12.79 -0.56
CA ARG A 30 -4.45 11.96 -1.00
C ARG A 30 -4.52 10.68 -0.19
N ARG A 31 -5.73 10.13 -0.05
CA ARG A 31 -5.94 8.90 0.70
C ARG A 31 -5.45 7.70 -0.08
N VAL A 32 -4.22 7.28 0.20
CA VAL A 32 -3.63 6.12 -0.49
C VAL A 32 -2.31 5.73 0.14
N ILE A 33 -2.18 4.46 0.51
CA ILE A 33 -0.97 3.95 1.12
C ILE A 33 -0.28 2.93 0.22
N VAL A 34 -1.07 2.20 -0.56
CA VAL A 34 -0.55 1.20 -1.47
C VAL A 34 -1.47 0.99 -2.66
N PRO A 35 -0.88 0.88 -3.86
CA PRO A 35 -1.64 0.67 -5.09
C PRO A 35 -2.27 -0.72 -5.17
N ALA A 36 -1.47 -1.74 -4.88
CA ALA A 36 -1.96 -3.11 -4.91
C ALA A 36 -0.86 -4.10 -4.50
N ASP A 37 0.07 -4.33 -5.40
CA ASP A 37 1.18 -5.24 -5.14
C ASP A 37 2.51 -4.49 -5.09
N PRO A 38 3.52 -5.12 -4.48
CA PRO A 38 4.86 -4.53 -4.34
C PRO A 38 5.59 -4.46 -5.67
N THR A 39 5.10 -5.21 -6.66
CA THR A 39 5.71 -5.24 -7.98
C THR A 39 4.97 -4.32 -8.95
N LEU A 40 4.29 -3.31 -8.40
CA LEU A 40 3.54 -2.36 -9.21
C LEU A 40 3.48 -1.00 -8.53
N TRP A 41 4.50 -0.68 -7.73
CA TRP A 41 4.56 0.59 -7.03
C TRP A 41 5.02 1.70 -7.96
N THR A 42 4.94 2.94 -7.49
CA THR A 42 5.35 4.10 -8.28
C THR A 42 6.52 4.81 -7.63
N GLN A 43 6.90 5.95 -8.19
CA GLN A 43 8.01 6.74 -7.67
C GLN A 43 7.61 7.46 -6.39
N GLU A 44 6.32 7.74 -6.24
CA GLU A 44 5.81 8.42 -5.07
C GLU A 44 5.64 7.45 -3.90
N HIS A 45 5.06 6.29 -4.19
CA HIS A 45 4.85 5.27 -3.18
C HIS A 45 6.15 4.90 -2.48
N VAL A 46 7.26 5.08 -3.19
CA VAL A 46 8.58 4.76 -2.64
C VAL A 46 9.05 5.85 -1.69
N ARG A 47 8.60 7.08 -1.92
CA ARG A 47 8.98 8.20 -1.08
C ARG A 47 8.02 8.34 0.11
N GLN A 48 6.73 8.39 -0.18
CA GLN A 48 5.72 8.52 0.86
C GLN A 48 5.86 7.41 1.90
N TRP A 49 5.95 6.17 1.42
CA TRP A 49 6.09 5.02 2.30
C TRP A 49 7.28 5.19 3.24
N LEU A 50 8.41 5.63 2.70
CA LEU A 50 9.61 5.85 3.49
C LEU A 50 9.37 6.90 4.57
N GLU A 51 9.01 8.10 4.15
CA GLU A 51 8.75 9.19 5.08
C GLU A 51 7.73 8.78 6.13
N TRP A 52 6.73 8.01 5.72
CA TRP A 52 5.70 7.54 6.63
C TRP A 52 6.26 6.54 7.63
N ALA A 53 7.03 5.58 7.13
CA ALA A 53 7.63 4.56 7.98
C ALA A 53 8.55 5.19 9.02
N ILE A 54 9.49 6.00 8.55
CA ILE A 54 10.44 6.66 9.45
C ILE A 54 9.71 7.47 10.51
N LYS A 55 8.49 7.89 10.20
CA LYS A 55 7.69 8.68 11.14
C LYS A 55 6.98 7.76 12.13
N GLU A 56 6.12 6.89 11.62
CA GLU A 56 5.37 5.97 12.46
C GLU A 56 6.33 5.12 13.32
N TYR A 57 7.16 4.33 12.65
CA TYR A 57 8.11 3.47 13.34
C TYR A 57 9.10 4.31 14.15
N SER A 58 9.32 5.54 13.72
CA SER A 58 10.25 6.44 14.40
C SER A 58 11.67 5.88 14.36
N LEU A 59 12.16 5.63 13.15
CA LEU A 59 13.51 5.10 12.98
C LEU A 59 14.56 6.20 13.14
N MET A 60 15.82 5.84 12.93
CA MET A 60 16.92 6.79 13.04
C MET A 60 18.11 6.36 12.21
N GLU A 61 18.75 7.33 11.56
CA GLU A 61 19.91 7.05 10.71
C GLU A 61 19.54 6.09 9.57
N ILE A 62 18.98 6.65 8.51
CA ILE A 62 18.57 5.86 7.36
C ILE A 62 18.80 6.63 6.06
N ASP A 63 19.29 5.92 5.04
CA ASP A 63 19.54 6.53 3.74
C ASP A 63 18.24 6.86 3.02
N THR A 64 18.16 8.06 2.47
CA THR A 64 16.96 8.50 1.76
C THR A 64 17.25 8.69 0.27
N SER A 65 18.49 9.01 -0.05
CA SER A 65 18.90 9.22 -1.43
C SER A 65 18.74 7.94 -2.24
N PHE A 66 18.98 6.80 -1.59
CA PHE A 66 18.87 5.51 -2.25
C PHE A 66 17.45 5.27 -2.76
N PHE A 67 16.47 5.82 -2.05
CA PHE A 67 15.08 5.67 -2.42
C PHE A 67 14.57 6.91 -3.16
N GLN A 68 15.48 7.60 -3.84
CA GLN A 68 15.12 8.80 -4.58
C GLN A 68 14.24 8.47 -5.78
N ASN A 69 14.83 7.79 -6.77
CA ASN A 69 14.09 7.41 -7.96
C ASN A 69 14.11 5.89 -8.15
N MET A 70 14.21 5.17 -7.04
CA MET A 70 14.23 3.71 -7.09
C MET A 70 12.92 3.17 -7.63
N ASP A 71 13.01 2.21 -8.54
CA ASP A 71 11.83 1.60 -9.14
C ASP A 71 11.04 0.82 -8.10
N GLY A 72 9.72 0.96 -8.15
CA GLY A 72 8.86 0.26 -7.21
C GLY A 72 9.14 -1.23 -7.16
N LYS A 73 9.30 -1.83 -8.34
CA LYS A 73 9.58 -3.27 -8.43
C LYS A 73 10.93 -3.60 -7.80
N GLU A 74 11.86 -2.65 -7.88
CA GLU A 74 13.19 -2.85 -7.31
C GLU A 74 13.13 -2.92 -5.79
N LEU A 75 12.16 -2.22 -5.21
CA LEU A 75 12.00 -2.20 -3.76
C LEU A 75 11.90 -3.62 -3.20
N CYS A 76 10.94 -4.38 -3.71
CA CYS A 76 10.74 -5.76 -3.26
C CYS A 76 11.87 -6.65 -3.76
N LYS A 77 12.48 -6.27 -4.88
CA LYS A 77 13.57 -7.04 -5.47
C LYS A 77 14.78 -7.07 -4.53
N MET A 78 14.99 -5.96 -3.82
CA MET A 78 16.11 -5.86 -2.89
C MET A 78 15.98 -6.88 -1.77
N ASN A 79 17.05 -7.62 -1.51
CA ASN A 79 17.05 -8.62 -0.46
C ASN A 79 17.65 -8.06 0.83
N LYS A 80 17.76 -8.91 1.85
CA LYS A 80 18.32 -8.50 3.13
C LYS A 80 19.70 -7.89 2.95
N GLU A 81 20.50 -8.49 2.08
CA GLU A 81 21.85 -8.00 1.82
C GLU A 81 21.81 -6.68 1.07
N ASP A 82 20.85 -6.55 0.16
CA ASP A 82 20.70 -5.33 -0.64
C ASP A 82 20.29 -4.16 0.25
N PHE A 83 19.23 -4.36 1.03
CA PHE A 83 18.72 -3.32 1.93
C PHE A 83 19.77 -2.94 2.97
N LEU A 84 20.65 -3.89 3.28
CA LEU A 84 21.70 -3.66 4.26
C LEU A 84 22.63 -2.54 3.81
N ARG A 85 22.81 -2.40 2.51
CA ARG A 85 23.67 -1.36 1.95
C ARG A 85 23.03 0.01 2.09
N ALA A 86 21.70 0.03 2.16
CA ALA A 86 20.96 1.28 2.30
C ALA A 86 20.78 1.65 3.76
N THR A 87 20.46 0.65 4.58
CA THR A 87 20.27 0.88 6.01
C THR A 87 20.78 -0.30 6.83
N THR A 88 20.77 -0.15 8.15
CA THR A 88 21.25 -1.20 9.04
C THR A 88 20.29 -2.39 9.04
N LEU A 89 20.73 -3.49 9.64
CA LEU A 89 19.91 -4.70 9.72
C LEU A 89 18.63 -4.45 10.51
N TYR A 90 18.75 -3.68 11.58
CA TYR A 90 17.61 -3.36 12.43
C TYR A 90 16.50 -2.69 11.63
N ASN A 91 16.90 -1.92 10.62
CA ASN A 91 15.95 -1.21 9.77
C ASN A 91 15.49 -2.09 8.61
N THR A 92 16.44 -2.83 8.03
CA THR A 92 16.13 -3.72 6.92
C THR A 92 15.00 -4.67 7.26
N GLU A 93 15.00 -5.16 8.50
CA GLU A 93 13.97 -6.09 8.95
C GLU A 93 12.62 -5.38 9.08
N VAL A 94 12.66 -4.07 9.32
CA VAL A 94 11.45 -3.27 9.45
C VAL A 94 10.89 -2.88 8.09
N LEU A 95 11.77 -2.82 7.10
CA LEU A 95 11.36 -2.45 5.74
C LEU A 95 10.87 -3.67 4.97
N LEU A 96 11.74 -4.66 4.82
CA LEU A 96 11.39 -5.89 4.11
C LEU A 96 10.11 -6.49 4.65
N SER A 97 10.02 -6.59 5.98
CA SER A 97 8.84 -7.16 6.63
C SER A 97 7.57 -6.46 6.15
N HIS A 98 7.53 -5.13 6.31
CA HIS A 98 6.37 -4.35 5.90
C HIS A 98 6.10 -4.54 4.41
N LEU A 99 7.16 -4.73 3.64
CA LEU A 99 7.03 -4.92 2.19
C LEU A 99 6.45 -6.30 1.88
N SER A 100 6.66 -7.24 2.79
CA SER A 100 6.17 -8.61 2.60
C SER A 100 4.74 -8.74 3.15
N TYR A 101 4.44 -7.96 4.18
CA TYR A 101 3.13 -7.99 4.80
C TYR A 101 2.03 -7.77 3.77
N LEU A 102 2.35 -7.03 2.72
CA LEU A 102 1.40 -6.75 1.66
C LEU A 102 1.17 -7.98 0.79
N ARG A 103 2.22 -8.79 0.62
CA ARG A 103 2.13 -9.99 -0.18
C ARG A 103 1.16 -11.00 0.44
N GLU A 104 1.20 -11.11 1.76
CA GLU A 104 0.33 -12.02 2.48
C GLU A 104 -1.14 -11.70 2.21
N SER A 105 -1.42 -10.44 1.91
CA SER A 105 -2.78 -10.00 1.63
C SER A 105 -3.34 -10.72 0.41
N SER A 106 -2.45 -11.12 -0.49
CA SER A 106 -2.86 -11.80 -1.72
C SER A 106 -2.86 -13.32 -1.51
N LEU A 107 -1.97 -13.78 -0.63
CA LEU A 107 -1.87 -15.22 -0.34
C LEU A 107 -3.22 -15.79 0.08
N LEU A 108 -4.06 -14.94 0.65
CA LEU A 108 -5.38 -15.35 1.09
C LEU A 108 -6.36 -15.45 -0.08
N ALA A 109 -6.13 -14.63 -1.10
CA ALA A 109 -6.97 -14.62 -2.28
C ALA A 109 -6.97 -15.97 -2.97
N TYR A 110 -5.83 -16.66 -2.90
CA TYR A 110 -5.69 -17.98 -3.52
C TYR A 110 -6.69 -18.97 -2.93
N ASN A 111 -6.46 -19.35 -1.67
CA ASN A 111 -7.33 -20.30 -0.99
C ASN A 111 -8.74 -19.74 -0.85
N THR A 112 -8.84 -18.43 -0.71
CA THR A 112 -10.14 -17.76 -0.58
C THR A 112 -10.84 -18.20 0.70
N THR A 113 -10.94 -17.27 1.66
CA THR A 113 -11.60 -17.56 2.93
C THR A 113 -12.89 -16.76 3.08
N SER A 114 -13.87 -17.36 3.75
CA SER A 114 -15.16 -16.70 3.96
C SER A 114 -15.45 -16.53 5.45
N HIS A 115 -14.40 -16.27 6.22
CA HIS A 115 -14.53 -16.09 7.66
C HIS A 115 -13.52 -15.08 8.18
N THR A 116 -13.96 -13.83 8.32
CA THR A 116 -13.08 -12.77 8.81
C THR A 116 -13.89 -11.64 9.45
N ASP A 117 -13.40 -11.15 10.59
CA ASP A 117 -14.07 -10.07 11.30
C ASP A 117 -13.80 -8.73 10.63
N GLN A 118 -14.63 -7.74 10.95
CA GLN A 118 -14.48 -6.41 10.38
C GLN A 118 -15.01 -5.34 11.33
N SER A 119 -14.39 -4.17 11.31
CA SER A 119 -14.80 -3.07 12.18
C SER A 119 -14.56 -1.73 11.49
N SER A 120 -15.65 -1.07 11.09
CA SER A 120 -15.55 0.23 10.43
C SER A 120 -15.82 1.37 11.41
N ARG A 121 -14.82 1.69 12.23
CA ARG A 121 -14.95 2.76 13.21
C ARG A 121 -13.98 3.90 12.91
N LEU A 122 -13.72 4.13 11.63
CA LEU A 122 -12.80 5.18 11.21
C LEU A 122 -11.42 4.97 11.81
N SER A 123 -10.48 5.86 11.46
CA SER A 123 -9.12 5.76 11.96
C SER A 123 -8.84 6.87 12.97
N VAL A 124 -9.85 7.22 13.76
CA VAL A 124 -9.71 8.26 14.76
C VAL A 124 -10.56 7.95 16.00
N LYS A 125 -10.11 7.01 16.81
CA LYS A 125 -10.84 6.62 18.01
C LYS A 125 -10.13 7.16 19.25
N GLU A 126 -10.75 6.95 20.41
CA GLU A 126 -10.20 7.42 21.68
C GLU A 126 -9.97 8.92 21.66
N ASP A 127 -10.89 9.64 21.01
CA ASP A 127 -10.80 11.09 20.92
C ASP A 127 -10.96 11.74 22.29
N PRO A 128 -10.41 12.95 22.44
CA PRO A 128 -10.50 13.70 23.70
C PRO A 128 -11.91 14.20 24.00
N GLY A 1 -12.40 1.64 -64.61
CA GLY A 1 -12.61 0.21 -64.51
C GLY A 1 -13.85 -0.14 -63.72
N SER A 2 -13.82 0.12 -62.41
CA SER A 2 -14.95 -0.18 -61.55
C SER A 2 -14.92 0.71 -60.31
N SER A 3 -15.68 1.80 -60.36
CA SER A 3 -15.75 2.74 -59.25
C SER A 3 -17.16 3.31 -59.09
N GLY A 4 -17.56 3.54 -57.84
CA GLY A 4 -18.88 4.07 -57.58
C GLY A 4 -18.85 5.24 -56.62
N SER A 5 -19.79 5.23 -55.66
CA SER A 5 -19.87 6.30 -54.67
C SER A 5 -20.62 5.83 -53.43
N SER A 6 -20.83 6.75 -52.48
CA SER A 6 -21.53 6.43 -51.26
C SER A 6 -22.06 7.69 -50.59
N GLY A 7 -23.27 7.59 -50.04
CA GLY A 7 -23.87 8.74 -49.38
C GLY A 7 -23.93 8.59 -47.87
N MET A 8 -24.09 9.69 -47.17
CA MET A 8 -24.15 9.67 -45.70
C MET A 8 -24.90 10.89 -45.18
N ASN A 9 -25.61 10.72 -44.07
CA ASN A 9 -26.37 11.80 -43.46
C ASN A 9 -26.07 11.90 -41.97
N TYR A 10 -26.47 10.88 -41.22
CA TYR A 10 -26.25 10.86 -39.78
C TYR A 10 -27.00 12.00 -39.09
N ASN A 11 -26.72 12.20 -37.81
CA ASN A 11 -27.37 13.25 -37.04
C ASN A 11 -26.59 13.55 -35.77
N SER A 12 -27.15 14.41 -34.92
CA SER A 12 -26.50 14.78 -33.67
C SER A 12 -27.51 15.37 -32.70
N TYR A 13 -27.79 14.65 -31.62
CA TYR A 13 -28.73 15.10 -30.60
C TYR A 13 -28.27 14.68 -29.21
N MET A 14 -28.41 15.60 -28.26
CA MET A 14 -28.01 15.32 -26.88
C MET A 14 -29.17 15.60 -25.92
N ASP A 15 -29.56 14.58 -25.16
CA ASP A 15 -30.65 14.72 -24.19
C ASP A 15 -30.47 13.76 -23.03
N GLU A 16 -30.22 14.31 -21.85
CA GLU A 16 -30.02 13.51 -20.65
C GLU A 16 -31.16 13.72 -19.65
N LYS A 17 -31.34 12.76 -18.76
CA LYS A 17 -32.40 12.83 -17.76
C LYS A 17 -31.88 12.40 -16.40
N ASN A 18 -31.35 13.36 -15.64
CA ASN A 18 -30.83 13.09 -14.30
C ASN A 18 -30.75 14.36 -13.47
N GLY A 19 -30.96 14.23 -12.17
CA GLY A 19 -30.91 15.38 -11.28
C GLY A 19 -29.54 16.03 -11.26
N PRO A 20 -29.47 17.23 -10.66
CA PRO A 20 -28.21 17.98 -10.55
C PRO A 20 -27.22 17.33 -9.59
N PRO A 21 -25.96 17.79 -9.62
CA PRO A 21 -24.90 17.26 -8.76
C PRO A 21 -25.12 17.63 -7.30
N PRO A 22 -24.33 17.00 -6.41
CA PRO A 22 -23.33 16.02 -6.80
C PRO A 22 -23.96 14.72 -7.31
N PRO A 23 -23.14 13.86 -7.93
CA PRO A 23 -23.59 12.58 -8.47
C PRO A 23 -23.97 11.58 -7.36
N ASN A 24 -23.39 11.76 -6.18
CA ASN A 24 -23.66 10.88 -5.06
C ASN A 24 -23.18 11.52 -3.75
N MET A 25 -23.61 10.95 -2.63
CA MET A 25 -23.24 11.45 -1.31
C MET A 25 -21.78 11.11 -1.00
N THR A 26 -21.37 11.34 0.24
CA THR A 26 -20.01 11.06 0.67
C THR A 26 -19.96 10.75 2.17
N THR A 27 -18.96 9.97 2.56
CA THR A 27 -18.78 9.60 3.97
C THR A 27 -17.32 9.67 4.39
N ASN A 28 -16.54 10.49 3.68
CA ASN A 28 -15.13 10.64 3.97
C ASN A 28 -14.38 9.33 3.76
N GLU A 29 -13.06 9.42 3.62
CA GLU A 29 -12.24 8.24 3.40
C GLU A 29 -10.76 8.61 3.30
N ARG A 30 -9.89 7.62 3.39
CA ARG A 30 -8.45 7.85 3.31
C ARG A 30 -8.02 8.09 1.86
N ARG A 31 -7.09 9.03 1.68
CA ARG A 31 -6.61 9.37 0.35
C ARG A 31 -6.08 8.12 -0.36
N VAL A 32 -4.91 7.65 0.07
CA VAL A 32 -4.31 6.46 -0.54
C VAL A 32 -3.01 6.10 0.18
N ILE A 33 -2.89 4.83 0.57
CA ILE A 33 -1.70 4.35 1.26
C ILE A 33 -0.94 3.35 0.39
N VAL A 34 -1.68 2.57 -0.39
CA VAL A 34 -1.07 1.57 -1.26
C VAL A 34 -1.98 1.24 -2.44
N PRO A 35 -1.37 1.13 -3.63
CA PRO A 35 -2.12 0.82 -4.87
C PRO A 35 -2.65 -0.61 -4.87
N ALA A 36 -1.78 -1.56 -4.55
CA ALA A 36 -2.15 -2.97 -4.52
C ALA A 36 -0.99 -3.84 -4.08
N ASP A 37 -0.03 -4.05 -4.98
CA ASP A 37 1.14 -4.86 -4.68
C ASP A 37 2.41 -4.03 -4.71
N PRO A 38 3.47 -4.54 -4.08
CA PRO A 38 4.76 -3.86 -4.02
C PRO A 38 5.47 -3.83 -5.38
N THR A 39 4.97 -4.64 -6.31
CA THR A 39 5.55 -4.71 -7.64
C THR A 39 5.02 -3.58 -8.53
N LEU A 40 3.83 -3.09 -8.21
CA LEU A 40 3.22 -2.00 -8.97
C LEU A 40 3.26 -0.70 -8.19
N TRP A 41 4.43 -0.34 -7.70
CA TRP A 41 4.60 0.89 -6.94
C TRP A 41 5.25 1.97 -7.78
N THR A 42 5.08 3.23 -7.36
CA THR A 42 5.65 4.36 -8.09
C THR A 42 6.59 5.17 -7.21
N GLN A 43 7.32 6.09 -7.82
CA GLN A 43 8.25 6.94 -7.08
C GLN A 43 7.56 7.65 -5.93
N GLU A 44 6.26 7.89 -6.07
CA GLU A 44 5.48 8.56 -5.05
C GLU A 44 5.23 7.63 -3.86
N HIS A 45 5.14 6.33 -4.14
CA HIS A 45 4.90 5.34 -3.11
C HIS A 45 6.21 4.90 -2.46
N VAL A 46 7.30 4.99 -3.22
CA VAL A 46 8.61 4.61 -2.72
C VAL A 46 9.15 5.63 -1.73
N ARG A 47 8.74 6.88 -1.90
CA ARG A 47 9.18 7.96 -1.01
C ARG A 47 8.25 8.08 0.19
N GLN A 48 6.96 8.25 -0.07
CA GLN A 48 5.98 8.38 1.00
C GLN A 48 6.10 7.24 1.99
N TRP A 49 6.14 6.02 1.47
CA TRP A 49 6.26 4.83 2.32
C TRP A 49 7.43 4.96 3.29
N LEU A 50 8.58 5.37 2.76
CA LEU A 50 9.78 5.54 3.58
C LEU A 50 9.57 6.63 4.63
N GLU A 51 9.14 7.81 4.18
CA GLU A 51 8.91 8.93 5.08
C GLU A 51 7.91 8.55 6.17
N TRP A 52 7.05 7.58 5.87
CA TRP A 52 6.05 7.13 6.83
C TRP A 52 6.69 6.27 7.91
N ALA A 53 7.46 5.27 7.49
CA ALA A 53 8.12 4.38 8.44
C ALA A 53 9.08 5.15 9.34
N ILE A 54 9.89 6.01 8.75
CA ILE A 54 10.86 6.80 9.50
C ILE A 54 10.15 7.63 10.57
N LYS A 55 8.88 7.93 10.35
CA LYS A 55 8.09 8.72 11.29
C LYS A 55 7.41 7.81 12.31
N GLU A 56 6.49 6.98 11.84
CA GLU A 56 5.77 6.06 12.71
C GLU A 56 6.74 5.25 13.56
N TYR A 57 7.54 4.42 12.91
CA TYR A 57 8.50 3.58 13.60
C TYR A 57 9.55 4.43 14.31
N SER A 58 9.77 5.64 13.81
CA SER A 58 10.74 6.55 14.40
C SER A 58 12.16 5.96 14.33
N LEU A 59 12.60 5.66 13.11
CA LEU A 59 13.93 5.09 12.91
C LEU A 59 15.01 6.15 13.12
N MET A 60 16.24 5.81 12.76
CA MET A 60 17.36 6.73 12.91
C MET A 60 18.46 6.40 11.90
N GLU A 61 18.95 7.43 11.20
CA GLU A 61 20.01 7.25 10.21
C GLU A 61 19.56 6.27 9.12
N ILE A 62 19.03 6.82 8.03
CA ILE A 62 18.57 5.99 6.92
C ILE A 62 18.78 6.71 5.58
N ASP A 63 19.20 5.96 4.58
CA ASP A 63 19.43 6.52 3.25
C ASP A 63 18.12 6.88 2.57
N THR A 64 18.05 8.07 2.00
CA THR A 64 16.86 8.53 1.31
C THR A 64 17.06 8.58 -0.19
N SER A 65 18.26 8.94 -0.61
CA SER A 65 18.59 9.04 -2.02
C SER A 65 18.35 7.70 -2.72
N PHE A 66 18.45 6.62 -1.96
CA PHE A 66 18.23 5.28 -2.50
C PHE A 66 16.77 5.05 -2.85
N PHE A 67 15.89 5.77 -2.15
CA PHE A 67 14.45 5.64 -2.39
C PHE A 67 13.88 6.95 -2.94
N GLN A 68 14.72 7.71 -3.62
CA GLN A 68 14.30 8.99 -4.20
C GLN A 68 13.65 8.76 -5.56
N ASN A 69 14.10 7.74 -6.28
CA ASN A 69 13.57 7.42 -7.60
C ASN A 69 13.79 5.95 -7.93
N MET A 70 13.57 5.09 -6.94
CA MET A 70 13.73 3.66 -7.13
C MET A 70 12.42 3.02 -7.61
N ASP A 71 12.52 2.16 -8.62
CA ASP A 71 11.35 1.48 -9.15
C ASP A 71 10.76 0.52 -8.12
N GLY A 72 9.43 0.53 -8.00
CA GLY A 72 8.76 -0.34 -7.06
C GLY A 72 9.17 -1.80 -7.22
N LYS A 73 9.50 -2.18 -8.45
CA LYS A 73 9.91 -3.55 -8.74
C LYS A 73 11.23 -3.87 -8.07
N GLU A 74 12.14 -2.90 -8.07
CA GLU A 74 13.46 -3.09 -7.47
C GLU A 74 13.33 -3.30 -5.96
N LEU A 75 12.38 -2.61 -5.35
CA LEU A 75 12.15 -2.72 -3.90
C LEU A 75 11.97 -4.17 -3.50
N CYS A 76 11.46 -4.98 -4.42
CA CYS A 76 11.23 -6.40 -4.15
C CYS A 76 12.51 -7.20 -4.35
N LYS A 77 13.19 -6.97 -5.47
CA LYS A 77 14.43 -7.67 -5.77
C LYS A 77 15.47 -7.44 -4.67
N MET A 78 15.35 -6.32 -3.98
CA MET A 78 16.28 -5.98 -2.89
C MET A 78 16.08 -6.92 -1.71
N ASN A 79 17.19 -7.48 -1.22
CA ASN A 79 17.14 -8.39 -0.08
C ASN A 79 17.78 -7.76 1.15
N LYS A 80 17.88 -8.54 2.21
CA LYS A 80 18.47 -8.06 3.46
C LYS A 80 19.84 -7.45 3.21
N GLU A 81 20.53 -7.95 2.18
CA GLU A 81 21.86 -7.46 1.85
C GLU A 81 21.77 -6.09 1.17
N ASP A 82 21.14 -6.04 0.01
CA ASP A 82 20.98 -4.80 -0.74
C ASP A 82 20.38 -3.71 0.15
N PHE A 83 19.55 -4.12 1.10
CA PHE A 83 18.91 -3.18 2.01
C PHE A 83 19.87 -2.76 3.12
N LEU A 84 20.75 -3.67 3.51
CA LEU A 84 21.72 -3.40 4.57
C LEU A 84 22.65 -2.26 4.17
N ARG A 85 22.85 -2.10 2.87
CA ARG A 85 23.71 -1.04 2.35
C ARG A 85 23.02 0.31 2.43
N ALA A 86 21.69 0.30 2.40
CA ALA A 86 20.91 1.52 2.47
C ALA A 86 20.60 1.90 3.91
N THR A 87 20.36 0.89 4.75
CA THR A 87 20.05 1.11 6.15
C THR A 87 20.58 -0.01 7.02
N THR A 88 20.48 0.15 8.33
CA THR A 88 20.94 -0.86 9.27
C THR A 88 20.08 -2.11 9.20
N LEU A 89 20.47 -3.13 9.99
CA LEU A 89 19.73 -4.38 10.01
C LEU A 89 18.34 -4.19 10.62
N TYR A 90 18.28 -3.45 11.72
CA TYR A 90 17.03 -3.19 12.41
C TYR A 90 15.97 -2.65 11.44
N ASN A 91 16.37 -1.65 10.64
CA ASN A 91 15.47 -1.04 9.68
C ASN A 91 15.18 -2.01 8.53
N THR A 92 16.22 -2.67 8.05
CA THR A 92 16.08 -3.62 6.94
C THR A 92 15.02 -4.68 7.27
N GLU A 93 14.93 -5.04 8.55
CA GLU A 93 13.96 -6.04 8.98
C GLU A 93 12.53 -5.50 8.88
N VAL A 94 12.39 -4.19 9.01
CA VAL A 94 11.09 -3.55 8.93
C VAL A 94 10.68 -3.31 7.48
N LEU A 95 11.63 -2.84 6.67
CA LEU A 95 11.37 -2.58 5.27
C LEU A 95 10.94 -3.85 4.54
N LEU A 96 11.79 -4.86 4.59
CA LEU A 96 11.50 -6.14 3.94
C LEU A 96 10.20 -6.73 4.45
N SER A 97 10.08 -6.84 5.77
CA SER A 97 8.89 -7.39 6.40
C SER A 97 7.64 -6.68 5.88
N HIS A 98 7.61 -5.37 6.02
CA HIS A 98 6.48 -4.56 5.58
C HIS A 98 6.13 -4.88 4.12
N LEU A 99 7.13 -4.83 3.25
CA LEU A 99 6.93 -5.12 1.84
C LEU A 99 6.35 -6.51 1.64
N SER A 100 6.62 -7.41 2.59
CA SER A 100 6.13 -8.78 2.52
C SER A 100 4.73 -8.88 3.11
N TYR A 101 4.40 -7.97 4.03
CA TYR A 101 3.09 -7.97 4.67
C TYR A 101 1.99 -7.69 3.65
N LEU A 102 2.28 -6.81 2.70
CA LEU A 102 1.32 -6.46 1.67
C LEU A 102 0.93 -7.68 0.85
N ARG A 103 1.92 -8.49 0.48
CA ARG A 103 1.68 -9.69 -0.31
C ARG A 103 0.71 -10.62 0.41
N GLU A 104 0.67 -10.54 1.73
CA GLU A 104 -0.22 -11.37 2.53
C GLU A 104 -1.53 -10.64 2.83
N SER A 105 -1.48 -9.31 2.82
CA SER A 105 -2.66 -8.50 3.10
C SER A 105 -3.82 -8.92 2.19
N SER A 106 -3.49 -9.39 0.99
CA SER A 106 -4.50 -9.82 0.04
C SER A 106 -4.79 -11.31 0.18
N LEU A 107 -3.77 -12.06 0.56
CA LEU A 107 -3.92 -13.51 0.74
C LEU A 107 -5.02 -13.82 1.73
N LEU A 108 -5.30 -12.88 2.62
CA LEU A 108 -6.35 -13.06 3.63
C LEU A 108 -7.72 -12.82 3.04
N ALA A 109 -7.79 -11.96 2.02
CA ALA A 109 -9.05 -11.66 1.36
C ALA A 109 -9.73 -12.92 0.86
N TYR A 110 -8.94 -13.95 0.60
CA TYR A 110 -9.47 -15.22 0.10
C TYR A 110 -10.22 -15.96 1.21
N ASN A 111 -11.54 -15.81 1.23
CA ASN A 111 -12.36 -16.46 2.24
C ASN A 111 -13.84 -16.33 1.89
N THR A 112 -14.70 -16.85 2.76
CA THR A 112 -16.14 -16.79 2.54
C THR A 112 -16.77 -15.63 3.30
N THR A 113 -17.40 -14.72 2.57
CA THR A 113 -18.05 -13.56 3.17
C THR A 113 -19.33 -13.96 3.88
N SER A 114 -19.46 -13.56 5.14
CA SER A 114 -20.65 -13.86 5.93
C SER A 114 -20.87 -15.38 6.00
N HIS A 115 -20.33 -16.00 7.04
CA HIS A 115 -20.47 -17.43 7.22
C HIS A 115 -21.94 -17.82 7.43
N THR A 116 -22.26 -19.09 7.15
CA THR A 116 -23.62 -19.57 7.31
C THR A 116 -24.16 -19.27 8.69
N ASP A 117 -25.44 -18.89 8.76
CA ASP A 117 -26.08 -18.57 10.02
C ASP A 117 -26.83 -19.78 10.57
N GLN A 118 -27.43 -20.56 9.67
CA GLN A 118 -28.18 -21.74 10.05
C GLN A 118 -29.30 -21.38 11.03
N SER A 119 -30.22 -20.51 10.58
CA SER A 119 -31.33 -20.09 11.41
C SER A 119 -32.64 -20.14 10.64
N SER A 120 -33.50 -21.09 11.01
CA SER A 120 -34.78 -21.26 10.35
C SER A 120 -35.68 -22.22 11.14
N ARG A 121 -35.67 -22.07 12.47
CA ARG A 121 -36.49 -22.92 13.33
C ARG A 121 -37.81 -22.25 13.67
N LEU A 122 -38.91 -22.88 13.26
CA LEU A 122 -40.24 -22.35 13.53
C LEU A 122 -40.97 -23.17 14.59
N SER A 123 -41.81 -22.51 15.36
CA SER A 123 -42.57 -23.18 16.41
C SER A 123 -43.95 -23.58 15.92
N VAL A 124 -44.33 -24.83 16.19
CA VAL A 124 -45.65 -25.33 15.78
C VAL A 124 -46.67 -25.17 16.89
N LYS A 125 -47.91 -24.88 16.50
CA LYS A 125 -49.00 -24.71 17.46
C LYS A 125 -49.41 -26.05 18.07
N GLU A 126 -49.94 -26.00 19.28
CA GLU A 126 -50.38 -27.20 19.98
C GLU A 126 -51.86 -27.14 20.31
N ASP A 127 -52.38 -28.19 20.91
CA ASP A 127 -53.79 -28.26 21.28
C ASP A 127 -54.00 -29.17 22.49
N PRO A 128 -53.53 -28.72 23.66
CA PRO A 128 -53.65 -29.48 24.91
C PRO A 128 -55.10 -29.57 25.40
N GLY A 1 -36.10 68.41 17.67
CA GLY A 1 -34.77 68.23 18.24
C GLY A 1 -33.67 68.47 17.24
N SER A 2 -32.46 68.70 17.73
CA SER A 2 -31.31 68.94 16.86
C SER A 2 -30.47 67.68 16.70
N SER A 3 -30.41 66.88 17.77
CA SER A 3 -29.64 65.64 17.73
C SER A 3 -28.17 65.93 17.48
N GLY A 4 -27.38 64.86 17.34
CA GLY A 4 -25.97 65.02 17.08
C GLY A 4 -25.16 63.82 17.54
N SER A 5 -25.09 62.79 16.71
CA SER A 5 -24.34 61.58 17.05
C SER A 5 -23.36 61.22 15.94
N SER A 6 -22.28 60.54 16.31
CA SER A 6 -21.26 60.14 15.36
C SER A 6 -20.75 58.74 15.66
N GLY A 7 -19.88 58.22 14.79
CA GLY A 7 -19.33 56.89 14.98
C GLY A 7 -18.93 56.24 13.68
N MET A 8 -17.64 55.94 13.55
CA MET A 8 -17.13 55.31 12.33
C MET A 8 -16.99 53.79 12.52
N ASN A 9 -16.85 53.08 11.42
CA ASN A 9 -16.71 51.62 11.47
C ASN A 9 -15.27 51.22 11.74
N TYR A 10 -15.07 50.44 12.79
CA TYR A 10 -13.73 49.99 13.18
C TYR A 10 -13.47 48.58 12.65
N ASN A 11 -13.00 48.48 11.42
CA ASN A 11 -12.71 47.19 10.81
C ASN A 11 -13.97 46.33 10.72
N SER A 12 -13.85 45.18 10.07
CA SER A 12 -14.97 44.26 9.93
C SER A 12 -14.69 42.93 10.62
N TYR A 13 -15.65 42.02 10.57
CA TYR A 13 -15.51 40.71 11.18
C TYR A 13 -15.14 39.65 10.14
N MET A 14 -13.85 39.51 9.89
CA MET A 14 -13.38 38.54 8.91
C MET A 14 -13.73 37.11 9.35
N ASP A 15 -14.06 36.27 8.38
CA ASP A 15 -14.41 34.88 8.66
C ASP A 15 -14.17 33.99 7.44
N GLU A 16 -13.42 32.91 7.64
CA GLU A 16 -13.12 31.99 6.56
C GLU A 16 -13.73 30.61 6.83
N LYS A 17 -14.88 30.35 6.23
CA LYS A 17 -15.56 29.07 6.40
C LYS A 17 -15.27 28.13 5.23
N ASN A 18 -15.79 26.92 5.31
CA ASN A 18 -15.59 25.93 4.27
C ASN A 18 -16.23 26.38 2.96
N GLY A 19 -15.69 25.90 1.85
CA GLY A 19 -16.22 26.27 0.54
C GLY A 19 -17.44 25.47 0.16
N PRO A 20 -18.04 25.80 -0.99
CA PRO A 20 -19.24 25.10 -1.50
C PRO A 20 -18.94 23.69 -1.94
N PRO A 21 -20.00 22.90 -2.18
CA PRO A 21 -19.88 21.51 -2.62
C PRO A 21 -19.37 21.40 -4.05
N PRO A 22 -19.00 20.17 -4.45
CA PRO A 22 -19.07 18.99 -3.59
C PRO A 22 -18.05 19.04 -2.46
N PRO A 23 -18.21 18.14 -1.48
CA PRO A 23 -17.30 18.05 -0.33
C PRO A 23 -15.93 17.53 -0.70
N ASN A 24 -15.89 16.57 -1.63
CA ASN A 24 -14.64 15.99 -2.09
C ASN A 24 -13.83 15.45 -0.90
N MET A 25 -14.51 14.77 0.02
CA MET A 25 -13.86 14.20 1.19
C MET A 25 -13.22 15.30 2.04
N THR A 26 -12.57 14.90 3.12
CA THR A 26 -11.91 15.85 4.01
C THR A 26 -10.70 16.49 3.35
N THR A 27 -9.77 15.66 2.89
CA THR A 27 -8.57 16.16 2.23
C THR A 27 -8.34 15.45 0.89
N ASN A 28 -7.43 15.98 0.09
CA ASN A 28 -7.12 15.40 -1.21
C ASN A 28 -5.98 14.39 -1.11
N GLU A 29 -4.88 14.81 -0.48
CA GLU A 29 -3.73 13.94 -0.32
C GLU A 29 -3.97 12.91 0.79
N ARG A 30 -3.06 11.95 0.90
CA ARG A 30 -3.18 10.90 1.90
C ARG A 30 -4.43 10.06 1.68
N ARG A 31 -4.87 9.98 0.42
CA ARG A 31 -6.06 9.21 0.07
C ARG A 31 -5.80 7.72 0.23
N VAL A 32 -4.97 7.16 -0.63
CA VAL A 32 -4.65 5.75 -0.58
C VAL A 32 -3.25 5.52 -0.01
N ILE A 33 -3.12 4.51 0.83
CA ILE A 33 -1.83 4.18 1.44
C ILE A 33 -1.04 3.21 0.56
N VAL A 34 -1.75 2.35 -0.15
CA VAL A 34 -1.11 1.38 -1.03
C VAL A 34 -2.04 0.98 -2.17
N PRO A 35 -1.48 0.88 -3.38
CA PRO A 35 -2.23 0.50 -4.58
C PRO A 35 -2.68 -0.96 -4.56
N ALA A 36 -1.74 -1.85 -4.25
CA ALA A 36 -2.03 -3.28 -4.18
C ALA A 36 -0.80 -4.08 -3.76
N ASP A 37 0.17 -4.18 -4.67
CA ASP A 37 1.39 -4.91 -4.39
C ASP A 37 2.62 -4.01 -4.54
N PRO A 38 3.74 -4.43 -3.94
CA PRO A 38 5.00 -3.66 -3.99
C PRO A 38 5.62 -3.67 -5.38
N THR A 39 5.17 -4.60 -6.22
CA THR A 39 5.69 -4.71 -7.58
C THR A 39 5.13 -3.61 -8.47
N LEU A 40 3.89 -3.21 -8.21
CA LEU A 40 3.24 -2.16 -8.98
C LEU A 40 3.17 -0.86 -8.20
N TRP A 41 4.32 -0.37 -7.75
CA TRP A 41 4.39 0.86 -6.98
C TRP A 41 4.88 2.02 -7.85
N THR A 42 4.72 3.24 -7.36
CA THR A 42 5.14 4.43 -8.09
C THR A 42 6.11 5.26 -7.26
N GLN A 43 6.77 6.21 -7.91
CA GLN A 43 7.72 7.08 -7.24
C GLN A 43 7.09 7.77 -6.04
N GLU A 44 5.78 7.98 -6.11
CA GLU A 44 5.05 8.63 -5.02
C GLU A 44 4.87 7.68 -3.84
N HIS A 45 4.84 6.39 -4.13
CA HIS A 45 4.67 5.38 -3.09
C HIS A 45 6.02 4.98 -2.49
N VAL A 46 7.07 5.11 -3.30
CA VAL A 46 8.42 4.76 -2.85
C VAL A 46 8.97 5.82 -1.89
N ARG A 47 8.49 7.05 -2.04
CA ARG A 47 8.93 8.15 -1.19
C ARG A 47 8.03 8.28 0.03
N GLN A 48 6.72 8.35 -0.20
CA GLN A 48 5.75 8.48 0.88
C GLN A 48 5.95 7.37 1.91
N TRP A 49 6.05 6.13 1.43
CA TRP A 49 6.24 4.98 2.31
C TRP A 49 7.42 5.20 3.24
N LEU A 50 8.55 5.64 2.67
CA LEU A 50 9.76 5.87 3.45
C LEU A 50 9.52 6.95 4.50
N GLU A 51 9.13 8.15 4.05
CA GLU A 51 8.87 9.25 4.96
C GLU A 51 7.87 8.85 6.04
N TRP A 52 6.94 7.97 5.67
CA TRP A 52 5.92 7.50 6.61
C TRP A 52 6.52 6.55 7.64
N ALA A 53 7.28 5.57 7.16
CA ALA A 53 7.92 4.59 8.04
C ALA A 53 8.89 5.27 9.01
N ILE A 54 9.77 6.11 8.45
CA ILE A 54 10.75 6.82 9.27
C ILE A 54 10.07 7.64 10.36
N LYS A 55 8.82 8.02 10.12
CA LYS A 55 8.06 8.80 11.08
C LYS A 55 7.36 7.89 12.09
N GLU A 56 6.46 7.06 11.59
CA GLU A 56 5.71 6.13 12.44
C GLU A 56 6.67 5.29 13.29
N TYR A 57 7.46 4.45 12.62
CA TYR A 57 8.41 3.59 13.31
C TYR A 57 9.44 4.41 14.06
N SER A 58 9.69 5.63 13.58
CA SER A 58 10.66 6.52 14.20
C SER A 58 12.06 5.93 14.14
N LEU A 59 12.50 5.58 12.94
CA LEU A 59 13.81 5.00 12.73
C LEU A 59 14.91 6.04 12.92
N MET A 60 16.15 5.68 12.60
CA MET A 60 17.28 6.58 12.74
C MET A 60 18.42 6.16 11.83
N GLU A 61 19.01 7.13 11.14
CA GLU A 61 20.12 6.85 10.23
C GLU A 61 19.69 5.93 9.10
N ILE A 62 19.14 6.53 8.04
CA ILE A 62 18.68 5.76 6.89
C ILE A 62 18.87 6.55 5.60
N ASP A 63 19.29 5.86 4.54
CA ASP A 63 19.51 6.49 3.25
C ASP A 63 18.19 6.90 2.61
N THR A 64 18.13 8.13 2.10
CA THR A 64 16.93 8.64 1.47
C THR A 64 17.13 8.83 -0.03
N SER A 65 18.36 9.13 -0.42
CA SER A 65 18.69 9.34 -1.83
C SER A 65 18.50 8.06 -2.63
N PHE A 66 18.63 6.92 -1.96
CA PHE A 66 18.48 5.63 -2.61
C PHE A 66 17.02 5.39 -3.01
N PHE A 67 16.10 6.00 -2.27
CA PHE A 67 14.68 5.84 -2.53
C PHE A 67 14.10 7.14 -3.10
N GLN A 68 14.91 7.88 -3.83
CA GLN A 68 14.48 9.14 -4.42
C GLN A 68 13.84 8.91 -5.79
N ASN A 69 14.28 7.85 -6.46
CA ASN A 69 13.75 7.52 -7.78
C ASN A 69 13.83 6.02 -8.04
N MET A 70 13.80 5.23 -6.97
CA MET A 70 13.87 3.79 -7.08
C MET A 70 12.52 3.21 -7.54
N ASP A 71 12.58 2.29 -8.49
CA ASP A 71 11.37 1.66 -9.00
C ASP A 71 10.81 0.64 -8.01
N GLY A 72 9.49 0.65 -7.84
CA GLY A 72 8.86 -0.28 -6.92
C GLY A 72 9.25 -1.72 -7.18
N LYS A 73 9.47 -2.05 -8.45
CA LYS A 73 9.86 -3.41 -8.84
C LYS A 73 11.19 -3.79 -8.19
N GLU A 74 12.02 -2.80 -7.90
CA GLU A 74 13.32 -3.03 -7.29
C GLU A 74 13.18 -3.11 -5.78
N LEU A 75 12.29 -2.32 -5.21
CA LEU A 75 12.07 -2.29 -3.77
C LEU A 75 11.81 -3.70 -3.24
N CYS A 76 10.92 -4.43 -3.90
CA CYS A 76 10.59 -5.78 -3.50
C CYS A 76 11.74 -6.74 -3.79
N LYS A 77 12.54 -6.40 -4.80
CA LYS A 77 13.68 -7.23 -5.19
C LYS A 77 14.79 -7.13 -4.15
N MET A 78 14.92 -5.96 -3.53
CA MET A 78 15.95 -5.74 -2.52
C MET A 78 15.89 -6.81 -1.45
N ASN A 79 16.97 -7.59 -1.34
CA ASN A 79 17.04 -8.66 -0.34
C ASN A 79 17.63 -8.15 0.97
N LYS A 80 17.91 -9.07 1.88
CA LYS A 80 18.49 -8.71 3.18
C LYS A 80 19.85 -8.06 3.00
N GLU A 81 20.59 -8.47 1.97
CA GLU A 81 21.90 -7.91 1.70
C GLU A 81 21.79 -6.54 1.05
N ASP A 82 20.87 -6.42 0.09
CA ASP A 82 20.65 -5.16 -0.61
C ASP A 82 20.23 -4.07 0.36
N PHE A 83 19.15 -4.31 1.09
CA PHE A 83 18.65 -3.34 2.05
C PHE A 83 19.70 -3.00 3.10
N LEU A 84 20.54 -3.98 3.43
CA LEU A 84 21.60 -3.78 4.41
C LEU A 84 22.53 -2.66 4.00
N ARG A 85 22.69 -2.48 2.68
CA ARG A 85 23.55 -1.43 2.16
C ARG A 85 22.90 -0.05 2.32
N ALA A 86 21.58 -0.02 2.34
CA ALA A 86 20.84 1.22 2.50
C ALA A 86 20.65 1.57 3.97
N THR A 87 20.41 0.54 4.79
CA THR A 87 20.22 0.75 6.22
C THR A 87 20.73 -0.45 7.01
N THR A 88 20.73 -0.32 8.34
CA THR A 88 21.18 -1.40 9.21
C THR A 88 20.21 -2.56 9.21
N LEU A 89 20.64 -3.68 9.78
CA LEU A 89 19.80 -4.88 9.84
C LEU A 89 18.53 -4.61 10.63
N TYR A 90 18.67 -3.88 11.74
CA TYR A 90 17.52 -3.56 12.59
C TYR A 90 16.40 -2.93 11.77
N ASN A 91 16.78 -2.02 10.87
CA ASN A 91 15.81 -1.34 10.02
C ASN A 91 15.38 -2.22 8.86
N THR A 92 16.34 -2.95 8.29
CA THR A 92 16.06 -3.84 7.17
C THR A 92 14.91 -4.78 7.49
N GLU A 93 14.86 -5.27 8.72
CA GLU A 93 13.82 -6.18 9.15
C GLU A 93 12.47 -5.46 9.24
N VAL A 94 12.52 -4.16 9.54
CA VAL A 94 11.30 -3.36 9.66
C VAL A 94 10.77 -2.97 8.28
N LEU A 95 11.68 -2.87 7.31
CA LEU A 95 11.30 -2.51 5.95
C LEU A 95 10.86 -3.73 5.16
N LEU A 96 11.70 -4.75 5.13
CA LEU A 96 11.39 -5.99 4.41
C LEU A 96 10.08 -6.58 4.90
N SER A 97 9.87 -6.56 6.22
CA SER A 97 8.66 -7.11 6.82
C SER A 97 7.43 -6.37 6.31
N HIS A 98 7.55 -5.05 6.15
CA HIS A 98 6.44 -4.23 5.67
C HIS A 98 6.16 -4.52 4.20
N LEU A 99 7.21 -4.59 3.40
CA LEU A 99 7.08 -4.85 1.98
C LEU A 99 6.59 -6.28 1.73
N SER A 100 6.88 -7.17 2.68
CA SER A 100 6.47 -8.56 2.56
C SER A 100 5.06 -8.77 3.11
N TYR A 101 4.68 -7.92 4.08
CA TYR A 101 3.37 -8.01 4.70
C TYR A 101 2.27 -7.80 3.66
N LEU A 102 2.56 -6.98 2.66
CA LEU A 102 1.59 -6.70 1.60
C LEU A 102 1.45 -7.88 0.65
N ARG A 103 2.52 -8.66 0.54
CA ARG A 103 2.52 -9.83 -0.34
C ARG A 103 1.45 -10.83 0.10
N GLU A 104 1.27 -10.96 1.41
CA GLU A 104 0.28 -11.89 1.95
C GLU A 104 -1.09 -11.66 1.31
N SER A 105 -1.35 -10.42 0.90
CA SER A 105 -2.61 -10.07 0.28
C SER A 105 -2.90 -10.96 -0.92
N SER A 106 -1.83 -11.46 -1.54
CA SER A 106 -1.96 -12.32 -2.71
C SER A 106 -1.98 -13.78 -2.31
N LEU A 107 -1.24 -14.12 -1.25
CA LEU A 107 -1.17 -15.49 -0.76
C LEU A 107 -2.56 -16.01 -0.41
N LEU A 108 -3.48 -15.09 -0.13
CA LEU A 108 -4.85 -15.46 0.22
C LEU A 108 -5.64 -15.84 -1.02
N ALA A 109 -5.18 -15.39 -2.18
CA ALA A 109 -5.84 -15.69 -3.44
C ALA A 109 -5.77 -17.18 -3.76
N TYR A 110 -4.56 -17.67 -4.03
CA TYR A 110 -4.35 -19.08 -4.34
C TYR A 110 -4.55 -19.95 -3.10
N ASN A 111 -4.69 -21.25 -3.32
CA ASN A 111 -4.88 -22.20 -2.23
C ASN A 111 -6.04 -21.76 -1.33
N THR A 112 -7.25 -22.09 -1.74
CA THR A 112 -8.44 -21.74 -0.96
C THR A 112 -9.33 -22.95 -0.74
N THR A 113 -9.22 -23.56 0.43
CA THR A 113 -10.01 -24.72 0.77
C THR A 113 -10.79 -24.51 2.07
N SER A 114 -10.12 -23.93 3.06
CA SER A 114 -10.75 -23.67 4.36
C SER A 114 -11.99 -22.80 4.19
N HIS A 115 -12.91 -22.90 5.15
CA HIS A 115 -14.13 -22.11 5.11
C HIS A 115 -13.83 -20.62 5.03
N THR A 116 -14.79 -19.84 4.54
CA THR A 116 -14.61 -18.40 4.42
C THR A 116 -15.96 -17.68 4.39
N ASP A 117 -16.35 -17.12 5.52
CA ASP A 117 -17.61 -16.39 5.62
C ASP A 117 -17.69 -15.60 6.92
N GLN A 118 -16.70 -14.74 7.14
CA GLN A 118 -16.65 -13.92 8.34
C GLN A 118 -17.20 -12.52 8.07
N SER A 119 -18.32 -12.20 8.72
CA SER A 119 -18.96 -10.90 8.55
C SER A 119 -19.20 -10.23 9.89
N SER A 120 -19.78 -9.04 9.86
CA SER A 120 -20.06 -8.29 11.07
C SER A 120 -18.79 -8.05 11.87
N ARG A 121 -18.92 -7.38 13.01
CA ARG A 121 -17.78 -7.08 13.87
C ARG A 121 -16.70 -6.34 13.09
N LEU A 122 -17.12 -5.52 12.14
CA LEU A 122 -16.18 -4.75 11.32
C LEU A 122 -15.91 -3.39 11.95
N SER A 123 -14.74 -3.23 12.54
CA SER A 123 -14.36 -1.98 13.17
C SER A 123 -14.06 -0.91 12.12
N VAL A 124 -13.77 0.31 12.59
CA VAL A 124 -13.48 1.41 11.69
C VAL A 124 -14.57 1.58 10.63
N LYS A 125 -15.69 2.16 11.05
CA LYS A 125 -16.81 2.39 10.15
C LYS A 125 -16.38 3.21 8.94
N GLU A 126 -16.70 2.71 7.75
CA GLU A 126 -16.35 3.40 6.52
C GLU A 126 -17.36 4.50 6.20
N ASP A 127 -18.59 4.09 5.92
CA ASP A 127 -19.65 5.05 5.59
C ASP A 127 -20.19 5.70 6.86
N PRO A 128 -20.87 6.85 6.69
CA PRO A 128 -21.44 7.61 7.80
C PRO A 128 -22.63 6.90 8.43
N GLY A 1 7.03 17.45 -66.36
CA GLY A 1 5.61 17.68 -66.15
C GLY A 1 4.77 16.48 -66.56
N SER A 2 3.68 16.25 -65.83
CA SER A 2 2.80 15.14 -66.11
C SER A 2 1.39 15.40 -65.57
N SER A 3 0.55 14.37 -65.60
CA SER A 3 -0.82 14.50 -65.11
C SER A 3 -1.47 13.13 -64.96
N GLY A 4 -2.74 13.11 -64.55
CA GLY A 4 -3.45 11.87 -64.37
C GLY A 4 -4.65 12.01 -63.46
N SER A 5 -5.70 11.25 -63.75
CA SER A 5 -6.92 11.29 -62.96
C SER A 5 -7.40 9.89 -62.59
N SER A 6 -7.83 9.72 -61.34
CA SER A 6 -8.29 8.42 -60.87
C SER A 6 -8.85 8.54 -59.45
N GLY A 7 -9.45 7.45 -58.97
CA GLY A 7 -10.01 7.45 -57.63
C GLY A 7 -11.53 7.43 -57.63
N MET A 8 -12.11 6.59 -56.77
CA MET A 8 -13.56 6.48 -56.68
C MET A 8 -13.96 5.60 -55.49
N ASN A 9 -14.71 6.18 -54.57
CA ASN A 9 -15.16 5.46 -53.38
C ASN A 9 -16.05 6.34 -52.50
N TYR A 10 -16.87 5.71 -51.68
CA TYR A 10 -17.77 6.44 -50.80
C TYR A 10 -18.50 5.49 -49.86
N ASN A 11 -18.53 5.83 -48.57
CA ASN A 11 -19.18 5.00 -47.57
C ASN A 11 -19.09 5.65 -46.19
N SER A 12 -20.16 5.50 -45.40
CA SER A 12 -20.20 6.06 -44.06
C SER A 12 -21.34 5.46 -43.26
N TYR A 13 -21.06 5.12 -42.00
CA TYR A 13 -22.06 4.53 -41.12
C TYR A 13 -22.08 5.23 -39.77
N MET A 14 -23.27 5.43 -39.23
CA MET A 14 -23.43 6.09 -37.94
C MET A 14 -23.06 5.15 -36.79
N ASP A 15 -22.11 5.56 -35.97
CA ASP A 15 -21.67 4.75 -34.85
C ASP A 15 -21.20 5.64 -33.69
N GLU A 16 -21.97 5.64 -32.61
CA GLU A 16 -21.64 6.44 -31.43
C GLU A 16 -22.14 5.77 -30.16
N LYS A 17 -21.84 6.39 -29.02
CA LYS A 17 -22.25 5.85 -27.73
C LYS A 17 -22.14 6.93 -26.64
N ASN A 18 -23.23 7.67 -26.45
CA ASN A 18 -23.26 8.72 -25.44
C ASN A 18 -24.70 9.03 -25.01
N GLY A 19 -24.84 9.60 -23.83
CA GLY A 19 -26.17 9.94 -23.33
C GLY A 19 -26.21 11.30 -22.66
N PRO A 20 -27.36 11.65 -22.08
CA PRO A 20 -27.56 12.93 -21.40
C PRO A 20 -26.78 13.01 -20.09
N PRO A 21 -26.69 14.23 -19.54
CA PRO A 21 -25.97 14.47 -18.27
C PRO A 21 -26.69 13.86 -17.08
N PRO A 22 -26.00 13.82 -15.93
CA PRO A 22 -24.62 14.33 -15.82
C PRO A 22 -23.62 13.47 -16.56
N PRO A 23 -22.40 13.99 -16.73
CA PRO A 23 -21.32 13.27 -17.43
C PRO A 23 -20.80 12.09 -16.64
N ASN A 24 -19.97 11.27 -17.27
CA ASN A 24 -19.41 10.09 -16.63
C ASN A 24 -17.88 10.06 -16.77
N MET A 25 -17.25 11.19 -16.46
CA MET A 25 -15.80 11.30 -16.56
C MET A 25 -15.15 11.12 -15.18
N THR A 26 -15.86 11.56 -14.14
CA THR A 26 -15.36 11.45 -12.78
C THR A 26 -15.16 9.99 -12.38
N THR A 27 -13.90 9.57 -12.32
CA THR A 27 -13.57 8.20 -11.95
C THR A 27 -12.16 8.10 -11.37
N ASN A 28 -11.83 9.06 -10.51
CA ASN A 28 -10.51 9.08 -9.88
C ASN A 28 -10.62 9.27 -8.37
N GLU A 29 -9.52 9.06 -7.67
CA GLU A 29 -9.50 9.20 -6.21
C GLU A 29 -8.25 9.95 -5.76
N ARG A 30 -8.34 10.58 -4.59
CA ARG A 30 -7.22 11.34 -4.05
C ARG A 30 -6.94 10.94 -2.60
N ARG A 31 -6.93 9.63 -2.34
CA ARG A 31 -6.69 9.11 -1.00
C ARG A 31 -6.41 7.62 -1.03
N VAL A 32 -5.15 7.25 -0.81
CA VAL A 32 -4.75 5.85 -0.81
C VAL A 32 -3.37 5.68 -0.22
N ILE A 33 -3.17 4.57 0.50
CA ILE A 33 -1.88 4.29 1.13
C ILE A 33 -1.07 3.31 0.29
N VAL A 34 -1.77 2.43 -0.43
CA VAL A 34 -1.12 1.44 -1.28
C VAL A 34 -2.02 1.02 -2.43
N PRO A 35 -1.43 0.90 -3.63
CA PRO A 35 -2.16 0.51 -4.83
C PRO A 35 -2.60 -0.96 -4.79
N ALA A 36 -1.67 -1.84 -4.45
CA ALA A 36 -1.96 -3.27 -4.37
C ALA A 36 -0.74 -4.05 -3.91
N ASP A 37 0.21 -4.23 -4.82
CA ASP A 37 1.43 -4.97 -4.51
C ASP A 37 2.66 -4.07 -4.64
N PRO A 38 3.77 -4.48 -4.00
CA PRO A 38 5.03 -3.72 -4.03
C PRO A 38 5.68 -3.75 -5.40
N THR A 39 5.25 -4.67 -6.26
CA THR A 39 5.80 -4.80 -7.60
C THR A 39 5.26 -3.70 -8.51
N LEU A 40 3.99 -3.34 -8.32
CA LEU A 40 3.36 -2.31 -9.12
C LEU A 40 3.29 -0.98 -8.37
N TRP A 41 4.44 -0.54 -7.88
CA TRP A 41 4.52 0.72 -7.13
C TRP A 41 5.06 1.84 -8.01
N THR A 42 4.92 3.07 -7.54
CA THR A 42 5.39 4.23 -8.28
C THR A 42 6.39 5.05 -7.46
N GLN A 43 7.05 6.00 -8.12
CA GLN A 43 8.02 6.85 -7.44
C GLN A 43 7.39 7.58 -6.27
N GLU A 44 6.08 7.81 -6.36
CA GLU A 44 5.34 8.51 -5.30
C GLU A 44 5.12 7.59 -4.11
N HIS A 45 5.06 6.28 -4.36
CA HIS A 45 4.85 5.30 -3.31
C HIS A 45 6.18 4.89 -2.68
N VAL A 46 7.26 4.99 -3.45
CA VAL A 46 8.58 4.63 -2.97
C VAL A 46 9.13 5.70 -2.02
N ARG A 47 8.71 6.93 -2.23
CA ARG A 47 9.16 8.04 -1.39
C ARG A 47 8.22 8.24 -0.21
N GLN A 48 6.93 8.31 -0.48
CA GLN A 48 5.93 8.48 0.58
C GLN A 48 6.06 7.41 1.64
N TRP A 49 6.12 6.15 1.20
CA TRP A 49 6.24 5.02 2.11
C TRP A 49 7.40 5.22 3.08
N LEU A 50 8.56 5.58 2.53
CA LEU A 50 9.75 5.82 3.35
C LEU A 50 9.49 6.87 4.42
N GLU A 51 8.92 7.99 4.00
CA GLU A 51 8.62 9.09 4.91
C GLU A 51 7.59 8.65 5.96
N TRP A 52 6.77 7.67 5.59
CA TRP A 52 5.75 7.16 6.50
C TRP A 52 6.35 6.23 7.54
N ALA A 53 7.00 5.17 7.07
CA ALA A 53 7.63 4.20 7.96
C ALA A 53 8.55 4.89 8.95
N ILE A 54 9.47 5.70 8.45
CA ILE A 54 10.41 6.42 9.29
C ILE A 54 9.68 7.26 10.34
N LYS A 55 8.44 7.64 10.02
CA LYS A 55 7.64 8.44 10.94
C LYS A 55 6.95 7.56 11.97
N GLU A 56 6.12 6.63 11.49
CA GLU A 56 5.40 5.73 12.37
C GLU A 56 6.37 4.91 13.22
N TYR A 57 7.17 4.09 12.56
CA TYR A 57 8.14 3.25 13.25
C TYR A 57 9.15 4.09 14.02
N SER A 58 9.36 5.32 13.56
CA SER A 58 10.29 6.23 14.21
C SER A 58 11.71 5.69 14.14
N LEU A 59 12.18 5.40 12.94
CA LEU A 59 13.52 4.87 12.74
C LEU A 59 14.56 5.98 12.78
N MET A 60 15.80 5.65 12.45
CA MET A 60 16.89 6.62 12.45
C MET A 60 18.08 6.10 11.65
N GLU A 61 18.81 7.01 11.02
CA GLU A 61 19.98 6.64 10.23
C GLU A 61 19.59 5.76 9.06
N ILE A 62 18.85 6.34 8.11
CA ILE A 62 18.41 5.60 6.93
C ILE A 62 18.68 6.39 5.65
N ASP A 63 18.99 5.68 4.57
CA ASP A 63 19.27 6.32 3.29
C ASP A 63 17.97 6.76 2.61
N THR A 64 17.98 7.96 2.05
CA THR A 64 16.80 8.50 1.38
C THR A 64 17.05 8.65 -0.12
N SER A 65 18.29 8.97 -0.48
CA SER A 65 18.65 9.15 -1.88
C SER A 65 18.44 7.86 -2.66
N PHE A 66 18.51 6.73 -1.96
CA PHE A 66 18.33 5.42 -2.59
C PHE A 66 16.86 5.19 -2.95
N PHE A 67 15.97 5.83 -2.20
CA PHE A 67 14.54 5.71 -2.44
C PHE A 67 13.94 7.02 -2.95
N GLN A 68 14.79 7.82 -3.60
CA GLN A 68 14.34 9.10 -4.13
C GLN A 68 13.77 8.95 -5.54
N ASN A 69 14.24 7.92 -6.25
CA ASN A 69 13.77 7.66 -7.61
C ASN A 69 14.03 6.20 -7.99
N MET A 70 13.63 5.29 -7.12
CA MET A 70 13.81 3.86 -7.37
C MET A 70 12.50 3.22 -7.82
N ASP A 71 12.61 2.27 -8.75
CA ASP A 71 11.43 1.58 -9.27
C ASP A 71 10.82 0.67 -8.21
N GLY A 72 9.50 0.68 -8.12
CA GLY A 72 8.82 -0.14 -7.14
C GLY A 72 9.23 -1.60 -7.22
N LYS A 73 9.48 -2.08 -8.43
CA LYS A 73 9.88 -3.46 -8.65
C LYS A 73 11.25 -3.73 -8.04
N GLU A 74 12.09 -2.68 -7.99
CA GLU A 74 13.43 -2.81 -7.44
C GLU A 74 13.38 -3.03 -5.93
N LEU A 75 12.39 -2.42 -5.28
CA LEU A 75 12.23 -2.54 -3.84
C LEU A 75 12.18 -4.01 -3.42
N CYS A 76 11.44 -4.80 -4.18
CA CYS A 76 11.31 -6.23 -3.89
C CYS A 76 12.61 -6.96 -4.21
N LYS A 77 13.21 -6.62 -5.34
CA LYS A 77 14.45 -7.25 -5.77
C LYS A 77 15.53 -7.10 -4.69
N MET A 78 15.50 -5.98 -3.98
CA MET A 78 16.47 -5.71 -2.93
C MET A 78 16.33 -6.71 -1.79
N ASN A 79 17.44 -7.35 -1.43
CA ASN A 79 17.44 -8.34 -0.36
C ASN A 79 18.04 -7.75 0.91
N LYS A 80 18.22 -8.60 1.93
CA LYS A 80 18.79 -8.17 3.19
C LYS A 80 20.11 -7.43 2.98
N GLU A 81 20.94 -7.96 2.07
CA GLU A 81 22.23 -7.34 1.78
C GLU A 81 22.04 -6.00 1.07
N ASP A 82 21.25 -6.00 0.00
CA ASP A 82 20.99 -4.79 -0.75
C ASP A 82 20.44 -3.68 0.14
N PHE A 83 19.55 -4.07 1.06
CA PHE A 83 18.95 -3.11 1.99
C PHE A 83 19.93 -2.72 3.08
N LEU A 84 20.84 -3.64 3.41
CA LEU A 84 21.83 -3.40 4.44
C LEU A 84 22.73 -2.23 4.07
N ARG A 85 22.87 -1.99 2.76
CA ARG A 85 23.71 -0.91 2.27
C ARG A 85 23.02 0.44 2.47
N ALA A 86 21.69 0.42 2.50
CA ALA A 86 20.91 1.64 2.69
C ALA A 86 20.62 1.89 4.16
N THR A 87 20.30 0.83 4.89
CA THR A 87 20.00 0.93 6.31
C THR A 87 20.61 -0.23 7.09
N THR A 88 20.52 -0.16 8.41
CA THR A 88 21.06 -1.20 9.28
C THR A 88 20.23 -2.48 9.19
N LEU A 89 20.72 -3.54 9.81
CA LEU A 89 20.01 -4.82 9.80
C LEU A 89 18.70 -4.72 10.58
N TYR A 90 18.74 -4.03 11.70
CA TYR A 90 17.56 -3.86 12.54
C TYR A 90 16.41 -3.22 11.74
N ASN A 91 16.77 -2.31 10.84
CA ASN A 91 15.78 -1.63 10.02
C ASN A 91 15.41 -2.47 8.80
N THR A 92 16.41 -3.10 8.20
CA THR A 92 16.18 -3.93 7.02
C THR A 92 15.14 -5.00 7.30
N GLU A 93 15.13 -5.53 8.52
CA GLU A 93 14.17 -6.56 8.91
C GLU A 93 12.78 -5.97 9.05
N VAL A 94 12.72 -4.67 9.37
CA VAL A 94 11.44 -3.99 9.54
C VAL A 94 10.83 -3.61 8.19
N LEU A 95 11.69 -3.20 7.27
CA LEU A 95 11.24 -2.81 5.93
C LEU A 95 10.80 -4.02 5.12
N LEU A 96 11.72 -4.97 4.94
CA LEU A 96 11.44 -6.18 4.18
C LEU A 96 10.18 -6.86 4.71
N SER A 97 10.13 -7.07 6.03
CA SER A 97 8.99 -7.71 6.66
C SER A 97 7.69 -6.99 6.31
N HIS A 98 7.72 -5.66 6.41
CA HIS A 98 6.54 -4.85 6.11
C HIS A 98 6.12 -5.04 4.65
N LEU A 99 7.07 -4.89 3.73
CA LEU A 99 6.79 -5.05 2.31
C LEU A 99 6.17 -6.41 2.03
N SER A 100 6.47 -7.38 2.88
CA SER A 100 5.94 -8.73 2.72
C SER A 100 4.60 -8.88 3.43
N TYR A 101 4.39 -8.07 4.47
CA TYR A 101 3.16 -8.12 5.24
C TYR A 101 2.02 -7.45 4.48
N LEU A 102 2.37 -6.50 3.62
CA LEU A 102 1.38 -5.78 2.82
C LEU A 102 0.90 -6.62 1.65
N ARG A 103 1.86 -7.11 0.85
CA ARG A 103 1.53 -7.93 -0.30
C ARG A 103 0.71 -9.15 0.10
N GLU A 104 0.88 -9.58 1.35
CA GLU A 104 0.15 -10.74 1.86
C GLU A 104 -1.26 -10.35 2.29
N SER A 105 -1.42 -9.09 2.69
CA SER A 105 -2.72 -8.59 3.13
C SER A 105 -3.56 -8.14 1.94
N SER A 106 -2.89 -7.74 0.86
CA SER A 106 -3.58 -7.28 -0.34
C SER A 106 -4.55 -8.35 -0.85
N LEU A 107 -4.26 -9.60 -0.51
CA LEU A 107 -5.10 -10.71 -0.94
C LEU A 107 -6.54 -10.51 -0.47
N LEU A 108 -6.71 -9.74 0.60
CA LEU A 108 -8.03 -9.47 1.15
C LEU A 108 -8.83 -8.54 0.23
N ALA A 109 -8.12 -7.81 -0.61
CA ALA A 109 -8.75 -6.89 -1.54
C ALA A 109 -9.61 -7.64 -2.55
N TYR A 110 -8.97 -8.49 -3.34
CA TYR A 110 -9.68 -9.27 -4.36
C TYR A 110 -10.61 -10.29 -3.70
N ASN A 111 -11.78 -10.48 -4.32
CA ASN A 111 -12.76 -11.42 -3.79
C ASN A 111 -13.43 -12.18 -4.93
N THR A 112 -14.45 -12.96 -4.60
CA THR A 112 -15.19 -13.74 -5.59
C THR A 112 -15.76 -12.85 -6.68
N THR A 113 -15.94 -13.41 -7.87
CA THR A 113 -16.49 -12.67 -9.00
C THR A 113 -17.95 -12.31 -8.77
N SER A 114 -18.50 -11.49 -9.66
CA SER A 114 -19.89 -11.07 -9.54
C SER A 114 -20.12 -10.27 -8.27
N HIS A 115 -21.38 -9.95 -7.98
CA HIS A 115 -21.74 -9.20 -6.80
C HIS A 115 -23.25 -9.08 -6.65
N THR A 116 -23.69 -8.34 -5.64
CA THR A 116 -25.10 -8.17 -5.38
C THR A 116 -25.77 -7.39 -6.51
N ASP A 117 -27.07 -7.60 -6.69
CA ASP A 117 -27.83 -6.92 -7.73
C ASP A 117 -28.63 -5.75 -7.15
N GLN A 118 -28.62 -4.63 -7.86
CA GLN A 118 -29.34 -3.45 -7.41
C GLN A 118 -30.13 -2.83 -8.56
N SER A 119 -31.33 -2.33 -8.25
CA SER A 119 -32.18 -1.72 -9.26
C SER A 119 -32.03 -0.20 -9.25
N SER A 120 -31.94 0.38 -10.44
CA SER A 120 -31.78 1.83 -10.57
C SER A 120 -32.22 2.29 -11.96
N ARG A 121 -33.52 2.51 -12.12
CA ARG A 121 -34.06 2.96 -13.41
C ARG A 121 -34.70 4.34 -13.27
N LEU A 122 -35.33 4.80 -14.34
CA LEU A 122 -35.99 6.11 -14.34
C LEU A 122 -37.17 6.13 -15.31
N SER A 123 -38.22 6.85 -14.95
CA SER A 123 -39.40 6.95 -15.78
C SER A 123 -39.77 8.41 -16.04
N VAL A 124 -39.06 9.03 -16.98
CA VAL A 124 -39.30 10.43 -17.32
C VAL A 124 -40.75 10.63 -17.79
N LYS A 125 -41.18 11.88 -17.81
CA LYS A 125 -42.53 12.22 -18.24
C LYS A 125 -42.53 12.84 -19.64
N GLU A 126 -43.52 12.47 -20.44
CA GLU A 126 -43.63 12.99 -21.79
C GLU A 126 -45.08 13.35 -22.13
N ASP A 127 -45.98 12.41 -21.86
CA ASP A 127 -47.40 12.63 -22.12
C ASP A 127 -48.25 12.19 -20.93
N PRO A 128 -49.49 12.70 -20.88
CA PRO A 128 -50.43 12.37 -19.80
C PRO A 128 -50.91 10.93 -19.86
N GLY A 1 -49.44 -28.28 -9.77
CA GLY A 1 -49.49 -27.05 -9.00
C GLY A 1 -48.12 -26.44 -8.79
N SER A 2 -48.04 -25.44 -7.92
CA SER A 2 -46.78 -24.77 -7.63
C SER A 2 -46.79 -24.15 -6.24
N SER A 3 -45.97 -24.71 -5.35
CA SER A 3 -45.89 -24.22 -3.98
C SER A 3 -44.49 -24.45 -3.40
N GLY A 4 -43.74 -23.37 -3.24
CA GLY A 4 -42.40 -23.47 -2.70
C GLY A 4 -42.30 -22.94 -1.29
N SER A 5 -41.07 -22.87 -0.76
CA SER A 5 -40.84 -22.37 0.59
C SER A 5 -40.07 -21.06 0.56
N SER A 6 -40.46 -20.13 1.44
CA SER A 6 -39.80 -18.84 1.52
C SER A 6 -38.59 -18.89 2.45
N GLY A 7 -37.90 -17.76 2.59
CA GLY A 7 -36.73 -17.70 3.45
C GLY A 7 -36.09 -16.33 3.45
N MET A 8 -36.78 -15.35 4.02
CA MET A 8 -36.26 -13.99 4.09
C MET A 8 -35.71 -13.68 5.48
N ASN A 9 -34.53 -13.09 5.53
CA ASN A 9 -33.89 -12.75 6.80
C ASN A 9 -33.10 -11.45 6.67
N TYR A 10 -33.10 -10.66 7.73
CA TYR A 10 -32.37 -9.39 7.75
C TYR A 10 -30.89 -9.61 8.04
N ASN A 11 -30.04 -9.17 7.12
CA ASN A 11 -28.61 -9.32 7.27
C ASN A 11 -28.02 -8.15 8.05
N SER A 12 -28.62 -6.97 7.88
CA SER A 12 -28.16 -5.77 8.57
C SER A 12 -26.68 -5.52 8.28
N TYR A 13 -26.43 -4.76 7.22
CA TYR A 13 -25.05 -4.43 6.83
C TYR A 13 -24.63 -3.08 7.38
N MET A 14 -23.36 -2.97 7.77
CA MET A 14 -22.84 -1.72 8.31
C MET A 14 -21.58 -1.30 7.55
N ASP A 15 -21.53 -0.03 7.15
CA ASP A 15 -20.39 0.50 6.42
C ASP A 15 -19.47 1.28 7.35
N GLU A 16 -18.29 1.65 6.85
CA GLU A 16 -17.32 2.40 7.63
C GLU A 16 -17.80 3.82 7.90
N LYS A 17 -18.29 4.06 9.11
CA LYS A 17 -18.79 5.39 9.49
C LYS A 17 -18.36 5.74 10.91
N ASN A 18 -17.92 6.97 11.10
CA ASN A 18 -17.48 7.43 12.41
C ASN A 18 -16.34 6.58 12.94
N GLY A 19 -15.14 6.81 12.43
CA GLY A 19 -13.98 6.06 12.87
C GLY A 19 -13.21 6.74 13.98
N PRO A 20 -12.23 6.04 14.55
CA PRO A 20 -11.39 6.57 15.63
C PRO A 20 -10.45 7.67 15.15
N PRO A 21 -9.84 8.38 16.10
CA PRO A 21 -8.91 9.48 15.80
C PRO A 21 -7.59 8.97 15.21
N PRO A 22 -6.78 9.89 14.68
CA PRO A 22 -7.12 11.32 14.66
C PRO A 22 -8.26 11.64 13.71
N PRO A 23 -8.80 12.86 13.81
CA PRO A 23 -9.90 13.32 12.96
C PRO A 23 -9.47 13.53 11.52
N ASN A 24 -8.35 14.21 11.33
CA ASN A 24 -7.83 14.48 10.00
C ASN A 24 -6.31 14.63 10.02
N MET A 25 -5.63 13.90 9.14
CA MET A 25 -4.17 13.95 9.06
C MET A 25 -3.73 14.83 7.90
N THR A 26 -2.70 15.64 8.14
CA THR A 26 -2.18 16.53 7.11
C THR A 26 -3.29 17.36 6.48
N THR A 27 -2.96 18.07 5.41
CA THR A 27 -3.93 18.91 4.71
C THR A 27 -4.51 18.17 3.51
N ASN A 28 -4.77 16.88 3.67
CA ASN A 28 -5.34 16.07 2.60
C ASN A 28 -6.64 15.42 3.05
N GLU A 29 -7.21 14.58 2.18
CA GLU A 29 -8.47 13.91 2.49
C GLU A 29 -8.33 12.40 2.29
N ARG A 30 -7.19 11.86 2.71
CA ARG A 30 -6.93 10.42 2.57
C ARG A 30 -7.14 9.97 1.15
N ARG A 31 -6.11 10.10 0.32
CA ARG A 31 -6.18 9.70 -1.08
C ARG A 31 -5.96 8.19 -1.23
N VAL A 32 -4.75 7.75 -0.93
CA VAL A 32 -4.42 6.32 -1.02
C VAL A 32 -3.04 6.05 -0.45
N ILE A 33 -2.92 4.97 0.31
CA ILE A 33 -1.65 4.59 0.92
C ILE A 33 -0.92 3.56 0.06
N VAL A 34 -1.68 2.74 -0.64
CA VAL A 34 -1.10 1.71 -1.50
C VAL A 34 -2.03 1.39 -2.67
N PRO A 35 -1.44 1.24 -3.86
CA PRO A 35 -2.20 0.93 -5.09
C PRO A 35 -2.75 -0.49 -5.07
N ALA A 36 -1.91 -1.45 -4.74
CA ALA A 36 -2.32 -2.85 -4.69
C ALA A 36 -1.17 -3.75 -4.23
N ASP A 37 -0.20 -3.95 -5.11
CA ASP A 37 0.95 -4.78 -4.80
C ASP A 37 2.24 -3.98 -4.86
N PRO A 38 3.30 -4.50 -4.21
CA PRO A 38 4.61 -3.83 -4.17
C PRO A 38 5.30 -3.84 -5.53
N THR A 39 4.83 -4.71 -6.43
CA THR A 39 5.41 -4.81 -7.77
C THR A 39 4.86 -3.73 -8.68
N LEU A 40 3.66 -3.25 -8.38
CA LEU A 40 3.02 -2.22 -9.19
C LEU A 40 3.01 -0.88 -8.45
N TRP A 41 4.18 -0.49 -7.93
CA TRP A 41 4.30 0.76 -7.21
C TRP A 41 4.85 1.87 -8.12
N THR A 42 4.69 3.11 -7.69
CA THR A 42 5.16 4.25 -8.47
C THR A 42 6.37 4.90 -7.80
N GLN A 43 6.80 6.03 -8.35
CA GLN A 43 7.96 6.74 -7.81
C GLN A 43 7.60 7.46 -6.51
N GLU A 44 6.33 7.86 -6.38
CA GLU A 44 5.86 8.55 -5.19
C GLU A 44 5.59 7.56 -4.05
N HIS A 45 4.99 6.42 -4.40
CA HIS A 45 4.68 5.39 -3.42
C HIS A 45 5.93 4.92 -2.71
N VAL A 46 7.08 5.03 -3.38
CA VAL A 46 8.35 4.62 -2.81
C VAL A 46 8.89 5.67 -1.84
N ARG A 47 8.48 6.92 -2.05
CA ARG A 47 8.92 8.02 -1.21
C ARG A 47 7.99 8.18 -0.01
N GLN A 48 6.70 8.30 -0.28
CA GLN A 48 5.71 8.46 0.78
C GLN A 48 5.85 7.37 1.83
N TRP A 49 5.95 6.12 1.38
CA TRP A 49 6.09 4.99 2.28
C TRP A 49 7.22 5.21 3.27
N LEU A 50 8.42 5.50 2.74
CA LEU A 50 9.58 5.73 3.58
C LEU A 50 9.31 6.83 4.60
N GLU A 51 8.77 7.95 4.13
CA GLU A 51 8.46 9.07 5.01
C GLU A 51 7.45 8.66 6.07
N TRP A 52 6.64 7.66 5.76
CA TRP A 52 5.63 7.18 6.69
C TRP A 52 6.24 6.23 7.72
N ALA A 53 7.05 5.29 7.25
CA ALA A 53 7.71 4.34 8.13
C ALA A 53 8.65 5.03 9.09
N ILE A 54 9.52 5.87 8.56
CA ILE A 54 10.49 6.61 9.38
C ILE A 54 9.77 7.41 10.47
N LYS A 55 8.52 7.77 10.21
CA LYS A 55 7.73 8.53 11.16
C LYS A 55 7.04 7.61 12.16
N GLU A 56 6.17 6.75 11.65
CA GLU A 56 5.44 5.82 12.51
C GLU A 56 6.40 4.99 13.37
N TYR A 57 7.21 4.17 12.71
CA TYR A 57 8.17 3.33 13.41
C TYR A 57 9.19 4.18 14.18
N SER A 58 9.40 5.41 13.70
CA SER A 58 10.35 6.32 14.33
C SER A 58 11.76 5.76 14.29
N LEU A 59 12.22 5.42 13.08
CA LEU A 59 13.56 4.86 12.91
C LEU A 59 14.62 5.93 13.12
N MET A 60 15.88 5.56 12.92
CA MET A 60 16.99 6.49 13.08
C MET A 60 18.14 6.14 12.16
N GLU A 61 18.63 7.14 11.42
CA GLU A 61 19.74 6.93 10.50
C GLU A 61 19.33 5.96 9.38
N ILE A 62 18.94 6.52 8.24
CA ILE A 62 18.53 5.71 7.10
C ILE A 62 18.72 6.47 5.79
N ASP A 63 19.24 5.77 4.78
CA ASP A 63 19.47 6.37 3.47
C ASP A 63 18.15 6.76 2.81
N THR A 64 18.10 7.98 2.28
CA THR A 64 16.90 8.47 1.62
C THR A 64 17.13 8.67 0.12
N SER A 65 18.36 9.06 -0.23
CA SER A 65 18.71 9.28 -1.63
C SER A 65 18.49 8.01 -2.45
N PHE A 66 18.58 6.86 -1.79
CA PHE A 66 18.41 5.58 -2.46
C PHE A 66 16.93 5.34 -2.80
N PHE A 67 16.05 5.96 -2.01
CA PHE A 67 14.61 5.81 -2.23
C PHE A 67 14.00 7.13 -2.70
N GLN A 68 14.80 7.95 -3.36
CA GLN A 68 14.35 9.24 -3.86
C GLN A 68 13.76 9.10 -5.26
N ASN A 69 14.28 8.14 -6.02
CA ASN A 69 13.82 7.91 -7.38
C ASN A 69 14.08 6.47 -7.81
N MET A 70 13.57 5.52 -7.03
CA MET A 70 13.76 4.10 -7.32
C MET A 70 12.44 3.47 -7.75
N ASP A 71 12.51 2.56 -8.73
CA ASP A 71 11.33 1.88 -9.23
C ASP A 71 10.77 0.93 -8.18
N GLY A 72 9.45 0.92 -8.04
CA GLY A 72 8.79 0.06 -7.07
C GLY A 72 9.24 -1.38 -7.20
N LYS A 73 9.34 -1.86 -8.44
CA LYS A 73 9.74 -3.23 -8.70
C LYS A 73 11.14 -3.50 -8.14
N GLU A 74 11.99 -2.48 -8.17
CA GLU A 74 13.35 -2.61 -7.66
C GLU A 74 13.35 -2.86 -6.17
N LEU A 75 12.46 -2.19 -5.46
CA LEU A 75 12.35 -2.35 -4.01
C LEU A 75 12.21 -3.81 -3.62
N CYS A 76 11.59 -4.59 -4.49
CA CYS A 76 11.39 -6.01 -4.25
C CYS A 76 12.69 -6.78 -4.47
N LYS A 77 13.41 -6.44 -5.53
CA LYS A 77 14.67 -7.10 -5.85
C LYS A 77 15.67 -6.94 -4.71
N MET A 78 15.55 -5.85 -3.96
CA MET A 78 16.43 -5.59 -2.85
C MET A 78 16.31 -6.68 -1.78
N ASN A 79 17.38 -7.45 -1.60
CA ASN A 79 17.39 -8.52 -0.61
C ASN A 79 17.92 -8.02 0.73
N LYS A 80 17.96 -8.92 1.70
CA LYS A 80 18.45 -8.57 3.04
C LYS A 80 19.84 -7.94 2.96
N GLU A 81 20.61 -8.35 1.96
CA GLU A 81 21.95 -7.82 1.77
C GLU A 81 21.92 -6.44 1.14
N ASP A 82 21.20 -6.33 0.03
CA ASP A 82 21.07 -5.05 -0.68
C ASP A 82 20.61 -3.95 0.26
N PHE A 83 19.60 -4.26 1.07
CA PHE A 83 19.06 -3.29 2.02
C PHE A 83 20.08 -2.97 3.12
N LEU A 84 20.83 -4.00 3.52
CA LEU A 84 21.84 -3.83 4.56
C LEU A 84 22.88 -2.80 4.15
N ARG A 85 23.12 -2.69 2.85
CA ARG A 85 24.10 -1.74 2.33
C ARG A 85 23.57 -0.31 2.42
N ALA A 86 22.24 -0.17 2.41
CA ALA A 86 21.61 1.14 2.49
C ALA A 86 21.37 1.53 3.94
N THR A 87 20.89 0.58 4.74
CA THR A 87 20.60 0.84 6.14
C THR A 87 20.98 -0.36 7.00
N THR A 88 20.90 -0.19 8.32
CA THR A 88 21.24 -1.26 9.25
C THR A 88 20.19 -2.36 9.24
N LEU A 89 20.55 -3.53 9.75
CA LEU A 89 19.64 -4.67 9.79
C LEU A 89 18.37 -4.31 10.57
N TYR A 90 18.54 -3.59 11.67
CA TYR A 90 17.42 -3.19 12.50
C TYR A 90 16.33 -2.50 11.67
N ASN A 91 16.76 -1.76 10.66
CA ASN A 91 15.83 -1.05 9.79
C ASN A 91 15.39 -1.93 8.62
N THR A 92 16.34 -2.69 8.06
CA THR A 92 16.05 -3.58 6.95
C THR A 92 14.96 -4.57 7.31
N GLU A 93 15.05 -5.12 8.52
CA GLU A 93 14.06 -6.09 8.98
C GLU A 93 12.68 -5.47 9.07
N VAL A 94 12.63 -4.16 9.33
CA VAL A 94 11.37 -3.44 9.43
C VAL A 94 10.83 -3.08 8.05
N LEU A 95 11.73 -2.96 7.09
CA LEU A 95 11.35 -2.62 5.72
C LEU A 95 10.93 -3.86 4.94
N LEU A 96 11.85 -4.81 4.82
CA LEU A 96 11.59 -6.05 4.10
C LEU A 96 10.31 -6.72 4.62
N SER A 97 10.18 -6.77 5.94
CA SER A 97 9.02 -7.39 6.57
C SER A 97 7.73 -6.69 6.13
N HIS A 98 7.74 -5.36 6.20
CA HIS A 98 6.58 -4.56 5.81
C HIS A 98 6.20 -4.83 4.36
N LEU A 99 7.17 -4.69 3.47
CA LEU A 99 6.94 -4.92 2.04
C LEU A 99 6.40 -6.33 1.80
N SER A 100 6.72 -7.24 2.69
CA SER A 100 6.27 -8.62 2.58
C SER A 100 4.90 -8.80 3.20
N TYR A 101 4.59 -7.95 4.18
CA TYR A 101 3.30 -8.02 4.87
C TYR A 101 2.16 -7.70 3.92
N LEU A 102 2.40 -6.75 3.02
CA LEU A 102 1.38 -6.35 2.04
C LEU A 102 0.98 -7.52 1.15
N ARG A 103 1.94 -8.35 0.80
CA ARG A 103 1.70 -9.52 -0.04
C ARG A 103 0.63 -10.41 0.58
N GLU A 104 0.59 -10.44 1.91
CA GLU A 104 -0.38 -11.26 2.63
C GLU A 104 -1.63 -10.45 2.97
N SER A 105 -1.46 -9.14 3.09
CA SER A 105 -2.57 -8.26 3.42
C SER A 105 -3.51 -8.09 2.23
N SER A 106 -2.95 -8.22 1.03
CA SER A 106 -3.74 -8.09 -0.20
C SER A 106 -4.93 -9.03 -0.19
N LEU A 107 -4.79 -10.14 0.53
CA LEU A 107 -5.85 -11.13 0.62
C LEU A 107 -7.16 -10.48 1.08
N LEU A 108 -7.05 -9.40 1.83
CA LEU A 108 -8.22 -8.68 2.34
C LEU A 108 -9.00 -8.05 1.19
N ALA A 109 -8.29 -7.67 0.13
CA ALA A 109 -8.92 -7.06 -1.03
C ALA A 109 -10.04 -7.95 -1.59
N TYR A 110 -9.91 -9.25 -1.35
CA TYR A 110 -10.91 -10.21 -1.83
C TYR A 110 -12.21 -10.07 -1.06
N ASN A 111 -13.31 -10.48 -1.68
CA ASN A 111 -14.62 -10.40 -1.05
C ASN A 111 -14.62 -11.09 0.31
N THR A 112 -15.23 -10.43 1.30
CA THR A 112 -15.29 -10.97 2.64
C THR A 112 -13.90 -11.10 3.26
N THR A 113 -13.85 -11.23 4.58
CA THR A 113 -12.58 -11.37 5.28
C THR A 113 -12.49 -12.70 6.00
N SER A 114 -13.64 -13.21 6.45
CA SER A 114 -13.69 -14.48 7.16
C SER A 114 -15.07 -15.10 7.06
N HIS A 115 -15.26 -16.23 7.75
CA HIS A 115 -16.54 -16.92 7.75
C HIS A 115 -17.60 -16.10 8.47
N THR A 116 -18.69 -15.78 7.77
CA THR A 116 -19.78 -15.00 8.35
C THR A 116 -21.07 -15.80 8.39
N ASP A 117 -22.11 -15.20 8.94
CA ASP A 117 -23.41 -15.87 9.05
C ASP A 117 -23.30 -17.14 9.87
N GLN A 118 -22.76 -17.02 11.08
CA GLN A 118 -22.60 -18.17 11.96
C GLN A 118 -23.85 -18.39 12.79
N SER A 119 -24.99 -18.54 12.12
CA SER A 119 -26.27 -18.76 12.80
C SER A 119 -26.57 -20.24 12.91
N SER A 120 -27.71 -20.57 13.52
CA SER A 120 -28.12 -21.95 13.70
C SER A 120 -27.08 -22.72 14.50
N ARG A 121 -27.12 -22.57 15.82
CA ARG A 121 -26.18 -23.26 16.71
C ARG A 121 -26.82 -24.49 17.32
N LEU A 122 -27.20 -25.45 16.47
CA LEU A 122 -27.82 -26.68 16.93
C LEU A 122 -27.15 -27.90 16.30
N SER A 123 -26.38 -28.63 17.11
CA SER A 123 -25.69 -29.82 16.62
C SER A 123 -24.68 -29.45 15.54
N VAL A 124 -23.95 -30.45 15.06
CA VAL A 124 -22.95 -30.24 14.02
C VAL A 124 -23.61 -29.83 12.70
N LYS A 125 -22.85 -29.17 11.84
CA LYS A 125 -23.36 -28.72 10.55
C LYS A 125 -22.54 -29.30 9.41
N GLU A 126 -23.22 -29.71 8.35
CA GLU A 126 -22.55 -30.30 7.19
C GLU A 126 -22.98 -29.60 5.90
N ASP A 127 -22.05 -28.93 5.26
CA ASP A 127 -22.33 -28.22 4.00
C ASP A 127 -22.79 -29.19 2.93
N PRO A 128 -23.45 -28.65 1.89
CA PRO A 128 -23.96 -29.44 0.77
C PRO A 128 -22.84 -29.99 -0.11
N GLY A 1 -71.18 -33.32 26.98
CA GLY A 1 -71.22 -31.93 26.53
C GLY A 1 -69.92 -31.21 26.75
N SER A 2 -69.45 -30.50 25.72
CA SER A 2 -68.19 -29.76 25.82
C SER A 2 -68.36 -28.35 25.25
N SER A 3 -67.40 -27.49 25.56
CA SER A 3 -67.44 -26.10 25.09
C SER A 3 -66.06 -25.46 25.20
N GLY A 4 -65.76 -24.55 24.28
CA GLY A 4 -64.48 -23.87 24.29
C GLY A 4 -64.42 -22.74 23.28
N SER A 5 -63.55 -21.77 23.54
CA SER A 5 -63.39 -20.62 22.65
C SER A 5 -62.10 -19.87 22.95
N SER A 6 -61.71 -19.00 22.03
CA SER A 6 -60.49 -18.21 22.19
C SER A 6 -60.63 -16.85 21.53
N GLY A 7 -59.52 -16.12 21.45
CA GLY A 7 -59.53 -14.81 20.84
C GLY A 7 -58.40 -14.61 19.85
N MET A 8 -57.67 -13.52 20.00
CA MET A 8 -56.55 -13.21 19.11
C MET A 8 -55.80 -11.97 19.59
N ASN A 9 -54.60 -11.77 19.06
CA ASN A 9 -53.78 -10.62 19.43
C ASN A 9 -52.94 -10.15 18.24
N TYR A 10 -52.21 -9.06 18.45
CA TYR A 10 -51.36 -8.50 17.39
C TYR A 10 -50.04 -7.99 17.96
N ASN A 11 -49.05 -7.84 17.09
CA ASN A 11 -47.74 -7.38 17.51
C ASN A 11 -47.32 -6.15 16.72
N SER A 12 -46.15 -5.61 17.03
CA SER A 12 -45.63 -4.43 16.34
C SER A 12 -44.11 -4.47 16.25
N TYR A 13 -43.56 -3.78 15.25
CA TYR A 13 -42.13 -3.74 15.05
C TYR A 13 -41.68 -2.39 14.48
N MET A 14 -40.38 -2.20 14.36
CA MET A 14 -39.83 -0.96 13.84
C MET A 14 -38.38 -1.13 13.42
N ASP A 15 -37.98 -0.46 12.34
CA ASP A 15 -36.61 -0.54 11.85
C ASP A 15 -36.31 0.62 10.91
N GLU A 16 -35.03 0.78 10.56
CA GLU A 16 -34.61 1.85 9.67
C GLU A 16 -34.93 1.50 8.22
N LYS A 17 -34.99 2.53 7.37
CA LYS A 17 -35.28 2.33 5.95
C LYS A 17 -34.07 1.75 5.22
N ASN A 18 -32.98 2.50 5.21
CA ASN A 18 -31.75 2.06 4.54
C ASN A 18 -32.02 1.76 3.07
N GLY A 19 -31.79 2.77 2.22
CA GLY A 19 -32.00 2.59 0.80
C GLY A 19 -31.04 1.60 0.18
N PRO A 20 -31.32 1.17 -1.05
CA PRO A 20 -30.48 0.22 -1.78
C PRO A 20 -29.15 0.83 -2.20
N PRO A 21 -28.22 -0.03 -2.64
CA PRO A 21 -26.89 0.40 -3.08
C PRO A 21 -26.94 1.17 -4.40
N PRO A 22 -25.81 1.80 -4.76
CA PRO A 22 -24.59 1.76 -3.94
C PRO A 22 -24.74 2.56 -2.64
N PRO A 23 -23.78 2.37 -1.73
CA PRO A 23 -23.78 3.05 -0.43
C PRO A 23 -23.50 4.55 -0.57
N ASN A 24 -23.60 5.26 0.55
CA ASN A 24 -23.37 6.70 0.56
C ASN A 24 -21.90 7.01 0.31
N MET A 25 -21.02 6.22 0.93
CA MET A 25 -19.59 6.41 0.78
C MET A 25 -19.18 7.83 1.16
N THR A 26 -18.86 8.02 2.43
CA THR A 26 -18.45 9.34 2.93
C THR A 26 -17.34 9.21 3.96
N THR A 27 -16.09 9.19 3.49
CA THR A 27 -14.94 9.07 4.38
C THR A 27 -14.16 10.37 4.43
N ASN A 28 -13.63 10.69 5.61
CA ASN A 28 -12.85 11.91 5.79
C ASN A 28 -11.35 11.62 5.68
N GLU A 29 -10.84 10.83 6.61
CA GLU A 29 -9.43 10.48 6.62
C GLU A 29 -9.20 9.11 5.98
N ARG A 30 -9.22 9.07 4.65
CA ARG A 30 -9.03 7.82 3.92
C ARG A 30 -8.92 8.08 2.42
N ARG A 31 -7.70 7.98 1.89
CA ARG A 31 -7.47 8.20 0.47
C ARG A 31 -6.88 6.96 -0.18
N VAL A 32 -5.63 6.66 0.15
CA VAL A 32 -4.96 5.49 -0.41
C VAL A 32 -3.57 5.32 0.20
N ILE A 33 -3.28 4.11 0.68
CA ILE A 33 -1.99 3.81 1.29
C ILE A 33 -1.19 2.85 0.42
N VAL A 34 -1.89 2.00 -0.32
CA VAL A 34 -1.24 1.04 -1.19
C VAL A 34 -2.15 0.62 -2.34
N PRO A 35 -1.58 0.53 -3.55
CA PRO A 35 -2.32 0.15 -4.75
C PRO A 35 -2.75 -1.32 -4.73
N ALA A 36 -1.80 -2.20 -4.42
CA ALA A 36 -2.07 -3.63 -4.36
C ALA A 36 -0.85 -4.41 -3.94
N ASP A 37 0.14 -4.49 -4.83
CA ASP A 37 1.37 -5.21 -4.56
C ASP A 37 2.58 -4.27 -4.67
N PRO A 38 3.71 -4.69 -4.07
CA PRO A 38 4.95 -3.92 -4.09
C PRO A 38 5.58 -3.89 -5.47
N THR A 39 5.14 -4.79 -6.34
CA THR A 39 5.67 -4.87 -7.70
C THR A 39 5.08 -3.78 -8.59
N LEU A 40 3.83 -3.42 -8.32
CA LEU A 40 3.15 -2.38 -9.09
C LEU A 40 3.09 -1.07 -8.31
N TRP A 41 4.24 -0.61 -7.84
CA TRP A 41 4.31 0.63 -7.08
C TRP A 41 4.83 1.77 -7.95
N THR A 42 4.61 3.00 -7.51
CA THR A 42 5.06 4.17 -8.25
C THR A 42 5.99 5.04 -7.41
N GLN A 43 6.63 6.01 -8.05
CA GLN A 43 7.55 6.91 -7.37
C GLN A 43 6.87 7.60 -6.18
N GLU A 44 5.56 7.75 -6.28
CA GLU A 44 4.78 8.40 -5.22
C GLU A 44 4.61 7.46 -4.02
N HIS A 45 4.63 6.15 -4.30
CA HIS A 45 4.48 5.15 -3.25
C HIS A 45 5.83 4.79 -2.64
N VAL A 46 6.89 4.95 -3.42
CA VAL A 46 8.23 4.64 -2.95
C VAL A 46 8.76 5.73 -2.02
N ARG A 47 8.29 6.96 -2.22
CA ARG A 47 8.71 8.08 -1.41
C ARG A 47 7.79 8.24 -0.19
N GLN A 48 6.49 8.21 -0.42
CA GLN A 48 5.52 8.34 0.65
C GLN A 48 5.70 7.24 1.70
N TRP A 49 5.79 6.00 1.24
CA TRP A 49 5.96 4.87 2.14
C TRP A 49 7.15 5.09 3.07
N LEU A 50 8.29 5.46 2.49
CA LEU A 50 9.50 5.71 3.27
C LEU A 50 9.27 6.82 4.29
N GLU A 51 8.75 7.95 3.82
CA GLU A 51 8.49 9.08 4.70
C GLU A 51 7.56 8.69 5.84
N TRP A 52 6.70 7.71 5.58
CA TRP A 52 5.77 7.23 6.59
C TRP A 52 6.46 6.32 7.60
N ALA A 53 7.13 5.30 7.08
CA ALA A 53 7.84 4.36 7.94
C ALA A 53 8.83 5.07 8.86
N ILE A 54 9.66 5.92 8.27
CA ILE A 54 10.65 6.67 9.05
C ILE A 54 9.99 7.49 10.15
N LYS A 55 8.71 7.82 9.93
CA LYS A 55 7.96 8.61 10.91
C LYS A 55 7.38 7.71 11.98
N GLU A 56 6.49 6.81 11.59
CA GLU A 56 5.85 5.89 12.53
C GLU A 56 6.90 5.12 13.33
N TYR A 57 7.70 4.32 12.63
CA TYR A 57 8.75 3.53 13.27
C TYR A 57 9.77 4.43 13.95
N SER A 58 9.91 5.65 13.44
CA SER A 58 10.86 6.61 13.99
C SER A 58 12.29 6.11 13.85
N LEU A 59 12.79 6.13 12.62
CA LEU A 59 14.15 5.67 12.35
C LEU A 59 15.12 6.85 12.26
N MET A 60 16.30 6.69 12.85
CA MET A 60 17.31 7.74 12.84
C MET A 60 18.54 7.30 12.05
N GLU A 61 18.64 6.00 11.80
CA GLU A 61 19.77 5.45 11.06
C GLU A 61 19.30 4.77 9.77
N ILE A 62 18.82 5.58 8.84
CA ILE A 62 18.34 5.06 7.56
C ILE A 62 18.64 6.02 6.42
N ASP A 63 18.98 5.47 5.26
CA ASP A 63 19.29 6.29 4.09
C ASP A 63 18.03 6.68 3.34
N THR A 64 17.94 7.94 2.96
CA THR A 64 16.77 8.45 2.24
C THR A 64 17.09 8.66 0.76
N SER A 65 18.36 8.93 0.47
CA SER A 65 18.79 9.16 -0.91
C SER A 65 18.68 7.88 -1.73
N PHE A 66 18.94 6.75 -1.08
CA PHE A 66 18.88 5.45 -1.75
C PHE A 66 17.49 5.22 -2.35
N PHE A 67 16.47 5.82 -1.73
CA PHE A 67 15.10 5.68 -2.20
C PHE A 67 14.62 6.96 -2.88
N GLN A 68 15.55 7.68 -3.49
CA GLN A 68 15.22 8.93 -4.16
C GLN A 68 14.26 8.69 -5.33
N ASN A 69 14.76 8.05 -6.37
CA ASN A 69 13.95 7.75 -7.55
C ASN A 69 14.11 6.29 -7.96
N MET A 70 13.82 5.38 -7.03
CA MET A 70 13.93 3.96 -7.30
C MET A 70 12.57 3.38 -7.70
N ASP A 71 12.59 2.42 -8.62
CA ASP A 71 11.36 1.78 -9.08
C ASP A 71 10.86 0.77 -8.06
N GLY A 72 9.55 0.76 -7.84
CA GLY A 72 8.96 -0.17 -6.89
C GLY A 72 9.37 -1.59 -7.15
N LYS A 73 9.46 -1.97 -8.42
CA LYS A 73 9.85 -3.32 -8.80
C LYS A 73 11.21 -3.69 -8.21
N GLU A 74 12.06 -2.68 -8.01
CA GLU A 74 13.38 -2.89 -7.45
C GLU A 74 13.32 -3.07 -5.94
N LEU A 75 12.42 -2.31 -5.30
CA LEU A 75 12.25 -2.37 -3.85
C LEU A 75 12.04 -3.82 -3.39
N CYS A 76 11.06 -4.48 -3.99
CA CYS A 76 10.76 -5.87 -3.64
C CYS A 76 11.87 -6.80 -4.10
N LYS A 77 12.59 -6.40 -5.15
CA LYS A 77 13.67 -7.19 -5.68
C LYS A 77 14.86 -7.20 -4.73
N MET A 78 15.04 -6.11 -3.99
CA MET A 78 16.14 -6.00 -3.03
C MET A 78 16.00 -7.02 -1.92
N ASN A 79 17.12 -7.59 -1.49
CA ASN A 79 17.12 -8.59 -0.43
C ASN A 79 17.71 -8.02 0.85
N LYS A 80 17.80 -8.85 1.88
CA LYS A 80 18.35 -8.44 3.17
C LYS A 80 19.72 -7.79 2.98
N GLU A 81 20.48 -8.29 2.01
CA GLU A 81 21.80 -7.75 1.73
C GLU A 81 21.72 -6.38 1.06
N ASP A 82 20.96 -6.31 -0.02
CA ASP A 82 20.78 -5.05 -0.75
C ASP A 82 20.30 -3.94 0.18
N PHE A 83 19.41 -4.30 1.10
CA PHE A 83 18.87 -3.33 2.04
C PHE A 83 19.89 -2.99 3.12
N LEU A 84 20.73 -3.96 3.46
CA LEU A 84 21.76 -3.77 4.48
C LEU A 84 22.72 -2.66 4.07
N ARG A 85 22.88 -2.46 2.77
CA ARG A 85 23.76 -1.42 2.26
C ARG A 85 23.16 -0.03 2.45
N ALA A 86 21.83 0.03 2.40
CA ALA A 86 21.12 1.29 2.58
C ALA A 86 20.94 1.63 4.05
N THR A 87 20.61 0.62 4.85
CA THR A 87 20.41 0.80 6.28
C THR A 87 20.90 -0.41 7.06
N THR A 88 20.90 -0.29 8.39
CA THR A 88 21.33 -1.37 9.26
C THR A 88 20.36 -2.55 9.21
N LEU A 89 20.74 -3.65 9.86
CA LEU A 89 19.90 -4.83 9.90
C LEU A 89 18.60 -4.56 10.65
N TYR A 90 18.72 -3.87 11.78
CA TYR A 90 17.55 -3.54 12.60
C TYR A 90 16.48 -2.85 11.76
N ASN A 91 16.92 -2.10 10.76
CA ASN A 91 16.00 -1.38 9.88
C ASN A 91 15.61 -2.24 8.68
N THR A 92 16.57 -2.97 8.15
CA THR A 92 16.33 -3.84 7.00
C THR A 92 15.16 -4.77 7.25
N GLU A 93 15.07 -5.29 8.47
CA GLU A 93 13.99 -6.19 8.84
C GLU A 93 12.66 -5.44 8.98
N VAL A 94 12.75 -4.15 9.29
CA VAL A 94 11.56 -3.33 9.45
C VAL A 94 10.99 -2.92 8.09
N LEU A 95 11.86 -2.90 7.08
CA LEU A 95 11.44 -2.53 5.73
C LEU A 95 10.93 -3.75 4.96
N LEU A 96 11.78 -4.75 4.84
CA LEU A 96 11.42 -5.98 4.13
C LEU A 96 10.12 -6.56 4.67
N SER A 97 10.05 -6.71 6.00
CA SER A 97 8.87 -7.25 6.65
C SER A 97 7.62 -6.48 6.23
N HIS A 98 7.75 -5.15 6.16
CA HIS A 98 6.63 -4.30 5.78
C HIS A 98 6.22 -4.55 4.33
N LEU A 99 7.21 -4.68 3.44
CA LEU A 99 6.95 -4.93 2.03
C LEU A 99 6.37 -6.33 1.83
N SER A 100 6.68 -7.23 2.74
CA SER A 100 6.19 -8.60 2.66
C SER A 100 4.82 -8.74 3.32
N TYR A 101 4.56 -7.86 4.29
CA TYR A 101 3.29 -7.88 5.01
C TYR A 101 2.14 -7.47 4.09
N LEU A 102 2.41 -6.57 3.17
CA LEU A 102 1.41 -6.09 2.22
C LEU A 102 1.02 -7.20 1.24
N ARG A 103 2.01 -7.73 0.53
CA ARG A 103 1.79 -8.78 -0.44
C ARG A 103 1.02 -9.94 0.18
N GLU A 104 1.22 -10.14 1.49
CA GLU A 104 0.55 -11.21 2.20
C GLU A 104 -0.97 -11.11 2.05
N SER A 105 -1.45 -9.89 1.82
CA SER A 105 -2.88 -9.65 1.66
C SER A 105 -3.45 -10.53 0.56
N SER A 106 -2.65 -10.79 -0.47
CA SER A 106 -3.08 -11.61 -1.59
C SER A 106 -2.68 -13.07 -1.39
N LEU A 107 -1.58 -13.28 -0.67
CA LEU A 107 -1.09 -14.62 -0.40
C LEU A 107 -2.16 -15.47 0.27
N LEU A 108 -3.08 -14.81 0.97
CA LEU A 108 -4.17 -15.50 1.66
C LEU A 108 -5.26 -15.89 0.68
N ALA A 109 -5.45 -15.08 -0.35
CA ALA A 109 -6.47 -15.36 -1.36
C ALA A 109 -6.32 -16.78 -1.91
N TYR A 110 -5.09 -17.26 -1.99
CA TYR A 110 -4.83 -18.60 -2.50
C TYR A 110 -5.52 -19.65 -1.65
N ASN A 111 -5.40 -20.91 -2.06
CA ASN A 111 -6.01 -22.01 -1.34
C ASN A 111 -7.53 -21.88 -1.33
N THR A 112 -8.20 -22.66 -2.18
CA THR A 112 -9.65 -22.62 -2.27
C THR A 112 -10.30 -22.85 -0.90
N THR A 113 -11.19 -21.95 -0.52
CA THR A 113 -11.87 -22.04 0.77
C THR A 113 -12.68 -23.33 0.86
N SER A 114 -13.08 -23.86 -0.29
CA SER A 114 -13.86 -25.10 -0.34
C SER A 114 -13.14 -26.22 0.40
N HIS A 115 -13.88 -27.26 0.75
CA HIS A 115 -13.32 -28.41 1.47
C HIS A 115 -14.28 -29.59 1.44
N THR A 116 -13.85 -30.70 2.02
CA THR A 116 -14.68 -31.90 2.07
C THR A 116 -16.05 -31.61 2.67
N ASP A 117 -17.07 -32.30 2.17
CA ASP A 117 -18.43 -32.12 2.67
C ASP A 117 -18.54 -32.55 4.13
N GLN A 118 -18.39 -33.85 4.37
CA GLN A 118 -18.48 -34.38 5.72
C GLN A 118 -17.23 -34.06 6.52
N SER A 119 -17.34 -33.12 7.44
CA SER A 119 -16.22 -32.70 8.27
C SER A 119 -16.70 -32.24 9.65
N SER A 120 -17.65 -32.98 10.22
CA SER A 120 -18.19 -32.64 11.53
C SER A 120 -17.25 -33.10 12.64
N ARG A 121 -16.87 -32.17 13.51
CA ARG A 121 -15.98 -32.48 14.62
C ARG A 121 -16.67 -32.23 15.96
N LEU A 122 -16.22 -32.94 16.99
CA LEU A 122 -16.80 -32.80 18.32
C LEU A 122 -18.26 -33.20 18.33
N SER A 123 -18.87 -33.17 19.51
CA SER A 123 -20.27 -33.53 19.65
C SER A 123 -20.74 -33.38 21.09
N VAL A 124 -22.04 -33.49 21.32
CA VAL A 124 -22.61 -33.37 22.65
C VAL A 124 -22.24 -34.56 23.52
N LYS A 125 -22.71 -34.56 24.76
CA LYS A 125 -22.44 -35.65 25.69
C LYS A 125 -23.16 -36.92 25.26
N GLU A 126 -22.62 -38.07 25.66
CA GLU A 126 -23.22 -39.36 25.31
C GLU A 126 -23.60 -40.13 26.57
N ASP A 127 -22.63 -40.31 27.47
CA ASP A 127 -22.87 -41.03 28.71
C ASP A 127 -22.72 -40.11 29.91
N PRO A 128 -23.30 -40.52 31.05
CA PRO A 128 -23.23 -39.73 32.29
C PRO A 128 -21.83 -39.71 32.89
N GLY A 1 -19.93 26.11 -74.30
CA GLY A 1 -19.21 26.00 -73.04
C GLY A 1 -20.08 26.34 -71.85
N SER A 2 -20.40 25.33 -71.04
CA SER A 2 -21.22 25.53 -69.86
C SER A 2 -21.09 24.36 -68.89
N SER A 3 -20.33 24.58 -67.81
CA SER A 3 -20.12 23.54 -66.81
C SER A 3 -19.82 24.16 -65.44
N GLY A 4 -20.87 24.41 -64.68
CA GLY A 4 -20.72 25.00 -63.36
C GLY A 4 -20.94 24.00 -62.24
N SER A 5 -19.86 23.57 -61.60
CA SER A 5 -19.94 22.61 -60.51
C SER A 5 -19.25 23.14 -59.27
N SER A 6 -20.03 23.73 -58.37
CA SER A 6 -19.50 24.28 -57.13
C SER A 6 -20.44 24.00 -55.95
N GLY A 7 -19.86 23.63 -54.82
CA GLY A 7 -20.66 23.34 -53.64
C GLY A 7 -19.84 22.75 -52.52
N MET A 8 -20.51 22.13 -51.55
CA MET A 8 -19.83 21.51 -50.42
C MET A 8 -20.76 20.56 -49.67
N ASN A 9 -20.18 19.71 -48.83
CA ASN A 9 -20.96 18.75 -48.05
C ASN A 9 -20.86 19.05 -46.56
N TYR A 10 -22.00 18.96 -45.88
CA TYR A 10 -22.03 19.22 -44.44
C TYR A 10 -22.17 17.92 -43.66
N ASN A 11 -22.95 16.99 -44.20
CA ASN A 11 -23.15 15.69 -43.55
C ASN A 11 -23.81 15.87 -42.19
N SER A 12 -23.88 14.78 -41.42
CA SER A 12 -24.49 14.82 -40.10
C SER A 12 -23.47 14.47 -39.02
N TYR A 13 -23.00 15.48 -38.31
CA TYR A 13 -22.03 15.28 -37.24
C TYR A 13 -22.70 14.84 -35.95
N MET A 14 -21.89 14.60 -34.93
CA MET A 14 -22.41 14.18 -33.63
C MET A 14 -23.36 15.23 -33.06
N ASP A 15 -23.99 14.90 -31.94
CA ASP A 15 -24.94 15.81 -31.29
C ASP A 15 -24.27 16.56 -30.14
N GLU A 16 -23.25 15.93 -29.56
CA GLU A 16 -22.52 16.54 -28.44
C GLU A 16 -23.44 16.72 -27.24
N LYS A 17 -23.48 15.73 -26.36
CA LYS A 17 -24.31 15.79 -25.17
C LYS A 17 -23.71 16.71 -24.13
N ASN A 18 -24.52 17.63 -23.62
CA ASN A 18 -24.06 18.59 -22.61
C ASN A 18 -25.25 19.20 -21.86
N GLY A 19 -24.95 20.14 -20.97
CA GLY A 19 -26.00 20.78 -20.20
C GLY A 19 -25.51 22.00 -19.45
N PRO A 20 -26.44 22.76 -18.87
CA PRO A 20 -26.12 23.98 -18.12
C PRO A 20 -25.41 23.67 -16.80
N PRO A 21 -24.86 24.71 -16.17
CA PRO A 21 -24.14 24.58 -14.89
C PRO A 21 -25.09 24.26 -13.74
N PRO A 22 -24.51 23.89 -12.59
CA PRO A 22 -23.05 23.79 -12.43
C PRO A 22 -22.46 22.62 -13.22
N PRO A 23 -21.12 22.61 -13.34
CA PRO A 23 -20.42 21.56 -14.07
C PRO A 23 -20.46 20.21 -13.34
N ASN A 24 -20.75 20.26 -12.04
CA ASN A 24 -20.82 19.04 -11.24
C ASN A 24 -19.48 18.32 -11.22
N MET A 25 -18.72 18.50 -10.14
CA MET A 25 -17.43 17.85 -9.99
C MET A 25 -16.48 18.28 -11.12
N THR A 26 -15.28 17.72 -11.12
CA THR A 26 -14.29 18.05 -12.14
C THR A 26 -13.02 17.22 -11.95
N THR A 27 -12.64 17.01 -10.70
CA THR A 27 -11.44 16.23 -10.37
C THR A 27 -11.71 15.25 -9.25
N ASN A 28 -11.24 14.01 -9.42
CA ASN A 28 -11.43 12.97 -8.41
C ASN A 28 -10.10 12.58 -7.80
N GLU A 29 -10.08 12.43 -6.47
CA GLU A 29 -8.87 12.05 -5.76
C GLU A 29 -9.20 11.54 -4.36
N ARG A 30 -8.81 10.30 -4.09
CA ARG A 30 -9.07 9.68 -2.79
C ARG A 30 -7.77 9.26 -2.12
N ARG A 31 -7.68 9.51 -0.82
CA ARG A 31 -6.48 9.15 -0.05
C ARG A 31 -6.20 7.66 -0.14
N VAL A 32 -5.04 7.32 -0.68
CA VAL A 32 -4.64 5.91 -0.83
C VAL A 32 -3.29 5.66 -0.19
N ILE A 33 -3.17 4.54 0.51
CA ILE A 33 -1.92 4.17 1.18
C ILE A 33 -1.10 3.21 0.31
N VAL A 34 -1.79 2.37 -0.45
CA VAL A 34 -1.13 1.41 -1.32
C VAL A 34 -2.02 1.02 -2.50
N PRO A 35 -1.43 0.94 -3.69
CA PRO A 35 -2.16 0.57 -4.91
C PRO A 35 -2.58 -0.89 -4.90
N ALA A 36 -1.65 -1.77 -4.59
CA ALA A 36 -1.93 -3.21 -4.55
C ALA A 36 -0.71 -4.00 -4.11
N ASP A 37 0.26 -4.14 -5.02
CA ASP A 37 1.49 -4.87 -4.72
C ASP A 37 2.70 -3.96 -4.80
N PRO A 38 3.81 -4.38 -4.17
CA PRO A 38 5.06 -3.61 -4.17
C PRO A 38 5.72 -3.58 -5.54
N THR A 39 5.29 -4.47 -6.43
CA THR A 39 5.84 -4.55 -7.77
C THR A 39 5.28 -3.43 -8.66
N LEU A 40 4.01 -3.09 -8.44
CA LEU A 40 3.37 -2.04 -9.21
C LEU A 40 3.31 -0.74 -8.44
N TRP A 41 4.45 -0.32 -7.90
CA TRP A 41 4.52 0.91 -7.13
C TRP A 41 5.08 2.05 -7.98
N THR A 42 4.86 3.28 -7.52
CA THR A 42 5.34 4.46 -8.25
C THR A 42 6.29 5.28 -7.39
N GLN A 43 6.95 6.25 -8.00
CA GLN A 43 7.90 7.11 -7.29
C GLN A 43 7.22 7.81 -6.12
N GLU A 44 5.90 8.00 -6.23
CA GLU A 44 5.15 8.64 -5.16
C GLU A 44 4.93 7.70 -3.99
N HIS A 45 4.94 6.39 -4.28
CA HIS A 45 4.74 5.39 -3.25
C HIS A 45 6.07 4.98 -2.63
N VAL A 46 7.15 5.10 -3.40
CA VAL A 46 8.48 4.75 -2.93
C VAL A 46 9.01 5.79 -1.95
N ARG A 47 8.57 7.03 -2.13
CA ARG A 47 9.01 8.13 -1.26
C ARG A 47 8.09 8.26 -0.05
N GLN A 48 6.79 8.29 -0.30
CA GLN A 48 5.80 8.42 0.76
C GLN A 48 5.97 7.30 1.79
N TRP A 49 6.05 6.06 1.30
CA TRP A 49 6.20 4.91 2.19
C TRP A 49 7.38 5.11 3.14
N LEU A 50 8.50 5.57 2.60
CA LEU A 50 9.69 5.80 3.40
C LEU A 50 9.43 6.86 4.48
N GLU A 51 8.94 8.01 4.06
CA GLU A 51 8.65 9.10 4.98
C GLU A 51 7.66 8.65 6.06
N TRP A 52 6.74 7.76 5.67
CA TRP A 52 5.73 7.25 6.59
C TRP A 52 6.36 6.28 7.59
N ALA A 53 7.19 5.37 7.08
CA ALA A 53 7.86 4.38 7.92
C ALA A 53 8.78 5.05 8.93
N ILE A 54 9.65 5.92 8.44
CA ILE A 54 10.59 6.63 9.31
C ILE A 54 9.86 7.39 10.41
N LYS A 55 8.61 7.76 10.14
CA LYS A 55 7.79 8.48 11.10
C LYS A 55 7.12 7.52 12.08
N GLU A 56 6.24 6.67 11.55
CA GLU A 56 5.52 5.70 12.38
C GLU A 56 6.49 4.89 13.22
N TYR A 57 7.33 4.10 12.54
CA TYR A 57 8.30 3.26 13.22
C TYR A 57 9.28 4.11 14.03
N SER A 58 9.48 5.35 13.59
CA SER A 58 10.39 6.26 14.27
C SER A 58 11.82 5.73 14.22
N LEU A 59 12.35 5.59 13.00
CA LEU A 59 13.71 5.10 12.81
C LEU A 59 14.72 6.23 12.96
N MET A 60 15.97 5.94 12.60
CA MET A 60 17.03 6.93 12.69
C MET A 60 18.19 6.57 11.76
N GLU A 61 18.72 7.57 11.07
CA GLU A 61 19.83 7.37 10.15
C GLU A 61 19.46 6.35 9.06
N ILE A 62 18.97 6.85 7.94
CA ILE A 62 18.57 5.99 6.83
C ILE A 62 18.74 6.70 5.49
N ASP A 63 19.28 5.99 4.51
CA ASP A 63 19.49 6.55 3.18
C ASP A 63 18.16 6.92 2.53
N THR A 64 18.09 8.11 1.96
CA THR A 64 16.88 8.58 1.30
C THR A 64 17.07 8.68 -0.21
N SER A 65 18.27 9.07 -0.63
CA SER A 65 18.58 9.21 -2.04
C SER A 65 18.33 7.89 -2.79
N PHE A 66 18.42 6.79 -2.06
CA PHE A 66 18.20 5.47 -2.64
C PHE A 66 16.73 5.25 -2.96
N PHE A 67 15.87 5.91 -2.20
CA PHE A 67 14.43 5.80 -2.38
C PHE A 67 13.83 7.10 -2.89
N GLN A 68 14.65 7.90 -3.58
CA GLN A 68 14.20 9.18 -4.11
C GLN A 68 13.55 9.00 -5.48
N ASN A 69 14.02 8.00 -6.23
CA ASN A 69 13.47 7.72 -7.55
C ASN A 69 13.76 6.28 -7.96
N MET A 70 13.55 5.35 -7.03
CA MET A 70 13.79 3.93 -7.29
C MET A 70 12.51 3.26 -7.79
N ASP A 71 12.67 2.36 -8.76
CA ASP A 71 11.53 1.65 -9.33
C ASP A 71 10.91 0.71 -8.29
N GLY A 72 9.59 0.71 -8.22
CA GLY A 72 8.89 -0.15 -7.27
C GLY A 72 9.33 -1.59 -7.37
N LYS A 73 9.72 -2.02 -8.57
CA LYS A 73 10.16 -3.40 -8.79
C LYS A 73 11.49 -3.66 -8.08
N GLU A 74 12.33 -2.63 -7.99
CA GLU A 74 13.62 -2.76 -7.33
C GLU A 74 13.45 -2.97 -5.83
N LEU A 75 12.46 -2.29 -5.26
CA LEU A 75 12.20 -2.41 -3.83
C LEU A 75 11.97 -3.86 -3.43
N CYS A 76 10.89 -4.43 -3.94
CA CYS A 76 10.55 -5.83 -3.63
C CYS A 76 11.70 -6.75 -4.01
N LYS A 77 12.53 -6.32 -4.96
CA LYS A 77 13.66 -7.11 -5.40
C LYS A 77 14.82 -7.01 -4.42
N MET A 78 14.87 -5.91 -3.68
CA MET A 78 15.93 -5.70 -2.70
C MET A 78 15.78 -6.66 -1.53
N ASN A 79 16.85 -7.40 -1.24
CA ASN A 79 16.84 -8.36 -0.14
C ASN A 79 17.51 -7.78 1.10
N LYS A 80 17.70 -8.62 2.11
CA LYS A 80 18.33 -8.19 3.35
C LYS A 80 19.71 -7.60 3.08
N GLU A 81 20.45 -8.21 2.16
CA GLU A 81 21.78 -7.75 1.80
C GLU A 81 21.71 -6.40 1.10
N ASP A 82 20.92 -6.32 0.05
CA ASP A 82 20.77 -5.09 -0.73
C ASP A 82 20.26 -3.96 0.17
N PHE A 83 19.48 -4.32 1.19
CA PHE A 83 18.92 -3.34 2.10
C PHE A 83 19.93 -2.97 3.18
N LEU A 84 20.82 -3.90 3.50
CA LEU A 84 21.84 -3.68 4.51
C LEU A 84 22.78 -2.54 4.10
N ARG A 85 22.90 -2.33 2.79
CA ARG A 85 23.77 -1.28 2.28
C ARG A 85 23.12 0.09 2.45
N ALA A 86 21.79 0.11 2.47
CA ALA A 86 21.05 1.36 2.63
C ALA A 86 20.84 1.68 4.11
N THR A 87 20.53 0.66 4.89
CA THR A 87 20.30 0.83 6.32
C THR A 87 20.81 -0.37 7.12
N THR A 88 20.78 -0.26 8.43
CA THR A 88 21.25 -1.33 9.31
C THR A 88 20.29 -2.52 9.26
N LEU A 89 20.71 -3.63 9.87
CA LEU A 89 19.89 -4.84 9.90
C LEU A 89 18.61 -4.61 10.69
N TYR A 90 18.73 -3.91 11.81
CA TYR A 90 17.58 -3.62 12.66
C TYR A 90 16.49 -2.87 11.88
N ASN A 91 16.92 -2.11 10.88
CA ASN A 91 15.99 -1.34 10.06
C ASN A 91 15.55 -2.15 8.84
N THR A 92 16.47 -2.94 8.30
CA THR A 92 16.18 -3.76 7.12
C THR A 92 15.00 -4.69 7.40
N GLU A 93 15.01 -5.33 8.57
CA GLU A 93 13.95 -6.25 8.93
C GLU A 93 12.60 -5.52 9.03
N VAL A 94 12.66 -4.23 9.36
CA VAL A 94 11.46 -3.42 9.49
C VAL A 94 10.90 -3.05 8.12
N LEU A 95 11.78 -3.01 7.12
CA LEU A 95 11.38 -2.67 5.76
C LEU A 95 10.89 -3.90 5.02
N LEU A 96 11.75 -4.90 4.89
CA LEU A 96 11.40 -6.14 4.19
C LEU A 96 10.11 -6.72 4.75
N SER A 97 10.06 -6.93 6.05
CA SER A 97 8.88 -7.47 6.70
C SER A 97 7.63 -6.69 6.32
N HIS A 98 7.80 -5.40 6.07
CA HIS A 98 6.69 -4.53 5.69
C HIS A 98 6.28 -4.78 4.24
N LEU A 99 7.28 -4.82 3.36
CA LEU A 99 7.03 -5.05 1.95
C LEU A 99 6.49 -6.45 1.70
N SER A 100 6.82 -7.37 2.59
CA SER A 100 6.37 -8.75 2.48
C SER A 100 5.01 -8.94 3.16
N TYR A 101 4.73 -8.11 4.15
CA TYR A 101 3.47 -8.18 4.89
C TYR A 101 2.31 -7.73 4.01
N LEU A 102 2.52 -6.65 3.26
CA LEU A 102 1.49 -6.12 2.38
C LEU A 102 1.09 -7.14 1.33
N ARG A 103 2.03 -7.99 0.94
CA ARG A 103 1.78 -9.02 -0.06
C ARG A 103 0.65 -9.94 0.39
N GLU A 104 0.69 -10.35 1.66
CA GLU A 104 -0.33 -11.22 2.21
C GLU A 104 -1.71 -10.58 2.14
N SER A 105 -1.73 -9.25 2.14
CA SER A 105 -2.99 -8.51 2.08
C SER A 105 -3.57 -8.54 0.67
N SER A 106 -2.70 -8.50 -0.33
CA SER A 106 -3.13 -8.52 -1.72
C SER A 106 -3.96 -9.77 -2.01
N LEU A 107 -3.70 -10.83 -1.25
CA LEU A 107 -4.42 -12.09 -1.42
C LEU A 107 -5.93 -11.87 -1.40
N LEU A 108 -6.35 -10.84 -0.68
CA LEU A 108 -7.77 -10.52 -0.58
C LEU A 108 -8.14 -9.36 -1.50
N ALA A 109 -7.15 -8.52 -1.80
CA ALA A 109 -7.37 -7.37 -2.68
C ALA A 109 -7.98 -7.81 -4.00
N TYR A 110 -7.51 -8.93 -4.54
CA TYR A 110 -8.01 -9.45 -5.80
C TYR A 110 -9.50 -9.75 -5.71
N ASN A 111 -10.04 -10.35 -6.77
CA ASN A 111 -11.46 -10.70 -6.81
C ASN A 111 -11.82 -11.65 -5.67
N THR A 112 -11.33 -12.88 -5.77
CA THR A 112 -11.60 -13.88 -4.75
C THR A 112 -13.11 -14.08 -4.57
N THR A 113 -13.47 -14.89 -3.56
CA THR A 113 -14.87 -15.16 -3.27
C THR A 113 -15.35 -14.36 -2.06
N SER A 114 -16.59 -13.89 -2.13
CA SER A 114 -17.17 -13.11 -1.03
C SER A 114 -18.67 -13.37 -0.91
N HIS A 115 -19.25 -12.88 0.18
CA HIS A 115 -20.68 -13.06 0.42
C HIS A 115 -21.42 -11.74 0.30
N THR A 116 -21.71 -11.32 -0.92
CA THR A 116 -22.41 -10.07 -1.18
C THR A 116 -23.54 -10.26 -2.19
N ASP A 117 -24.50 -9.35 -2.18
CA ASP A 117 -25.63 -9.42 -3.11
C ASP A 117 -25.66 -8.20 -4.01
N GLN A 118 -26.10 -8.39 -5.25
CA GLN A 118 -26.17 -7.30 -6.22
C GLN A 118 -27.57 -6.66 -6.21
N SER A 119 -27.60 -5.33 -6.12
CA SER A 119 -28.86 -4.60 -6.10
C SER A 119 -29.08 -3.86 -7.42
N SER A 120 -30.33 -3.52 -7.69
CA SER A 120 -30.68 -2.80 -8.92
C SER A 120 -31.58 -1.60 -8.62
N ARG A 121 -32.72 -1.88 -8.00
CA ARG A 121 -33.67 -0.82 -7.66
C ARG A 121 -33.26 -0.13 -6.36
N LEU A 122 -32.97 1.17 -6.45
CA LEU A 122 -32.57 1.94 -5.27
C LEU A 122 -32.86 3.42 -5.48
N SER A 123 -33.75 3.96 -4.65
CA SER A 123 -34.12 5.37 -4.74
C SER A 123 -34.62 5.71 -6.13
N VAL A 124 -35.91 5.49 -6.37
CA VAL A 124 -36.51 5.77 -7.67
C VAL A 124 -37.84 6.50 -7.50
N LYS A 125 -38.03 7.56 -8.27
CA LYS A 125 -39.26 8.34 -8.21
C LYS A 125 -39.47 9.12 -9.51
N GLU A 126 -38.93 8.60 -10.60
CA GLU A 126 -39.07 9.24 -11.90
C GLU A 126 -38.63 10.70 -11.83
N ASP A 127 -37.33 10.92 -11.72
CA ASP A 127 -36.78 12.27 -11.64
C ASP A 127 -37.24 13.12 -12.83
N PRO A 128 -37.16 14.44 -12.69
CA PRO A 128 -37.56 15.38 -13.74
C PRO A 128 -36.61 15.36 -14.93
N GLY A 1 46.09 10.06 -40.36
CA GLY A 1 44.79 10.61 -40.00
C GLY A 1 43.68 9.59 -40.15
N SER A 2 43.58 9.00 -41.32
CA SER A 2 42.54 8.00 -41.60
C SER A 2 41.15 8.59 -41.35
N SER A 3 40.70 9.42 -42.28
CA SER A 3 39.38 10.04 -42.17
C SER A 3 39.02 10.81 -43.44
N GLY A 4 37.84 11.41 -43.45
CA GLY A 4 37.40 12.16 -44.61
C GLY A 4 35.96 12.62 -44.49
N SER A 5 35.15 11.84 -43.80
CA SER A 5 33.74 12.17 -43.62
C SER A 5 33.01 12.21 -44.96
N SER A 6 31.72 12.54 -44.92
CA SER A 6 30.91 12.61 -46.13
C SER A 6 30.02 13.85 -46.11
N GLY A 7 29.75 14.39 -47.29
CA GLY A 7 28.90 15.57 -47.40
C GLY A 7 27.55 15.26 -48.02
N MET A 8 26.51 15.23 -47.19
CA MET A 8 25.17 14.95 -47.67
C MET A 8 24.16 15.93 -47.07
N ASN A 9 23.28 16.46 -47.92
CA ASN A 9 22.27 17.40 -47.47
C ASN A 9 20.98 16.69 -47.08
N TYR A 10 20.29 17.23 -46.08
CA TYR A 10 19.04 16.64 -45.60
C TYR A 10 18.23 17.66 -44.82
N ASN A 11 16.97 17.32 -44.55
CA ASN A 11 16.08 18.21 -43.80
C ASN A 11 15.07 17.40 -43.00
N SER A 12 14.88 17.79 -41.73
CA SER A 12 13.94 17.10 -40.86
C SER A 12 13.45 18.03 -39.75
N TYR A 13 12.15 18.03 -39.53
CA TYR A 13 11.54 18.88 -38.51
C TYR A 13 10.36 18.18 -37.84
N MET A 14 10.46 17.99 -36.53
CA MET A 14 9.40 17.32 -35.78
C MET A 14 8.22 18.26 -35.57
N ASP A 15 7.20 17.78 -34.85
CA ASP A 15 6.01 18.58 -34.58
C ASP A 15 5.10 17.87 -33.59
N GLU A 16 5.69 17.28 -32.56
CA GLU A 16 4.94 16.56 -31.54
C GLU A 16 5.07 17.24 -30.18
N LYS A 17 3.98 17.84 -29.71
CA LYS A 17 3.98 18.52 -28.43
C LYS A 17 2.55 18.66 -27.89
N ASN A 18 1.78 17.58 -27.99
CA ASN A 18 0.41 17.58 -27.52
C ASN A 18 -0.15 16.16 -27.50
N GLY A 19 -1.17 15.93 -26.67
CA GLY A 19 -1.79 14.63 -26.57
C GLY A 19 -3.27 14.70 -26.30
N PRO A 20 -3.91 13.52 -26.17
CA PRO A 20 -5.35 13.44 -25.90
C PRO A 20 -5.71 13.89 -24.49
N PRO A 21 -7.01 14.08 -24.24
CA PRO A 21 -7.51 14.52 -22.94
C PRO A 21 -7.36 13.43 -21.87
N PRO A 22 -7.57 13.82 -20.60
CA PRO A 22 -7.92 15.21 -20.24
C PRO A 22 -6.75 16.16 -20.45
N PRO A 23 -7.05 17.47 -20.38
CA PRO A 23 -6.04 18.52 -20.55
C PRO A 23 -5.06 18.58 -19.39
N ASN A 24 -5.48 18.06 -18.25
CA ASN A 24 -4.65 18.05 -17.05
C ASN A 24 -5.11 16.99 -16.07
N MET A 25 -4.24 16.01 -15.81
CA MET A 25 -4.56 14.94 -14.87
C MET A 25 -3.86 15.15 -13.53
N THR A 26 -4.06 14.21 -12.61
CA THR A 26 -3.45 14.29 -11.29
C THR A 26 -3.86 15.57 -10.57
N THR A 27 -4.86 15.46 -9.70
CA THR A 27 -5.36 16.60 -8.95
C THR A 27 -4.76 16.63 -7.54
N ASN A 28 -4.60 15.47 -6.95
CA ASN A 28 -4.05 15.36 -5.60
C ASN A 28 -3.17 14.12 -5.48
N GLU A 29 -2.55 13.95 -4.31
CA GLU A 29 -1.68 12.81 -4.06
C GLU A 29 -1.58 12.52 -2.57
N ARG A 30 -2.73 12.42 -1.91
CA ARG A 30 -2.78 12.14 -0.48
C ARG A 30 -4.11 11.52 -0.09
N ARG A 31 -4.43 10.37 -0.69
CA ARG A 31 -5.66 9.67 -0.40
C ARG A 31 -5.43 8.17 -0.27
N VAL A 32 -4.96 7.56 -1.35
CA VAL A 32 -4.70 6.12 -1.36
C VAL A 32 -3.38 5.81 -0.67
N ILE A 33 -3.28 4.61 -0.09
CA ILE A 33 -2.08 4.19 0.60
C ILE A 33 -1.27 3.21 -0.25
N VAL A 34 -1.98 2.39 -1.03
CA VAL A 34 -1.33 1.42 -1.89
C VAL A 34 -2.22 1.05 -3.07
N PRO A 35 -1.63 0.94 -4.25
CA PRO A 35 -2.35 0.59 -5.49
C PRO A 35 -2.82 -0.86 -5.48
N ALA A 36 -1.91 -1.78 -5.15
CA ALA A 36 -2.22 -3.20 -5.11
C ALA A 36 -1.01 -4.01 -4.67
N ASP A 37 -0.03 -4.14 -5.55
CA ASP A 37 1.18 -4.90 -5.25
C ASP A 37 2.41 -4.00 -5.31
N PRO A 38 3.50 -4.45 -4.67
CA PRO A 38 4.77 -3.70 -4.63
C PRO A 38 5.46 -3.65 -5.99
N THR A 39 5.02 -4.51 -6.90
CA THR A 39 5.59 -4.57 -8.24
C THR A 39 5.06 -3.43 -9.11
N LEU A 40 3.79 -3.10 -8.94
CA LEU A 40 3.17 -2.04 -9.71
C LEU A 40 3.16 -0.73 -8.92
N TRP A 41 4.28 -0.43 -8.29
CA TRP A 41 4.41 0.80 -7.51
C TRP A 41 5.03 1.92 -8.35
N THR A 42 4.74 3.17 -7.96
CA THR A 42 5.26 4.32 -8.68
C THR A 42 6.43 4.95 -7.93
N GLN A 43 6.91 6.08 -8.43
CA GLN A 43 8.03 6.78 -7.81
C GLN A 43 7.57 7.48 -6.53
N GLU A 44 6.31 7.87 -6.49
CA GLU A 44 5.75 8.56 -5.33
C GLU A 44 5.36 7.57 -4.24
N HIS A 45 4.79 6.44 -4.67
CA HIS A 45 4.37 5.40 -3.73
C HIS A 45 5.53 4.94 -2.86
N VAL A 46 6.74 5.06 -3.39
CA VAL A 46 7.93 4.67 -2.66
C VAL A 46 8.32 5.71 -1.62
N ARG A 47 7.95 6.97 -1.88
CA ARG A 47 8.26 8.06 -0.97
C ARG A 47 7.31 8.06 0.23
N GLN A 48 6.02 7.98 -0.06
CA GLN A 48 5.00 7.98 1.00
C GLN A 48 5.30 6.89 2.02
N TRP A 49 5.76 5.75 1.55
CA TRP A 49 6.08 4.63 2.45
C TRP A 49 7.38 4.90 3.19
N LEU A 50 8.24 5.71 2.60
CA LEU A 50 9.53 6.04 3.22
C LEU A 50 9.34 7.08 4.32
N GLU A 51 8.72 8.20 3.98
CA GLU A 51 8.48 9.27 4.94
C GLU A 51 7.56 8.79 6.07
N TRP A 52 6.70 7.84 5.76
CA TRP A 52 5.77 7.29 6.75
C TRP A 52 6.50 6.36 7.71
N ALA A 53 7.13 5.32 7.17
CA ALA A 53 7.85 4.36 7.98
C ALA A 53 8.84 5.05 8.91
N ILE A 54 9.69 5.91 8.34
CA ILE A 54 10.67 6.64 9.13
C ILE A 54 10.00 7.45 10.24
N LYS A 55 8.73 7.80 10.03
CA LYS A 55 7.99 8.57 11.02
C LYS A 55 7.39 7.66 12.08
N GLU A 56 6.46 6.80 11.66
CA GLU A 56 5.82 5.87 12.59
C GLU A 56 6.84 5.09 13.38
N TYR A 57 7.63 4.26 12.69
CA TYR A 57 8.65 3.46 13.33
C TYR A 57 9.69 4.34 14.02
N SER A 58 9.84 5.56 13.51
CA SER A 58 10.80 6.50 14.09
C SER A 58 12.24 5.97 13.94
N LEU A 59 12.61 5.65 12.71
CA LEU A 59 13.95 5.13 12.43
C LEU A 59 14.99 6.25 12.49
N MET A 60 16.21 5.94 12.06
CA MET A 60 17.28 6.92 12.05
C MET A 60 18.51 6.37 11.33
N GLU A 61 19.32 7.28 10.76
CA GLU A 61 20.52 6.88 10.04
C GLU A 61 20.16 6.02 8.83
N ILE A 62 19.19 6.49 8.05
CA ILE A 62 18.76 5.76 6.85
C ILE A 62 18.98 6.60 5.60
N ASP A 63 19.36 5.94 4.51
CA ASP A 63 19.60 6.62 3.24
C ASP A 63 18.28 6.96 2.55
N THR A 64 18.17 8.19 2.08
CA THR A 64 16.96 8.65 1.39
C THR A 64 17.18 8.77 -0.11
N SER A 65 18.42 9.08 -0.49
CA SER A 65 18.76 9.22 -1.90
C SER A 65 18.54 7.91 -2.65
N PHE A 66 18.75 6.80 -1.96
CA PHE A 66 18.58 5.48 -2.56
C PHE A 66 17.12 5.26 -2.97
N PHE A 67 16.21 5.92 -2.27
CA PHE A 67 14.79 5.80 -2.54
C PHE A 67 14.22 7.11 -3.07
N GLN A 68 15.07 7.92 -3.69
CA GLN A 68 14.65 9.21 -4.23
C GLN A 68 13.79 9.01 -5.48
N ASN A 69 14.09 7.97 -6.24
CA ASN A 69 13.34 7.68 -7.46
C ASN A 69 13.55 6.23 -7.90
N MET A 70 13.62 5.33 -6.92
CA MET A 70 13.81 3.91 -7.19
C MET A 70 12.49 3.25 -7.61
N ASP A 71 12.55 2.44 -8.66
CA ASP A 71 11.36 1.76 -9.16
C ASP A 71 10.86 0.74 -8.14
N GLY A 72 9.53 0.70 -7.96
CA GLY A 72 8.94 -0.22 -7.01
C GLY A 72 9.40 -1.65 -7.22
N LYS A 73 9.67 -1.99 -8.48
CA LYS A 73 10.13 -3.34 -8.81
C LYS A 73 11.43 -3.68 -8.09
N GLU A 74 12.27 -2.67 -7.89
CA GLU A 74 13.54 -2.86 -7.20
C GLU A 74 13.33 -2.99 -5.69
N LEU A 75 12.39 -2.22 -5.16
CA LEU A 75 12.09 -2.24 -3.74
C LEU A 75 11.85 -3.67 -3.26
N CYS A 76 10.87 -4.33 -3.87
CA CYS A 76 10.53 -5.70 -3.51
C CYS A 76 11.70 -6.65 -3.80
N LYS A 77 12.56 -6.24 -4.72
CA LYS A 77 13.71 -7.05 -5.10
C LYS A 77 14.82 -6.93 -4.06
N MET A 78 14.86 -5.80 -3.36
CA MET A 78 15.87 -5.56 -2.34
C MET A 78 15.76 -6.59 -1.22
N ASN A 79 16.79 -7.42 -1.08
CA ASN A 79 16.82 -8.44 -0.06
C ASN A 79 17.53 -7.95 1.20
N LYS A 80 17.76 -8.86 2.14
CA LYS A 80 18.43 -8.51 3.39
C LYS A 80 19.80 -7.89 3.11
N GLU A 81 20.42 -8.31 2.01
CA GLU A 81 21.74 -7.78 1.64
C GLU A 81 21.61 -6.40 1.00
N ASP A 82 20.77 -6.31 -0.02
CA ASP A 82 20.56 -5.04 -0.72
C ASP A 82 20.13 -3.95 0.25
N PHE A 83 19.23 -4.30 1.16
CA PHE A 83 18.74 -3.34 2.15
C PHE A 83 19.81 -3.03 3.18
N LEU A 84 20.67 -4.01 3.46
CA LEU A 84 21.74 -3.83 4.43
C LEU A 84 22.71 -2.75 3.99
N ARG A 85 22.79 -2.53 2.68
CA ARG A 85 23.68 -1.51 2.13
C ARG A 85 23.07 -0.13 2.28
N ALA A 86 21.74 -0.07 2.31
CA ALA A 86 21.05 1.20 2.45
C ALA A 86 20.83 1.55 3.92
N THR A 87 20.58 0.53 4.74
CA THR A 87 20.36 0.74 6.16
C THR A 87 20.87 -0.44 6.97
N THR A 88 20.85 -0.31 8.30
CA THR A 88 21.31 -1.36 9.19
C THR A 88 20.35 -2.55 9.17
N LEU A 89 20.76 -3.65 9.80
CA LEU A 89 19.94 -4.84 9.87
C LEU A 89 18.68 -4.60 10.68
N TYR A 90 18.82 -3.84 11.77
CA TYR A 90 17.70 -3.53 12.65
C TYR A 90 16.56 -2.89 11.85
N ASN A 91 16.92 -2.07 10.88
CA ASN A 91 15.93 -1.40 10.05
C ASN A 91 15.49 -2.28 8.89
N THR A 92 16.45 -3.01 8.32
CA THR A 92 16.16 -3.90 7.20
C THR A 92 15.01 -4.85 7.53
N GLU A 93 15.02 -5.38 8.75
CA GLU A 93 13.98 -6.30 9.19
C GLU A 93 12.63 -5.60 9.27
N VAL A 94 12.66 -4.29 9.50
CA VAL A 94 11.45 -3.50 9.61
C VAL A 94 10.93 -3.11 8.23
N LEU A 95 11.82 -3.05 7.25
CA LEU A 95 11.45 -2.70 5.89
C LEU A 95 10.95 -3.93 5.13
N LEU A 96 11.79 -4.96 5.07
CA LEU A 96 11.43 -6.18 4.37
C LEU A 96 10.13 -6.76 4.92
N SER A 97 10.06 -6.92 6.24
CA SER A 97 8.87 -7.47 6.87
C SER A 97 7.62 -6.69 6.47
N HIS A 98 7.79 -5.38 6.28
CA HIS A 98 6.67 -4.52 5.88
C HIS A 98 6.29 -4.77 4.43
N LEU A 99 7.26 -4.62 3.53
CA LEU A 99 7.02 -4.83 2.11
C LEU A 99 6.44 -6.22 1.85
N SER A 100 6.74 -7.15 2.74
CA SER A 100 6.25 -8.52 2.61
C SER A 100 4.89 -8.68 3.28
N TYR A 101 4.62 -7.85 4.27
CA TYR A 101 3.35 -7.89 4.99
C TYR A 101 2.21 -7.38 4.12
N LEU A 102 2.54 -6.50 3.17
CA LEU A 102 1.55 -5.94 2.26
C LEU A 102 1.20 -6.92 1.15
N ARG A 103 2.21 -7.34 0.39
CA ARG A 103 2.02 -8.28 -0.70
C ARG A 103 1.33 -9.54 -0.21
N GLU A 104 1.52 -9.87 1.07
CA GLU A 104 0.92 -11.05 1.66
C GLU A 104 -0.60 -11.03 1.48
N SER A 105 -1.17 -9.84 1.45
CA SER A 105 -2.62 -9.69 1.29
C SER A 105 -3.09 -10.37 0.00
N SER A 106 -2.22 -10.43 -1.00
CA SER A 106 -2.55 -11.05 -2.27
C SER A 106 -2.21 -12.55 -2.24
N LEU A 107 -1.23 -12.91 -1.43
CA LEU A 107 -0.81 -14.31 -1.32
C LEU A 107 -1.98 -15.20 -0.95
N LEU A 108 -2.98 -14.62 -0.28
CA LEU A 108 -4.16 -15.36 0.13
C LEU A 108 -5.17 -15.46 -1.01
N ALA A 109 -5.16 -14.46 -1.89
CA ALA A 109 -6.07 -14.44 -3.03
C ALA A 109 -5.85 -15.65 -3.92
N TYR A 110 -4.63 -16.17 -3.92
CA TYR A 110 -4.29 -17.34 -4.74
C TYR A 110 -5.02 -18.58 -4.24
N ASN A 111 -6.15 -18.89 -4.88
CA ASN A 111 -6.94 -20.05 -4.51
C ASN A 111 -7.66 -20.64 -5.73
N THR A 112 -8.24 -19.75 -6.54
CA THR A 112 -8.96 -20.17 -7.73
C THR A 112 -10.15 -21.05 -7.38
N THR A 113 -11.05 -21.26 -8.34
CA THR A 113 -12.22 -22.08 -8.12
C THR A 113 -11.98 -23.53 -8.52
N SER A 114 -12.97 -24.38 -8.31
CA SER A 114 -12.85 -25.79 -8.63
C SER A 114 -13.72 -26.14 -9.85
N HIS A 115 -13.77 -27.43 -10.18
CA HIS A 115 -14.56 -27.90 -11.31
C HIS A 115 -16.04 -27.61 -11.10
N THR A 116 -16.82 -27.76 -12.17
CA THR A 116 -18.26 -27.51 -12.10
C THR A 116 -19.05 -28.75 -12.47
N ASP A 117 -19.89 -29.22 -11.56
CA ASP A 117 -20.71 -30.39 -11.79
C ASP A 117 -21.78 -30.12 -12.85
N GLN A 118 -22.20 -31.18 -13.54
CA GLN A 118 -23.23 -31.05 -14.57
C GLN A 118 -24.61 -31.39 -14.03
N SER A 119 -25.60 -30.60 -14.43
CA SER A 119 -26.97 -30.82 -13.98
C SER A 119 -27.87 -31.21 -15.15
N SER A 120 -29.17 -31.27 -14.89
CA SER A 120 -30.14 -31.65 -15.91
C SER A 120 -31.50 -31.01 -15.63
N ARG A 121 -32.09 -30.41 -16.65
CA ARG A 121 -33.39 -29.76 -16.52
C ARG A 121 -33.92 -29.33 -17.88
N LEU A 122 -33.77 -30.19 -18.88
CA LEU A 122 -34.23 -29.89 -20.23
C LEU A 122 -35.28 -30.91 -20.68
N SER A 123 -36.11 -31.35 -19.74
CA SER A 123 -37.15 -32.32 -20.04
C SER A 123 -38.25 -31.70 -20.89
N VAL A 124 -38.42 -32.21 -22.11
CA VAL A 124 -39.43 -31.70 -23.02
C VAL A 124 -40.29 -32.83 -23.59
N LYS A 125 -41.56 -32.56 -23.79
CA LYS A 125 -42.48 -33.56 -24.33
C LYS A 125 -43.43 -32.93 -25.36
N GLU A 126 -44.43 -33.69 -25.77
CA GLU A 126 -45.40 -33.21 -26.74
C GLU A 126 -46.64 -32.66 -26.05
N ASP A 127 -47.60 -32.18 -26.85
CA ASP A 127 -48.83 -31.63 -26.31
C ASP A 127 -50.02 -32.51 -26.66
N PRO A 128 -51.12 -32.34 -25.90
CA PRO A 128 -52.34 -33.13 -26.11
C PRO A 128 -53.06 -32.75 -27.41
N GLY A 1 -55.82 -0.85 -65.20
CA GLY A 1 -54.64 -1.52 -64.69
C GLY A 1 -53.37 -0.76 -65.01
N SER A 2 -52.93 0.08 -64.07
CA SER A 2 -51.72 0.87 -64.25
C SER A 2 -51.41 1.68 -63.00
N SER A 3 -51.67 1.10 -61.84
CA SER A 3 -51.42 1.77 -60.57
C SER A 3 -50.47 0.95 -59.70
N GLY A 4 -49.20 1.37 -59.66
CA GLY A 4 -48.21 0.67 -58.87
C GLY A 4 -46.90 1.40 -58.81
N SER A 5 -46.80 2.36 -57.90
CA SER A 5 -45.58 3.15 -57.74
C SER A 5 -44.58 2.44 -56.83
N SER A 6 -43.43 3.07 -56.61
CA SER A 6 -42.40 2.49 -55.76
C SER A 6 -42.38 3.17 -54.39
N GLY A 7 -41.50 2.69 -53.51
CA GLY A 7 -41.40 3.26 -52.18
C GLY A 7 -40.02 3.08 -51.58
N MET A 8 -39.43 4.18 -51.12
CA MET A 8 -38.10 4.15 -50.52
C MET A 8 -38.11 4.84 -49.16
N ASN A 9 -37.42 4.23 -48.19
CA ASN A 9 -37.35 4.79 -46.84
C ASN A 9 -35.90 5.06 -46.45
N TYR A 10 -35.69 5.47 -45.20
CA TYR A 10 -34.36 5.76 -44.70
C TYR A 10 -34.35 5.81 -43.17
N ASN A 11 -33.15 5.84 -42.60
CA ASN A 11 -33.01 5.89 -41.15
C ASN A 11 -31.57 6.22 -40.76
N SER A 12 -31.28 6.16 -39.46
CA SER A 12 -29.95 6.46 -38.95
C SER A 12 -29.65 5.67 -37.69
N TYR A 13 -28.54 5.97 -37.05
CA TYR A 13 -28.14 5.29 -35.82
C TYR A 13 -27.25 6.18 -34.96
N MET A 14 -27.58 6.29 -33.68
CA MET A 14 -26.81 7.11 -32.75
C MET A 14 -26.67 6.40 -31.41
N ASP A 15 -25.72 6.88 -30.60
CA ASP A 15 -25.49 6.31 -29.29
C ASP A 15 -24.51 7.16 -28.48
N GLU A 16 -24.77 7.29 -27.18
CA GLU A 16 -23.92 8.09 -26.32
C GLU A 16 -23.73 7.40 -24.96
N LYS A 17 -24.80 7.38 -24.17
CA LYS A 17 -24.76 6.75 -22.85
C LYS A 17 -23.67 7.37 -21.99
N ASN A 18 -23.87 8.63 -21.60
CA ASN A 18 -22.90 9.34 -20.77
C ASN A 18 -23.42 10.73 -20.40
N GLY A 19 -23.78 10.88 -19.12
CA GLY A 19 -24.29 12.16 -18.66
C GLY A 19 -23.19 13.06 -18.12
N PRO A 20 -23.58 14.27 -17.67
CA PRO A 20 -22.63 15.25 -17.12
C PRO A 20 -22.07 14.82 -15.78
N PRO A 21 -21.02 15.52 -15.32
CA PRO A 21 -20.37 15.22 -14.04
C PRO A 21 -21.26 15.59 -12.85
N PRO A 22 -20.85 15.15 -11.66
CA PRO A 22 -19.62 14.36 -11.48
C PRO A 22 -19.76 12.95 -12.06
N PRO A 23 -18.62 12.25 -12.18
CA PRO A 23 -18.59 10.88 -12.71
C PRO A 23 -19.24 9.87 -11.78
N ASN A 24 -18.97 10.01 -10.48
CA ASN A 24 -19.53 9.10 -9.49
C ASN A 24 -20.18 9.89 -8.35
N MET A 25 -20.94 9.19 -7.52
CA MET A 25 -21.61 9.81 -6.38
C MET A 25 -20.87 9.52 -5.08
N THR A 26 -20.17 8.39 -5.04
CA THR A 26 -19.42 8.00 -3.85
C THR A 26 -18.04 7.48 -4.23
N THR A 27 -17.02 8.30 -4.00
CA THR A 27 -15.64 7.91 -4.32
C THR A 27 -14.82 7.71 -3.05
N ASN A 28 -15.50 7.29 -1.98
CA ASN A 28 -14.82 7.06 -0.71
C ASN A 28 -14.15 8.33 -0.22
N GLU A 29 -13.34 8.20 0.85
CA GLU A 29 -12.63 9.34 1.41
C GLU A 29 -11.15 9.28 1.09
N ARG A 30 -10.41 10.29 1.52
CA ARG A 30 -8.98 10.35 1.27
C ARG A 30 -8.68 10.40 -0.23
N ARG A 31 -7.40 10.51 -0.57
CA ARG A 31 -6.99 10.57 -1.97
C ARG A 31 -6.48 9.22 -2.44
N VAL A 32 -5.34 8.79 -1.91
CA VAL A 32 -4.75 7.51 -2.28
C VAL A 32 -3.49 7.23 -1.46
N ILE A 33 -3.39 6.02 -0.92
CA ILE A 33 -2.24 5.63 -0.12
C ILE A 33 -1.47 4.51 -0.80
N VAL A 34 -2.18 3.63 -1.50
CA VAL A 34 -1.56 2.52 -2.20
C VAL A 34 -2.41 2.05 -3.37
N PRO A 35 -1.76 1.76 -4.50
CA PRO A 35 -2.44 1.30 -5.72
C PRO A 35 -3.00 -0.10 -5.57
N ALA A 36 -2.17 -1.01 -5.07
CA ALA A 36 -2.59 -2.40 -4.88
C ALA A 36 -1.48 -3.21 -4.23
N ASP A 37 -0.46 -3.55 -5.00
CA ASP A 37 0.66 -4.34 -4.50
C ASP A 37 1.90 -3.46 -4.35
N PRO A 38 2.87 -3.94 -3.54
CA PRO A 38 4.12 -3.21 -3.29
C PRO A 38 5.03 -3.19 -4.51
N THR A 39 4.78 -4.10 -5.46
CA THR A 39 5.57 -4.18 -6.66
C THR A 39 4.91 -3.41 -7.81
N LEU A 40 4.19 -2.36 -7.47
CA LEU A 40 3.51 -1.53 -8.46
C LEU A 40 3.41 -0.09 -7.99
N TRP A 41 4.33 0.31 -7.13
CA TRP A 41 4.35 1.68 -6.61
C TRP A 41 5.00 2.64 -7.61
N THR A 42 4.58 3.89 -7.58
CA THR A 42 5.12 4.91 -8.49
C THR A 42 6.36 5.57 -7.88
N GLN A 43 6.86 6.60 -8.56
CA GLN A 43 8.04 7.32 -8.08
C GLN A 43 7.73 8.08 -6.79
N GLU A 44 6.46 8.43 -6.61
CA GLU A 44 6.03 9.16 -5.43
C GLU A 44 5.74 8.20 -4.26
N HIS A 45 4.98 7.15 -4.56
CA HIS A 45 4.63 6.17 -3.54
C HIS A 45 5.88 5.65 -2.83
N VAL A 46 6.85 5.17 -3.60
CA VAL A 46 8.09 4.65 -3.05
C VAL A 46 8.73 5.66 -2.10
N ARG A 47 8.50 6.94 -2.37
CA ARG A 47 9.06 8.00 -1.54
C ARG A 47 8.21 8.22 -0.29
N GLN A 48 6.89 8.17 -0.47
CA GLN A 48 5.96 8.36 0.65
C GLN A 48 6.09 7.23 1.66
N TRP A 49 6.08 5.99 1.16
CA TRP A 49 6.19 4.82 2.02
C TRP A 49 7.39 4.94 2.95
N LEU A 50 8.49 5.49 2.43
CA LEU A 50 9.72 5.65 3.21
C LEU A 50 9.48 6.60 4.38
N GLU A 51 9.10 7.84 4.06
CA GLU A 51 8.84 8.85 5.08
C GLU A 51 7.78 8.37 6.06
N TRP A 52 6.81 7.63 5.56
CA TRP A 52 5.73 7.10 6.39
C TRP A 52 6.27 6.14 7.43
N ALA A 53 7.03 5.15 6.97
CA ALA A 53 7.60 4.15 7.87
C ALA A 53 8.46 4.80 8.94
N ILE A 54 9.41 5.63 8.51
CA ILE A 54 10.30 6.33 9.43
C ILE A 54 9.50 7.13 10.47
N LYS A 55 8.30 7.53 10.08
CA LYS A 55 7.44 8.30 10.98
C LYS A 55 6.72 7.39 11.97
N GLU A 56 5.88 6.51 11.46
CA GLU A 56 5.13 5.58 12.30
C GLU A 56 6.07 4.78 13.19
N TYR A 57 6.95 4.00 12.57
CA TYR A 57 7.91 3.19 13.31
C TYR A 57 8.83 4.06 14.14
N SER A 58 9.03 5.30 13.70
CA SER A 58 9.90 6.23 14.41
C SER A 58 11.34 5.73 14.42
N LEU A 59 11.90 5.50 13.23
CA LEU A 59 13.27 5.02 13.11
C LEU A 59 14.26 6.18 13.24
N MET A 60 15.54 5.86 13.08
CA MET A 60 16.59 6.87 13.17
C MET A 60 17.78 6.50 12.29
N GLU A 61 18.28 7.47 11.53
CA GLU A 61 19.41 7.25 10.65
C GLU A 61 19.07 6.21 9.58
N ILE A 62 18.70 6.68 8.40
CA ILE A 62 18.35 5.79 7.30
C ILE A 62 18.57 6.47 5.95
N ASP A 63 19.01 5.69 4.97
CA ASP A 63 19.27 6.22 3.63
C ASP A 63 17.97 6.68 2.98
N THR A 64 18.02 7.82 2.29
CA THR A 64 16.86 8.38 1.62
C THR A 64 17.11 8.55 0.14
N SER A 65 18.34 8.89 -0.21
CA SER A 65 18.72 9.10 -1.61
C SER A 65 18.46 7.84 -2.43
N PHE A 66 18.77 6.69 -1.84
CA PHE A 66 18.58 5.41 -2.52
C PHE A 66 17.13 5.26 -2.99
N PHE A 67 16.21 5.90 -2.27
CA PHE A 67 14.80 5.84 -2.61
C PHE A 67 14.32 7.15 -3.21
N GLN A 68 15.24 7.88 -3.82
CA GLN A 68 14.91 9.17 -4.44
C GLN A 68 14.09 8.97 -5.70
N ASN A 69 14.29 7.84 -6.36
CA ASN A 69 13.58 7.52 -7.59
C ASN A 69 13.78 6.07 -7.99
N MET A 70 13.13 5.17 -7.28
CA MET A 70 13.24 3.73 -7.56
C MET A 70 11.87 3.11 -7.78
N ASP A 71 11.79 2.14 -8.69
CA ASP A 71 10.54 1.46 -8.99
C ASP A 71 10.17 0.47 -7.89
N GLY A 72 8.90 0.46 -7.50
CA GLY A 72 8.45 -0.43 -6.46
C GLY A 72 8.79 -1.88 -6.75
N LYS A 73 8.91 -2.21 -8.04
CA LYS A 73 9.25 -3.58 -8.44
C LYS A 73 10.67 -3.93 -8.03
N GLU A 74 11.54 -2.93 -7.96
CA GLU A 74 12.93 -3.15 -7.58
C GLU A 74 13.04 -3.37 -6.07
N LEU A 75 12.19 -2.70 -5.31
CA LEU A 75 12.19 -2.83 -3.86
C LEU A 75 12.08 -4.29 -3.43
N CYS A 76 10.94 -4.90 -3.74
CA CYS A 76 10.70 -6.30 -3.39
C CYS A 76 11.79 -7.19 -3.98
N LYS A 77 12.42 -6.72 -5.06
CA LYS A 77 13.47 -7.48 -5.72
C LYS A 77 14.78 -7.36 -4.95
N MET A 78 14.94 -6.26 -4.22
CA MET A 78 16.15 -6.03 -3.44
C MET A 78 16.31 -7.07 -2.35
N ASN A 79 17.51 -7.62 -2.22
CA ASN A 79 17.79 -8.64 -1.22
C ASN A 79 18.19 -7.99 0.12
N LYS A 80 18.66 -8.81 1.05
CA LYS A 80 19.08 -8.33 2.35
C LYS A 80 20.24 -7.35 2.23
N GLU A 81 21.35 -7.83 1.69
CA GLU A 81 22.55 -7.00 1.51
C GLU A 81 22.20 -5.70 0.79
N ASP A 82 21.29 -5.80 -0.18
CA ASP A 82 20.87 -4.64 -0.94
C ASP A 82 20.32 -3.55 -0.03
N PHE A 83 19.68 -3.96 1.07
CA PHE A 83 19.11 -3.03 2.02
C PHE A 83 20.10 -2.72 3.14
N LEU A 84 20.92 -3.70 3.48
CA LEU A 84 21.92 -3.53 4.52
C LEU A 84 22.87 -2.37 4.20
N ARG A 85 23.01 -2.08 2.91
CA ARG A 85 23.88 -1.01 2.46
C ARG A 85 23.29 0.36 2.81
N ALA A 86 21.96 0.46 2.71
CA ALA A 86 21.28 1.71 3.02
C ALA A 86 21.07 1.87 4.52
N THR A 87 20.58 0.81 5.17
CA THR A 87 20.32 0.84 6.60
C THR A 87 20.90 -0.41 7.28
N THR A 88 20.83 -0.43 8.60
CA THR A 88 21.35 -1.56 9.37
C THR A 88 20.37 -2.72 9.35
N LEU A 89 20.72 -3.79 10.06
CA LEU A 89 19.87 -4.98 10.13
C LEU A 89 18.60 -4.70 10.91
N TYR A 90 18.74 -4.00 12.03
CA TYR A 90 17.59 -3.66 12.88
C TYR A 90 16.48 -3.00 12.06
N ASN A 91 16.88 -2.29 11.00
CA ASN A 91 15.93 -1.62 10.13
C ASN A 91 15.54 -2.50 8.95
N THR A 92 16.52 -3.23 8.42
CA THR A 92 16.28 -4.11 7.29
C THR A 92 15.12 -5.05 7.56
N GLU A 93 15.05 -5.57 8.78
CA GLU A 93 13.97 -6.48 9.16
C GLU A 93 12.64 -5.73 9.30
N VAL A 94 12.73 -4.44 9.60
CA VAL A 94 11.54 -3.62 9.78
C VAL A 94 10.96 -3.22 8.42
N LEU A 95 11.83 -3.08 7.42
CA LEU A 95 11.40 -2.69 6.08
C LEU A 95 11.08 -3.93 5.25
N LEU A 96 12.05 -4.84 5.15
CA LEU A 96 11.87 -6.07 4.38
C LEU A 96 10.60 -6.79 4.79
N SER A 97 10.23 -6.64 6.06
CA SER A 97 9.03 -7.29 6.59
C SER A 97 7.77 -6.63 6.02
N HIS A 98 7.64 -5.33 6.24
CA HIS A 98 6.48 -4.59 5.76
C HIS A 98 6.26 -4.83 4.27
N LEU A 99 7.34 -5.06 3.55
CA LEU A 99 7.28 -5.31 2.11
C LEU A 99 6.47 -6.57 1.81
N SER A 100 6.59 -7.56 2.70
CA SER A 100 5.87 -8.82 2.53
C SER A 100 4.50 -8.75 3.17
N TYR A 101 4.36 -7.90 4.18
CA TYR A 101 3.09 -7.74 4.89
C TYR A 101 1.99 -7.28 3.93
N LEU A 102 2.34 -6.35 3.04
CA LEU A 102 1.39 -5.82 2.08
C LEU A 102 0.91 -6.92 1.13
N ARG A 103 1.75 -7.94 0.95
CA ARG A 103 1.40 -9.06 0.07
C ARG A 103 0.41 -10.00 0.75
N GLU A 104 0.45 -10.04 2.06
CA GLU A 104 -0.45 -10.90 2.83
C GLU A 104 -1.90 -10.45 2.65
N SER A 105 -2.09 -9.17 2.38
CA SER A 105 -3.43 -8.62 2.19
C SER A 105 -4.19 -9.40 1.12
N SER A 106 -3.44 -9.98 0.17
CA SER A 106 -4.04 -10.73 -0.90
C SER A 106 -4.15 -12.21 -0.54
N LEU A 107 -3.24 -12.67 0.32
CA LEU A 107 -3.22 -14.06 0.75
C LEU A 107 -4.57 -14.46 1.33
N LEU A 108 -5.30 -13.49 1.85
CA LEU A 108 -6.62 -13.75 2.44
C LEU A 108 -7.69 -13.82 1.34
N ALA A 109 -7.49 -13.07 0.27
CA ALA A 109 -8.43 -13.05 -0.84
C ALA A 109 -8.63 -14.45 -1.42
N TYR A 110 -7.60 -15.28 -1.30
CA TYR A 110 -7.67 -16.64 -1.81
C TYR A 110 -8.40 -17.56 -0.83
N ASN A 111 -7.86 -17.67 0.38
CA ASN A 111 -8.47 -18.51 1.41
C ASN A 111 -8.48 -19.97 0.98
N THR A 112 -8.82 -20.86 1.91
CA THR A 112 -8.87 -22.28 1.62
C THR A 112 -10.19 -22.67 0.97
N THR A 113 -11.27 -22.06 1.44
CA THR A 113 -12.60 -22.34 0.90
C THR A 113 -13.00 -21.29 -0.14
N SER A 114 -13.27 -21.75 -1.36
CA SER A 114 -13.67 -20.85 -2.44
C SER A 114 -14.29 -21.64 -3.59
N HIS A 115 -15.05 -20.94 -4.43
CA HIS A 115 -15.71 -21.57 -5.57
C HIS A 115 -14.67 -22.22 -6.50
N THR A 116 -14.89 -23.49 -6.82
CA THR A 116 -13.98 -24.21 -7.70
C THR A 116 -14.64 -24.54 -9.03
N ASP A 117 -13.96 -24.19 -10.12
CA ASP A 117 -14.49 -24.45 -11.46
C ASP A 117 -14.88 -25.91 -11.62
N GLN A 118 -15.71 -26.20 -12.61
CA GLN A 118 -16.16 -27.55 -12.87
C GLN A 118 -14.99 -28.47 -13.20
N SER A 119 -14.53 -29.22 -12.21
CA SER A 119 -13.40 -30.13 -12.39
C SER A 119 -13.79 -31.55 -12.03
N SER A 120 -12.85 -32.48 -12.18
CA SER A 120 -13.10 -33.89 -11.88
C SER A 120 -13.31 -34.09 -10.38
N ARG A 121 -14.57 -34.03 -9.96
CA ARG A 121 -14.91 -34.21 -8.55
C ARG A 121 -15.66 -35.51 -8.32
N LEU A 122 -15.88 -35.85 -7.06
CA LEU A 122 -16.59 -37.08 -6.71
C LEU A 122 -17.77 -36.79 -5.78
N SER A 123 -18.96 -37.20 -6.20
CA SER A 123 -20.17 -36.97 -5.41
C SER A 123 -20.11 -37.78 -4.11
N VAL A 124 -20.35 -37.11 -2.99
CA VAL A 124 -20.34 -37.76 -1.69
C VAL A 124 -21.76 -38.05 -1.20
N LYS A 125 -21.86 -38.69 -0.05
CA LYS A 125 -23.15 -39.02 0.53
C LYS A 125 -23.96 -37.77 0.83
N GLU A 126 -25.08 -37.61 0.13
CA GLU A 126 -25.94 -36.44 0.31
C GLU A 126 -27.22 -36.82 1.05
N ASP A 127 -27.67 -35.95 1.93
CA ASP A 127 -28.90 -36.20 2.70
C ASP A 127 -30.09 -35.51 2.05
N PRO A 128 -31.30 -35.97 2.39
CA PRO A 128 -32.54 -35.41 1.86
C PRO A 128 -32.82 -34.01 2.38
N GLY A 1 -65.03 -28.38 15.13
CA GLY A 1 -64.20 -27.19 15.24
C GLY A 1 -62.81 -27.40 14.67
N SER A 2 -62.07 -26.31 14.52
CA SER A 2 -60.72 -26.38 13.98
C SER A 2 -60.01 -25.04 14.12
N SER A 3 -58.71 -25.02 13.80
CA SER A 3 -57.92 -23.80 13.90
C SER A 3 -56.56 -24.00 13.23
N GLY A 4 -55.83 -22.89 13.06
CA GLY A 4 -54.52 -22.95 12.43
C GLY A 4 -54.25 -21.75 11.57
N SER A 5 -53.05 -21.18 11.70
CA SER A 5 -52.66 -20.01 10.92
C SER A 5 -51.15 -19.91 10.80
N SER A 6 -50.67 -18.91 10.07
CA SER A 6 -49.24 -18.71 9.87
C SER A 6 -48.93 -17.24 9.58
N GLY A 7 -47.70 -16.85 9.82
CA GLY A 7 -47.29 -15.47 9.57
C GLY A 7 -45.83 -15.22 9.93
N MET A 8 -45.33 -14.06 9.53
CA MET A 8 -43.94 -13.70 9.81
C MET A 8 -43.62 -12.32 9.27
N ASN A 9 -42.44 -11.80 9.61
CA ASN A 9 -42.01 -10.49 9.17
C ASN A 9 -40.52 -10.28 9.42
N TYR A 10 -40.05 -10.72 10.58
CA TYR A 10 -38.65 -10.58 10.94
C TYR A 10 -38.25 -9.11 11.03
N ASN A 11 -37.08 -8.85 11.60
CA ASN A 11 -36.58 -7.49 11.75
C ASN A 11 -35.11 -7.50 12.14
N SER A 12 -34.44 -6.36 11.94
CA SER A 12 -33.03 -6.23 12.27
C SER A 12 -32.66 -4.77 12.53
N TYR A 13 -31.56 -4.56 13.23
CA TYR A 13 -31.10 -3.21 13.54
C TYR A 13 -29.62 -3.21 13.94
N MET A 14 -28.91 -2.17 13.54
CA MET A 14 -27.49 -2.04 13.85
C MET A 14 -27.25 -0.95 14.89
N ASP A 15 -26.04 -0.91 15.42
CA ASP A 15 -25.67 0.09 16.42
C ASP A 15 -24.23 0.55 16.24
N GLU A 16 -23.79 1.45 17.11
CA GLU A 16 -22.42 1.97 17.04
C GLU A 16 -21.47 1.12 17.87
N LYS A 17 -20.18 1.26 17.60
CA LYS A 17 -19.16 0.51 18.33
C LYS A 17 -17.91 1.35 18.55
N ASN A 18 -17.68 1.74 19.80
CA ASN A 18 -16.53 2.56 20.16
C ASN A 18 -15.58 1.80 21.07
N GLY A 19 -14.28 2.02 20.90
CA GLY A 19 -13.30 1.34 21.73
C GLY A 19 -12.57 2.29 22.66
N PRO A 20 -11.74 1.74 23.55
CA PRO A 20 -10.96 2.53 24.51
C PRO A 20 -9.87 3.34 23.84
N PRO A 21 -9.29 4.29 24.61
CA PRO A 21 -8.22 5.16 24.11
C PRO A 21 -6.92 4.40 23.88
N PRO A 22 -5.96 5.06 23.21
CA PRO A 22 -6.13 6.42 22.71
C PRO A 22 -7.13 6.51 21.57
N PRO A 23 -7.55 7.73 21.22
CA PRO A 23 -8.50 7.97 20.13
C PRO A 23 -7.90 7.68 18.76
N ASN A 24 -6.69 8.16 18.53
CA ASN A 24 -6.00 7.96 17.26
C ASN A 24 -4.54 8.37 17.36
N MET A 25 -3.87 8.41 16.22
CA MET A 25 -2.46 8.78 16.17
C MET A 25 -1.97 8.89 14.73
N THR A 26 -0.69 9.24 14.56
CA THR A 26 -0.11 9.39 13.25
C THR A 26 -0.86 10.43 12.41
N THR A 27 -0.34 11.65 12.40
CA THR A 27 -0.96 12.73 11.65
C THR A 27 -0.64 12.62 10.16
N ASN A 28 -1.23 11.62 9.51
CA ASN A 28 -1.01 11.41 8.09
C ASN A 28 -2.24 10.76 7.44
N GLU A 29 -2.76 11.41 6.40
CA GLU A 29 -3.93 10.90 5.69
C GLU A 29 -4.12 11.62 4.37
N ARG A 30 -3.81 10.92 3.28
CA ARG A 30 -3.94 11.49 1.94
C ARG A 30 -4.96 10.71 1.12
N ARG A 31 -5.91 10.08 1.80
CA ARG A 31 -6.94 9.30 1.13
C ARG A 31 -6.32 8.22 0.24
N VAL A 32 -5.11 7.80 0.59
CA VAL A 32 -4.42 6.77 -0.19
C VAL A 32 -3.08 6.42 0.46
N ILE A 33 -2.89 5.15 0.75
CA ILE A 33 -1.64 4.68 1.36
C ILE A 33 -0.95 3.65 0.48
N VAL A 34 -1.74 2.85 -0.23
CA VAL A 34 -1.20 1.83 -1.12
C VAL A 34 -2.17 1.51 -2.24
N PRO A 35 -1.63 1.36 -3.47
CA PRO A 35 -2.44 1.05 -4.65
C PRO A 35 -2.99 -0.38 -4.61
N ALA A 36 -2.12 -1.33 -4.33
CA ALA A 36 -2.53 -2.74 -4.26
C ALA A 36 -1.35 -3.63 -3.86
N ASP A 37 -0.42 -3.82 -4.79
CA ASP A 37 0.75 -4.65 -4.54
C ASP A 37 2.04 -3.81 -4.63
N PRO A 38 3.12 -4.33 -4.04
CA PRO A 38 4.42 -3.66 -4.06
C PRO A 38 5.07 -3.65 -5.44
N THR A 39 4.55 -4.50 -6.33
CA THR A 39 5.07 -4.59 -7.69
C THR A 39 4.54 -3.44 -8.55
N LEU A 40 3.32 -3.01 -8.27
CA LEU A 40 2.70 -1.93 -9.02
C LEU A 40 2.77 -0.62 -8.24
N TRP A 41 3.98 -0.27 -7.78
CA TRP A 41 4.18 0.96 -7.02
C TRP A 41 4.78 2.05 -7.91
N THR A 42 4.64 3.29 -7.47
CA THR A 42 5.17 4.43 -8.22
C THR A 42 6.20 5.19 -7.41
N GLN A 43 6.93 6.09 -8.07
CA GLN A 43 7.96 6.89 -7.41
C GLN A 43 7.37 7.65 -6.23
N GLU A 44 6.08 7.95 -6.30
CA GLU A 44 5.39 8.68 -5.24
C GLU A 44 5.13 7.77 -4.04
N HIS A 45 5.01 6.47 -4.30
CA HIS A 45 4.76 5.50 -3.25
C HIS A 45 6.07 5.03 -2.62
N VAL A 46 7.15 5.10 -3.38
CA VAL A 46 8.46 4.69 -2.90
C VAL A 46 9.10 5.77 -2.04
N ARG A 47 8.75 7.02 -2.31
CA ARG A 47 9.28 8.15 -1.55
C ARG A 47 8.41 8.45 -0.34
N GLN A 48 7.11 8.21 -0.48
CA GLN A 48 6.16 8.46 0.60
C GLN A 48 6.27 7.38 1.67
N TRP A 49 6.27 6.13 1.24
CA TRP A 49 6.37 5.00 2.17
C TRP A 49 7.57 5.15 3.09
N LEU A 50 8.69 5.63 2.53
CA LEU A 50 9.91 5.82 3.30
C LEU A 50 9.71 6.87 4.39
N GLU A 51 9.35 8.08 3.99
CA GLU A 51 9.13 9.17 4.93
C GLU A 51 8.04 8.80 5.93
N TRP A 52 7.14 7.92 5.52
CA TRP A 52 6.05 7.48 6.38
C TRP A 52 6.55 6.50 7.44
N ALA A 53 7.13 5.41 6.99
CA ALA A 53 7.66 4.39 7.90
C ALA A 53 8.57 5.01 8.94
N ILE A 54 9.52 5.82 8.48
CA ILE A 54 10.47 6.48 9.38
C ILE A 54 9.74 7.28 10.45
N LYS A 55 8.53 7.71 10.14
CA LYS A 55 7.73 8.50 11.08
C LYS A 55 7.01 7.58 12.07
N GLU A 56 6.10 6.75 11.56
CA GLU A 56 5.36 5.82 12.40
C GLU A 56 6.30 4.97 13.25
N TYR A 57 7.12 4.17 12.58
CA TYR A 57 8.07 3.31 13.27
C TYR A 57 9.07 4.13 14.09
N SER A 58 9.29 5.37 13.66
CA SER A 58 10.21 6.26 14.36
C SER A 58 11.63 5.70 14.31
N LEU A 59 12.18 5.60 13.10
CA LEU A 59 13.54 5.07 12.92
C LEU A 59 14.57 6.20 13.00
N MET A 60 15.81 5.88 12.66
CA MET A 60 16.88 6.86 12.69
C MET A 60 18.07 6.40 11.86
N GLU A 61 18.69 7.34 11.14
CA GLU A 61 19.83 7.03 10.30
C GLU A 61 19.45 6.05 9.20
N ILE A 62 18.88 6.57 8.12
CA ILE A 62 18.47 5.73 7.00
C ILE A 62 18.63 6.46 5.67
N ASP A 63 19.02 5.73 4.64
CA ASP A 63 19.22 6.31 3.32
C ASP A 63 17.90 6.81 2.75
N THR A 64 17.92 8.01 2.18
CA THR A 64 16.71 8.60 1.59
C THR A 64 16.88 8.80 0.09
N SER A 65 18.09 9.16 -0.32
CA SER A 65 18.38 9.41 -1.73
C SER A 65 18.29 8.10 -2.53
N PHE A 66 18.56 6.99 -1.86
CA PHE A 66 18.52 5.68 -2.50
C PHE A 66 17.11 5.37 -3.00
N PHE A 67 16.12 5.97 -2.35
CA PHE A 67 14.73 5.74 -2.73
C PHE A 67 14.13 7.00 -3.35
N GLN A 68 14.99 7.83 -3.94
CA GLN A 68 14.54 9.08 -4.57
C GLN A 68 13.91 8.79 -5.92
N ASN A 69 14.38 7.75 -6.60
CA ASN A 69 13.86 7.38 -7.91
C ASN A 69 14.06 5.90 -8.17
N MET A 70 13.37 5.06 -7.41
CA MET A 70 13.48 3.61 -7.56
C MET A 70 12.15 3.00 -7.99
N ASP A 71 12.21 1.97 -8.83
CA ASP A 71 11.01 1.32 -9.31
C ASP A 71 10.35 0.49 -8.20
N GLY A 72 9.03 0.58 -8.11
CA GLY A 72 8.31 -0.15 -7.08
C GLY A 72 8.63 -1.63 -7.09
N LYS A 73 8.94 -2.15 -8.28
CA LYS A 73 9.27 -3.57 -8.42
C LYS A 73 10.66 -3.87 -7.86
N GLU A 74 11.55 -2.89 -7.96
CA GLU A 74 12.91 -3.06 -7.47
C GLU A 74 12.91 -3.20 -5.94
N LEU A 75 12.01 -2.49 -5.29
CA LEU A 75 11.91 -2.53 -3.83
C LEU A 75 11.82 -3.97 -3.34
N CYS A 76 10.82 -4.71 -3.83
CA CYS A 76 10.63 -6.09 -3.44
C CYS A 76 11.80 -6.96 -3.89
N LYS A 77 12.50 -6.49 -4.92
CA LYS A 77 13.65 -7.21 -5.45
C LYS A 77 14.88 -7.03 -4.57
N MET A 78 14.94 -5.89 -3.88
CA MET A 78 16.05 -5.59 -3.00
C MET A 78 16.19 -6.65 -1.91
N ASN A 79 17.27 -7.43 -1.97
CA ASN A 79 17.52 -8.48 -0.99
C ASN A 79 18.01 -7.89 0.32
N LYS A 80 18.46 -8.77 1.22
CA LYS A 80 18.96 -8.34 2.52
C LYS A 80 20.13 -7.38 2.36
N GLU A 81 21.23 -7.88 1.78
CA GLU A 81 22.42 -7.07 1.58
C GLU A 81 22.08 -5.77 0.85
N ASP A 82 21.13 -5.86 -0.08
CA ASP A 82 20.71 -4.70 -0.85
C ASP A 82 20.21 -3.59 0.08
N PHE A 83 19.61 -3.99 1.20
CA PHE A 83 19.09 -3.02 2.16
C PHE A 83 20.11 -2.73 3.25
N LEU A 84 20.90 -3.75 3.60
CA LEU A 84 21.93 -3.60 4.62
C LEU A 84 22.89 -2.46 4.27
N ARG A 85 23.01 -2.16 2.98
CA ARG A 85 23.89 -1.11 2.52
C ARG A 85 23.28 0.27 2.80
N ALA A 86 21.96 0.31 2.88
CA ALA A 86 21.25 1.57 3.15
C ALA A 86 21.01 1.76 4.64
N THR A 87 20.55 0.69 5.30
CA THR A 87 20.29 0.75 6.74
C THR A 87 20.80 -0.50 7.43
N THR A 88 20.71 -0.51 8.76
CA THR A 88 21.17 -1.65 9.55
C THR A 88 20.18 -2.79 9.50
N LEU A 89 20.49 -3.87 10.21
CA LEU A 89 19.62 -5.05 10.24
C LEU A 89 18.32 -4.73 10.98
N TYR A 90 18.43 -4.03 12.10
CA TYR A 90 17.27 -3.67 12.90
C TYR A 90 16.20 -3.00 12.04
N ASN A 91 16.65 -2.30 11.00
CA ASN A 91 15.73 -1.60 10.10
C ASN A 91 15.39 -2.47 8.90
N THR A 92 16.38 -3.22 8.41
CA THR A 92 16.17 -4.10 7.26
C THR A 92 14.98 -5.01 7.47
N GLU A 93 14.84 -5.55 8.69
CA GLU A 93 13.74 -6.43 9.01
C GLU A 93 12.42 -5.66 9.10
N VAL A 94 12.52 -4.37 9.42
CA VAL A 94 11.34 -3.52 9.53
C VAL A 94 10.83 -3.11 8.16
N LEU A 95 11.74 -3.03 7.20
CA LEU A 95 11.39 -2.64 5.83
C LEU A 95 11.02 -3.87 4.99
N LEU A 96 11.94 -4.82 4.94
CA LEU A 96 11.72 -6.04 4.17
C LEU A 96 10.40 -6.71 4.57
N SER A 97 10.27 -7.02 5.85
CA SER A 97 9.06 -7.66 6.36
C SER A 97 7.82 -6.87 5.95
N HIS A 98 7.83 -5.57 6.22
CA HIS A 98 6.70 -4.72 5.89
C HIS A 98 6.34 -4.86 4.41
N LEU A 99 7.34 -4.83 3.54
CA LEU A 99 7.13 -4.96 2.11
C LEU A 99 6.51 -6.31 1.77
N SER A 100 6.76 -7.30 2.62
CA SER A 100 6.22 -8.65 2.42
C SER A 100 4.83 -8.78 3.01
N TYR A 101 4.54 -7.96 4.03
CA TYR A 101 3.24 -7.98 4.68
C TYR A 101 2.13 -7.64 3.70
N LEU A 102 2.40 -6.65 2.85
CA LEU A 102 1.42 -6.22 1.85
C LEU A 102 0.89 -7.40 1.05
N ARG A 103 1.79 -8.32 0.71
CA ARG A 103 1.42 -9.50 -0.06
C ARG A 103 0.39 -10.34 0.68
N GLU A 104 0.61 -10.50 1.99
CA GLU A 104 -0.30 -11.28 2.82
C GLU A 104 -1.72 -10.72 2.76
N SER A 105 -1.83 -9.43 2.46
CA SER A 105 -3.12 -8.77 2.38
C SER A 105 -3.93 -9.32 1.20
N SER A 106 -3.23 -9.74 0.16
CA SER A 106 -3.88 -10.29 -1.03
C SER A 106 -3.97 -11.81 -0.95
N LEU A 107 -2.98 -12.42 -0.30
CA LEU A 107 -2.95 -13.87 -0.16
C LEU A 107 -4.21 -14.38 0.53
N LEU A 108 -4.85 -13.51 1.30
CA LEU A 108 -6.07 -13.86 2.01
C LEU A 108 -7.28 -13.83 1.08
N ALA A 109 -7.24 -12.93 0.11
CA ALA A 109 -8.33 -12.80 -0.86
C ALA A 109 -8.44 -14.05 -1.73
N TYR A 110 -7.32 -14.73 -1.91
CA TYR A 110 -7.28 -15.94 -2.73
C TYR A 110 -8.03 -17.09 -2.03
N ASN A 111 -8.81 -17.83 -2.80
CA ASN A 111 -9.57 -18.96 -2.26
C ASN A 111 -10.56 -18.48 -1.19
N THR A 112 -11.18 -19.44 -0.51
CA THR A 112 -12.16 -19.12 0.53
C THR A 112 -11.93 -19.97 1.77
N THR A 113 -12.05 -19.34 2.94
CA THR A 113 -11.86 -20.05 4.20
C THR A 113 -12.83 -19.54 5.27
N SER A 114 -12.83 -20.20 6.42
CA SER A 114 -13.71 -19.82 7.51
C SER A 114 -15.17 -19.95 7.11
N HIS A 115 -15.78 -21.08 7.47
CA HIS A 115 -17.18 -21.34 7.14
C HIS A 115 -18.08 -20.97 8.31
N THR A 116 -19.38 -21.16 8.13
CA THR A 116 -20.36 -20.86 9.17
C THR A 116 -21.25 -22.06 9.45
N ASP A 117 -22.06 -21.95 10.51
CA ASP A 117 -22.96 -23.03 10.90
C ASP A 117 -23.82 -22.62 12.08
N GLN A 118 -24.95 -23.28 12.24
CA GLN A 118 -25.87 -22.99 13.34
C GLN A 118 -26.58 -24.25 13.82
N SER A 119 -27.06 -24.22 15.06
CA SER A 119 -27.75 -25.36 15.64
C SER A 119 -28.91 -24.90 16.54
N SER A 120 -29.87 -25.80 16.74
CA SER A 120 -31.02 -25.48 17.58
C SER A 120 -31.44 -26.70 18.41
N ARG A 121 -32.07 -26.43 19.55
CA ARG A 121 -32.52 -27.50 20.43
C ARG A 121 -34.04 -27.55 20.49
N LEU A 122 -34.67 -26.41 20.23
CA LEU A 122 -36.13 -26.31 20.27
C LEU A 122 -36.67 -26.62 21.66
N SER A 123 -36.75 -25.58 22.49
CA SER A 123 -37.25 -25.73 23.86
C SER A 123 -38.77 -25.59 23.90
N VAL A 124 -39.40 -26.39 24.75
CA VAL A 124 -40.85 -26.35 24.90
C VAL A 124 -41.26 -26.52 26.36
N LYS A 125 -42.33 -25.84 26.75
CA LYS A 125 -42.83 -25.92 28.12
C LYS A 125 -44.12 -26.73 28.18
N GLU A 126 -44.56 -27.06 29.40
CA GLU A 126 -45.78 -27.83 29.59
C GLU A 126 -46.13 -27.92 31.07
N ASP A 127 -47.28 -27.36 31.43
CA ASP A 127 -47.75 -27.38 32.81
C ASP A 127 -48.30 -28.75 33.19
N PRO A 128 -48.38 -29.02 34.49
CA PRO A 128 -48.89 -30.29 35.01
C PRO A 128 -50.39 -30.44 34.79
N GLY A 1 -63.60 43.39 -20.54
CA GLY A 1 -62.18 43.18 -20.78
C GLY A 1 -61.53 42.34 -19.69
N SER A 2 -60.31 41.88 -19.96
CA SER A 2 -59.58 41.05 -19.01
C SER A 2 -58.58 41.89 -18.21
N SER A 3 -58.82 42.02 -16.91
CA SER A 3 -57.94 42.80 -16.05
C SER A 3 -57.23 41.89 -15.06
N GLY A 4 -55.90 41.94 -15.08
CA GLY A 4 -55.11 41.11 -14.17
C GLY A 4 -53.75 40.78 -14.75
N SER A 5 -52.71 41.38 -14.19
CA SER A 5 -51.35 41.13 -14.65
C SER A 5 -50.36 41.18 -13.48
N SER A 6 -49.33 40.35 -13.56
CA SER A 6 -48.32 40.29 -12.51
C SER A 6 -47.16 39.40 -12.93
N GLY A 7 -45.97 40.00 -13.04
CA GLY A 7 -44.79 39.25 -13.43
C GLY A 7 -43.52 39.82 -12.84
N MET A 8 -42.42 39.07 -12.97
CA MET A 8 -41.14 39.50 -12.44
C MET A 8 -40.13 39.71 -13.56
N ASN A 9 -39.13 40.55 -13.30
CA ASN A 9 -38.09 40.84 -14.29
C ASN A 9 -36.73 40.42 -13.78
N TYR A 10 -36.46 40.70 -12.51
CA TYR A 10 -35.18 40.36 -11.89
C TYR A 10 -34.04 41.09 -12.59
N ASN A 11 -32.82 40.91 -12.06
CA ASN A 11 -31.64 41.56 -12.62
C ASN A 11 -30.45 40.61 -12.61
N SER A 12 -30.19 40.00 -11.47
CA SER A 12 -29.08 39.06 -11.33
C SER A 12 -27.75 39.77 -11.56
N TYR A 13 -26.66 39.16 -11.09
CA TYR A 13 -25.33 39.73 -11.24
C TYR A 13 -24.27 38.64 -11.29
N MET A 14 -23.34 38.76 -12.23
CA MET A 14 -22.27 37.79 -12.38
C MET A 14 -20.91 38.42 -12.10
N ASP A 15 -19.90 37.59 -11.92
CA ASP A 15 -18.55 38.06 -11.64
C ASP A 15 -17.52 36.95 -11.87
N GLU A 16 -16.30 37.35 -12.22
CA GLU A 16 -15.23 36.39 -12.47
C GLU A 16 -14.02 36.68 -11.59
N LYS A 17 -13.62 35.69 -10.80
CA LYS A 17 -12.47 35.83 -9.91
C LYS A 17 -11.39 34.80 -10.23
N ASN A 18 -10.55 35.13 -11.20
CA ASN A 18 -9.47 34.22 -11.60
C ASN A 18 -8.11 34.79 -11.22
N GLY A 19 -7.06 34.02 -11.45
CA GLY A 19 -5.72 34.46 -11.12
C GLY A 19 -4.71 34.08 -12.17
N PRO A 20 -3.47 34.57 -12.01
CA PRO A 20 -2.38 34.29 -12.95
C PRO A 20 -1.91 32.84 -12.87
N PRO A 21 -1.09 32.42 -13.85
CA PRO A 21 -0.56 31.05 -13.92
C PRO A 21 0.47 30.78 -12.82
N PRO A 22 0.83 29.50 -12.65
CA PRO A 22 0.28 28.42 -13.46
C PRO A 22 -1.19 28.14 -13.15
N PRO A 23 -1.84 27.34 -14.01
CA PRO A 23 -3.25 26.99 -13.85
C PRO A 23 -3.48 26.06 -12.66
N ASN A 24 -2.66 25.02 -12.56
CA ASN A 24 -2.77 24.05 -11.46
C ASN A 24 -1.60 23.08 -11.49
N MET A 25 -1.14 22.68 -10.30
CA MET A 25 -0.04 21.74 -10.18
C MET A 25 -0.49 20.43 -9.55
N THR A 26 -1.03 20.51 -8.34
CA THR A 26 -1.51 19.33 -7.64
C THR A 26 -3.00 19.45 -7.31
N THR A 27 -3.70 18.33 -7.40
CA THR A 27 -5.13 18.30 -7.11
C THR A 27 -5.44 17.44 -5.89
N ASN A 28 -4.51 17.42 -4.94
CA ASN A 28 -4.68 16.63 -3.72
C ASN A 28 -4.80 15.15 -4.04
N GLU A 29 -5.00 14.34 -3.01
CA GLU A 29 -5.14 12.90 -3.18
C GLU A 29 -6.47 12.40 -2.63
N ARG A 30 -6.66 11.08 -2.64
CA ARG A 30 -7.89 10.49 -2.14
C ARG A 30 -7.61 9.59 -0.94
N ARG A 31 -6.58 9.94 -0.17
CA ARG A 31 -6.21 9.17 1.01
C ARG A 31 -5.87 7.73 0.63
N VAL A 32 -4.67 7.53 0.10
CA VAL A 32 -4.23 6.21 -0.31
C VAL A 32 -2.84 5.90 0.26
N ILE A 33 -2.68 4.68 0.75
CA ILE A 33 -1.40 4.26 1.32
C ILE A 33 -0.70 3.27 0.41
N VAL A 34 -1.48 2.47 -0.32
CA VAL A 34 -0.93 1.48 -1.22
C VAL A 34 -1.90 1.18 -2.37
N PRO A 35 -1.36 1.08 -3.59
CA PRO A 35 -2.15 0.80 -4.78
C PRO A 35 -2.70 -0.62 -4.80
N ALA A 36 -1.83 -1.59 -4.53
CA ALA A 36 -2.24 -3.00 -4.51
C ALA A 36 -1.07 -3.89 -4.12
N ASP A 37 -0.08 -3.98 -5.00
CA ASP A 37 1.09 -4.81 -4.76
C ASP A 37 2.37 -3.96 -4.82
N PRO A 38 3.45 -4.50 -4.23
CA PRO A 38 4.74 -3.82 -4.20
C PRO A 38 5.41 -3.77 -5.57
N THR A 39 4.92 -4.60 -6.48
CA THR A 39 5.46 -4.65 -7.84
C THR A 39 4.85 -3.57 -8.72
N LEU A 40 3.65 -3.14 -8.37
CA LEU A 40 2.95 -2.10 -9.12
C LEU A 40 2.94 -0.78 -8.36
N TRP A 41 4.11 -0.37 -7.87
CA TRP A 41 4.25 0.86 -7.12
C TRP A 41 4.72 2.00 -8.02
N THR A 42 4.60 3.23 -7.53
CA THR A 42 5.03 4.40 -8.29
C THR A 42 6.22 5.08 -7.64
N GLN A 43 6.69 6.17 -8.24
CA GLN A 43 7.82 6.91 -7.71
C GLN A 43 7.47 7.61 -6.40
N GLU A 44 6.18 7.92 -6.23
CA GLU A 44 5.71 8.59 -5.03
C GLU A 44 5.53 7.59 -3.89
N HIS A 45 4.92 6.45 -4.21
CA HIS A 45 4.67 5.40 -3.21
C HIS A 45 5.98 4.98 -2.55
N VAL A 46 7.08 5.13 -3.27
CA VAL A 46 8.40 4.77 -2.75
C VAL A 46 8.95 5.85 -1.85
N ARG A 47 8.51 7.09 -2.07
CA ARG A 47 8.97 8.22 -1.28
C ARG A 47 8.12 8.40 -0.03
N GLN A 48 6.80 8.53 -0.24
CA GLN A 48 5.87 8.71 0.87
C GLN A 48 6.03 7.60 1.90
N TRP A 49 6.04 6.35 1.42
CA TRP A 49 6.18 5.20 2.30
C TRP A 49 7.43 5.32 3.17
N LEU A 50 8.51 5.79 2.57
CA LEU A 50 9.78 5.95 3.29
C LEU A 50 9.62 6.94 4.44
N GLU A 51 9.35 8.20 4.09
CA GLU A 51 9.18 9.25 5.10
C GLU A 51 8.12 8.84 6.12
N TRP A 52 7.15 8.05 5.69
CA TRP A 52 6.08 7.60 6.57
C TRP A 52 6.60 6.59 7.59
N ALA A 53 7.31 5.58 7.10
CA ALA A 53 7.88 4.55 7.97
C ALA A 53 8.85 5.16 8.98
N ILE A 54 9.75 6.00 8.49
CA ILE A 54 10.74 6.64 9.36
C ILE A 54 10.05 7.43 10.47
N LYS A 55 8.81 7.83 10.23
CA LYS A 55 8.05 8.59 11.22
C LYS A 55 7.32 7.65 12.17
N GLU A 56 6.37 6.89 11.64
CA GLU A 56 5.60 5.95 12.45
C GLU A 56 6.51 5.05 13.26
N TYR A 57 7.27 4.21 12.56
CA TYR A 57 8.20 3.29 13.21
C TYR A 57 9.26 4.04 14.01
N SER A 58 9.53 5.28 13.58
CA SER A 58 10.53 6.10 14.25
C SER A 58 11.92 5.47 14.16
N LEU A 59 12.38 5.26 12.94
CA LEU A 59 13.70 4.67 12.71
C LEU A 59 14.80 5.70 12.89
N MET A 60 16.03 5.31 12.55
CA MET A 60 17.17 6.20 12.66
C MET A 60 18.29 5.79 11.71
N GLU A 61 18.97 6.78 11.13
CA GLU A 61 20.06 6.51 10.20
C GLU A 61 19.57 5.67 9.02
N ILE A 62 19.11 6.34 7.97
CA ILE A 62 18.62 5.66 6.78
C ILE A 62 18.80 6.52 5.53
N ASP A 63 19.21 5.89 4.44
CA ASP A 63 19.42 6.60 3.19
C ASP A 63 18.10 6.99 2.56
N THR A 64 18.00 8.24 2.11
CA THR A 64 16.77 8.74 1.48
C THR A 64 16.96 8.94 -0.01
N SER A 65 18.19 9.21 -0.42
CA SER A 65 18.50 9.43 -1.83
C SER A 65 18.36 8.13 -2.62
N PHE A 66 18.61 7.01 -1.94
CA PHE A 66 18.51 5.69 -2.58
C PHE A 66 17.08 5.43 -3.06
N PHE A 67 16.12 6.05 -2.39
CA PHE A 67 14.71 5.88 -2.74
C PHE A 67 14.15 7.15 -3.38
N GLN A 68 15.00 7.86 -4.10
CA GLN A 68 14.58 9.10 -4.77
C GLN A 68 14.02 8.81 -6.15
N ASN A 69 14.49 7.73 -6.76
CA ASN A 69 14.02 7.34 -8.10
C ASN A 69 14.05 5.83 -8.26
N MET A 70 13.95 5.11 -7.15
CA MET A 70 13.97 3.64 -7.18
C MET A 70 12.63 3.09 -7.66
N ASP A 71 12.69 2.15 -8.59
CA ASP A 71 11.47 1.54 -9.13
C ASP A 71 10.77 0.71 -8.07
N GLY A 72 9.44 0.83 -8.02
CA GLY A 72 8.67 0.08 -7.05
C GLY A 72 8.95 -1.41 -7.10
N LYS A 73 9.24 -1.91 -8.30
CA LYS A 73 9.53 -3.33 -8.48
C LYS A 73 10.88 -3.69 -7.89
N GLU A 74 11.78 -2.71 -7.83
CA GLU A 74 13.12 -2.92 -7.27
C GLU A 74 13.06 -3.08 -5.77
N LEU A 75 12.15 -2.35 -5.13
CA LEU A 75 11.99 -2.40 -3.68
C LEU A 75 11.82 -3.84 -3.21
N CYS A 76 10.77 -4.50 -3.69
CA CYS A 76 10.49 -5.87 -3.31
C CYS A 76 11.61 -6.80 -3.77
N LYS A 77 12.30 -6.39 -4.84
CA LYS A 77 13.39 -7.19 -5.39
C LYS A 77 14.59 -7.20 -4.43
N MET A 78 14.82 -6.08 -3.76
CA MET A 78 15.92 -5.96 -2.82
C MET A 78 15.76 -6.94 -1.66
N ASN A 79 16.83 -7.65 -1.32
CA ASN A 79 16.80 -8.62 -0.23
C ASN A 79 17.39 -8.02 1.04
N LYS A 80 17.58 -8.87 2.04
CA LYS A 80 18.15 -8.44 3.31
C LYS A 80 19.51 -7.78 3.10
N GLU A 81 20.27 -8.28 2.13
CA GLU A 81 21.58 -7.74 1.83
C GLU A 81 21.48 -6.40 1.11
N ASP A 82 20.65 -6.36 0.07
CA ASP A 82 20.46 -5.14 -0.70
C ASP A 82 20.01 -3.99 0.20
N PHE A 83 19.20 -4.33 1.21
CA PHE A 83 18.69 -3.33 2.14
C PHE A 83 19.73 -3.00 3.20
N LEU A 84 20.61 -3.96 3.48
CA LEU A 84 21.66 -3.77 4.47
C LEU A 84 22.62 -2.66 4.05
N ARG A 85 22.78 -2.48 2.74
CA ARG A 85 23.66 -1.47 2.21
C ARG A 85 23.07 -0.07 2.38
N ALA A 86 21.74 -0.01 2.41
CA ALA A 86 21.04 1.26 2.57
C ALA A 86 20.82 1.58 4.05
N THR A 87 20.41 0.58 4.82
CA THR A 87 20.17 0.76 6.24
C THR A 87 20.68 -0.43 7.04
N THR A 88 20.65 -0.30 8.36
CA THR A 88 21.12 -1.36 9.24
C THR A 88 20.18 -2.56 9.21
N LEU A 89 20.58 -3.64 9.87
CA LEU A 89 19.77 -4.85 9.92
C LEU A 89 18.48 -4.62 10.70
N TYR A 90 18.60 -3.90 11.81
CA TYR A 90 17.44 -3.60 12.65
C TYR A 90 16.35 -2.91 11.84
N ASN A 91 16.75 -2.07 10.90
CA ASN A 91 15.81 -1.33 10.07
C ASN A 91 15.38 -2.19 8.87
N THR A 92 16.33 -2.92 8.30
CA THR A 92 16.06 -3.77 7.15
C THR A 92 14.91 -4.74 7.45
N GLU A 93 14.91 -5.30 8.65
CA GLU A 93 13.87 -6.24 9.04
C GLU A 93 12.51 -5.55 9.13
N VAL A 94 12.54 -4.25 9.38
CA VAL A 94 11.31 -3.47 9.49
C VAL A 94 10.77 -3.12 8.10
N LEU A 95 11.67 -2.85 7.17
CA LEU A 95 11.27 -2.51 5.81
C LEU A 95 10.83 -3.75 5.04
N LEU A 96 11.72 -4.73 4.95
CA LEU A 96 11.42 -5.98 4.25
C LEU A 96 10.12 -6.58 4.74
N SER A 97 9.97 -6.66 6.06
CA SER A 97 8.77 -7.23 6.65
C SER A 97 7.51 -6.50 6.15
N HIS A 98 7.55 -5.18 6.19
CA HIS A 98 6.43 -4.37 5.74
C HIS A 98 6.13 -4.64 4.28
N LEU A 99 7.16 -4.62 3.44
CA LEU A 99 7.01 -4.86 2.02
C LEU A 99 6.49 -6.28 1.75
N SER A 100 6.78 -7.18 2.68
CA SER A 100 6.35 -8.57 2.55
C SER A 100 4.93 -8.75 3.07
N TYR A 101 4.54 -7.89 4.00
CA TYR A 101 3.20 -7.95 4.58
C TYR A 101 2.13 -7.82 3.51
N LEU A 102 2.39 -6.96 2.53
CA LEU A 102 1.45 -6.74 1.43
C LEU A 102 1.35 -7.97 0.54
N ARG A 103 2.42 -8.77 0.52
CA ARG A 103 2.44 -9.99 -0.29
C ARG A 103 1.69 -11.13 0.41
N GLU A 104 1.68 -11.09 1.73
CA GLU A 104 1.00 -12.12 2.51
C GLU A 104 -0.44 -12.27 2.07
N SER A 105 -1.05 -11.17 1.65
CA SER A 105 -2.44 -11.18 1.20
C SER A 105 -2.59 -12.04 -0.04
N SER A 106 -1.54 -12.13 -0.84
CA SER A 106 -1.55 -12.91 -2.06
C SER A 106 -1.22 -14.38 -1.78
N LEU A 107 -0.44 -14.61 -0.74
CA LEU A 107 -0.05 -15.96 -0.35
C LEU A 107 -1.27 -16.84 -0.13
N LEU A 108 -2.39 -16.20 0.23
CA LEU A 108 -3.63 -16.93 0.47
C LEU A 108 -4.35 -17.22 -0.85
N ALA A 109 -4.12 -16.38 -1.84
CA ALA A 109 -4.75 -16.54 -3.14
C ALA A 109 -4.14 -17.73 -3.90
N TYR A 110 -2.83 -17.91 -3.75
CA TYR A 110 -2.14 -19.00 -4.42
C TYR A 110 -2.71 -20.35 -3.99
N ASN A 111 -2.08 -21.42 -4.48
CA ASN A 111 -2.53 -22.77 -4.16
C ASN A 111 -3.96 -23.00 -4.63
N THR A 112 -4.09 -23.61 -5.80
CA THR A 112 -5.41 -23.90 -6.37
C THR A 112 -6.24 -24.74 -5.42
N THR A 113 -7.47 -25.05 -5.84
CA THR A 113 -8.38 -25.85 -5.03
C THR A 113 -7.77 -27.21 -4.70
N SER A 114 -7.61 -27.49 -3.41
CA SER A 114 -7.04 -28.75 -2.97
C SER A 114 -7.55 -29.12 -1.58
N HIS A 115 -7.04 -30.23 -1.05
CA HIS A 115 -7.45 -30.70 0.27
C HIS A 115 -6.26 -31.19 1.08
N THR A 116 -6.40 -31.23 2.39
CA THR A 116 -5.34 -31.68 3.28
C THR A 116 -5.72 -32.97 4.00
N ASP A 117 -4.71 -33.71 4.44
CA ASP A 117 -4.95 -34.96 5.15
C ASP A 117 -3.82 -35.23 6.15
N GLN A 118 -4.17 -35.37 7.43
CA GLN A 118 -3.19 -35.62 8.47
C GLN A 118 -3.73 -36.62 9.48
N SER A 119 -2.87 -37.50 9.98
CA SER A 119 -3.26 -38.50 10.96
C SER A 119 -2.08 -38.88 11.85
N SER A 120 -2.38 -39.52 12.98
CA SER A 120 -1.35 -39.94 13.91
C SER A 120 -1.43 -41.45 14.17
N ARG A 121 -0.55 -41.94 15.04
CA ARG A 121 -0.52 -43.36 15.37
C ARG A 121 -1.29 -43.63 16.67
N LEU A 122 -1.17 -44.85 17.17
CA LEU A 122 -1.85 -45.24 18.40
C LEU A 122 -1.03 -46.26 19.18
N SER A 123 -0.14 -45.76 20.04
CA SER A 123 0.70 -46.62 20.85
C SER A 123 0.68 -46.21 22.31
N VAL A 124 1.50 -46.86 23.13
CA VAL A 124 1.56 -46.55 24.55
C VAL A 124 0.22 -46.77 25.24
N LYS A 125 -0.07 -48.03 25.55
CA LYS A 125 -1.32 -48.38 26.21
C LYS A 125 -1.15 -48.46 27.72
N GLU A 126 -1.10 -47.30 28.37
CA GLU A 126 -0.94 -47.22 29.81
C GLU A 126 -2.24 -46.84 30.50
N ASP A 127 -2.23 -46.85 31.82
CA ASP A 127 -3.43 -46.49 32.60
C ASP A 127 -3.03 -45.76 33.88
N PRO A 128 -4.00 -45.05 34.47
CA PRO A 128 -3.79 -44.28 35.70
C PRO A 128 -3.60 -45.19 36.91
#